data_5IFE
#
_entry.id   5IFE
#
_cell.length_a   105.055
_cell.length_b   154.436
_cell.length_c   210.418
_cell.angle_alpha   90.00
_cell.angle_beta   90.00
_cell.angle_gamma   90.00
#
_symmetry.space_group_name_H-M   'P 21 21 21'
#
loop_
_entity.id
_entity.type
_entity.pdbx_description
1 polymer 'Splicing factor 3B subunit 5'
2 polymer 'Splicing factor 3B subunit 1'
3 polymer 'PHD finger-like domain-containing protein 5A'
4 polymer 'Splicing factor 3B subunit 3'
5 non-polymer 'ZINC ION'
6 non-polymer 'POTASSIUM ION'
#
loop_
_entity_poly.entity_id
_entity_poly.type
_entity_poly.pdbx_seq_one_letter_code
_entity_poly.pdbx_strand_id
1 'polypeptide(L)'
;MTDRYTIHSQLEHLQSKYIGTGHADTTKWEWLVNQHRDSYCSYMGHFDLLNYFAIAENESKARVRFNLMEKMLQPCGPPA
DKPEEN
;
B
2 'polypeptide(L)'
;MAKIAKTHEDIEAQIREIQGKKAALDEAQGVGLDSTGYYDQEIYGGSDSRFAGYVTSIAATELEDDDDDYSSSTSLLGQK
KPGYHAPVALLNDIPQSTEQYDPFAEHRPPKIADREDEYKKHRRTMIISPERLDPFADGGKTPDPKMNARTYMDVMREQH
LTKEEREIRQQLAEKAKAGELKVVNGAAASQPPSKRKRRWDQTADQTPGATPKKLSSWDQAETPGHTPSLRWDETPGRAK
GSETPGATPGSKIWDPTPSHTPAGAATPGRGDTPGHATPGHGGATSSARKNRWDETPKTERDTPGHGSGWAETPRTDRGG
DSIGETPTPGASKRKSRWDETPASQMGGSTPVLTPGKTPIGTPAMNMATPTPGHIMSMTPEQLQAWRWEREIDERNRPLS
DEELDAMFPEGYKVLPPPAGYVPIRTPARKLTATPTPLGGMTGFHMQTEDRTMKSVNDQPSGNLPFLKPDDIQYFDKLLV
DVDESTLSPEEQKERKIMKLLLKIKNGTPPMRKAALRQITDKAREFGAGPLFNQILPLLMSPTLEDQERHLLVKVIDRIL
YKLDDLVRPYVHKILVVIEPLLIDEDYYARVEGREIISNLAKAAGLATMISTMRPDIDNMDEYVRNTTARAFAVVASALG
IPSLLPFLKAVCKSKKSWQARHTGIKIVQQIAILMGCAILPHLRSLVEIIEHGLVDEQQKVRTISALAIAALAEAATPYG
IESFDSVLKPLWKGIRQHRGKGLAAFLKAIGYLIPLMDAEYANYYTREVMLILIREFQSPDEEMKKIVLKVVKQCCGTDG
VEANYIKTEILPPFFKHFWQHRMALDRRNYRQLVDTTVELANKVGAAEIISRIVDDLKDEAEQYRKMVMETIEKIMGNLG
AADIDHKLEEQLIDGILYAFQEQTTEDSVMLNGFGTVVNALGKRVKPYLPQICGTVLWRLNNKSAKVRQQAADLISRTAV
VMKTCQEEKLMGHLGVVLYEYLGEEYPEVLGSILGALKAIVNVIGMHKMTPPIKDLLPRLTPILKNRHEKVQENCIDLVG
RIADRGAEYVSAREWMRICFELLELLKAHKKAIRRATVNTFGYIAKAIGPHDVLATLLNNLKVQERQNRVCTTVAIAIVA
ETCSPFTVLPALMNEYRVPELNVQNGVLKSLSFLFEYIGEMGKDYIYAVTPLLEDALMDRDLVHRQTASAVVQHMSLGVY
GFGCEDSLNHLLNYVWPNVFETSPHVIQAVMGALEGLRVAIGPCRMLQYCLQGLFHPARKVRDVYWKIYNSIYIGSQDAL
IAHYPRIYNDDKNTYIRYELDYIL
;
C
3 'polypeptide(L)'
;GPLGSPGSRAMAKHHPDLIFCRKQAGVAIGRLCEKCDGKCVICDSYVRPCTLVRICDECNYGSYQGRCVICGGPGVSDAY
YCKECTIQEKDRDGCPKIVNLGSSKTDLFYERKKYGFKKR
;
D
4 'polypeptide(L)'
;GAEFKGLRVDMFLYNLTLQRATGISFAIHGNFSGTKQQEIVVSRGKILELLRPDPNTGKVHTLLTVEVFGVIRSLMAFRL
TGGTKDYIVVGSDSGRIVILEYQPSKNMFEKIHQETFGKSGCRRIVPGQFLAVDPKGRAVMISAIEKQKLVYILNRDAAA
RLTISSPLEAHKANTLVYHVVGVDVGFENPMFACLEMDYEEADNDPTGEAAANTQQTLTFYELDLGLNHVVRKYSEPLEE
HGNFLITVPGGSDGPSGVLICSENYITYKNFGDQPDIRCPIPRRRNDLDDPERGMIFVCSATHKTKSMFFFLAQTEQGDI
FKITLETDEDMVTEIRLKYFDTVPVAAAMCVLKTGFLFVASEFGNHYLYQIAHLGDDDEEPEFSSAMPLEEGDTFFFQPR
PLKNLVLVDELDSLSPILFCQIADLANEDTPQLYVACGRGPRSSLRVLRHGLEVSEMAVSELPGNPNAVWTVRRHIEDEF
DAYIIVSFVNATLVLSIGETVEEVTDSGFLGTTPTLSCSLLGDDALVQVYPDGIRHIRADKRVNEWKTPGKKTIVKCAVN
QRQVVIALTGGELVYFEMDPSGQLNEYTERKEMSADVVCMSLANVPPGEQRSRFLAVGLVDNTVRIISLDPSDCLQPLSM
QALPAQPESLCIVEMGGTEKQDELGERGSIGFLYLNIGLQNGVLLRTVLDPVTGDLSDTRTRYLGSRPVKLFRVRMQGQE
AVLAMSSRSWLSYSYQSRFHLTPLSYETLEFASGFASEQCPEGIVAISTNTLRILALEKLGAVFNQVAFPLQYTPRKFVI
HPESNNLIIIETDHNAYTEATKAQRKQQMAEEMVEAAGEDERELAAEMAAAFLNENLPESIFGAPKAGNGQWASVIRVMN
PIQGNTLDLVQLEQNEAAFSVAVCRFSNTGEDWYVLVGVAKDLILNPRSVAGGFVYTYKLVNNGEKLEFLHKTPVEEVPA
AIAPFQGRVLIGVGKLLRVYDLGKKKLLRKCENKHIANYISGIQTIGHRVIVSDVQESFIWVRYKRNENQLIIFADDTYP
RWVTTASLLDYDTVAGADKFGNICVVRLPPNTNDEVDEDPTGNKALWDRGLLNGASQKAEVIMNYHVGETVLSLQKTTLI
PGGSESLVYTTLSGGIGILVPFTSHEDHDFFQHVEMHLRSEHPPLCGRDHLSFRSYYFPVKNVIDGDLCEQFNSMEPNKQ
KNVSEELDRTPPEVSKKLEDIRTRYAFDYKDDDDK
;
A
#
# COMPACT_ATOMS: atom_id res chain seq x y z
N GLN A 15 6.37 -31.05 2.75
CA GLN A 15 6.08 -30.85 1.33
C GLN A 15 4.78 -31.51 0.91
N SER A 16 4.50 -32.68 1.51
CA SER A 16 3.35 -33.49 1.09
C SER A 16 2.03 -32.77 1.35
N LYS A 17 1.97 -31.95 2.40
CA LYS A 17 0.72 -31.29 2.78
C LYS A 17 0.51 -29.96 2.08
N TYR A 18 1.41 -29.56 1.18
CA TYR A 18 1.20 -28.37 0.36
C TYR A 18 0.52 -28.79 -0.93
N ILE A 19 -0.70 -28.29 -1.16
CA ILE A 19 -1.46 -28.67 -2.34
C ILE A 19 -0.74 -28.18 -3.59
N GLY A 20 -0.63 -29.05 -4.58
CA GLY A 20 0.13 -28.79 -5.79
C GLY A 20 1.48 -29.47 -5.81
N THR A 21 1.96 -29.96 -4.66
CA THR A 21 3.19 -30.73 -4.60
C THR A 21 3.01 -32.06 -5.33
N GLY A 22 4.11 -32.58 -5.86
CA GLY A 22 4.09 -33.81 -6.61
C GLY A 22 5.05 -34.86 -6.06
N HIS A 23 5.00 -36.03 -6.67
CA HIS A 23 5.83 -37.16 -6.27
C HIS A 23 6.13 -38.00 -7.50
N ALA A 24 6.75 -39.16 -7.28
CA ALA A 24 7.19 -39.99 -8.40
C ALA A 24 6.04 -40.62 -9.16
N ASP A 25 4.93 -40.90 -8.49
CA ASP A 25 3.76 -41.51 -9.12
C ASP A 25 2.68 -40.48 -9.44
N THR A 26 3.08 -39.27 -9.79
CA THR A 26 2.14 -38.22 -10.17
C THR A 26 1.83 -38.33 -11.66
N THR A 27 0.55 -38.45 -11.99
CA THR A 27 0.14 -38.58 -13.39
C THR A 27 0.11 -37.21 -14.06
N LYS A 28 0.13 -37.24 -15.39
CA LYS A 28 0.07 -36.00 -16.17
C LYS A 28 -1.22 -35.24 -15.89
N TRP A 29 -2.32 -35.97 -15.68
CA TRP A 29 -3.59 -35.34 -15.40
C TRP A 29 -3.55 -34.56 -14.09
N GLU A 30 -2.93 -35.14 -13.05
CA GLU A 30 -2.80 -34.44 -11.78
C GLU A 30 -1.93 -33.19 -11.93
N TRP A 31 -0.83 -33.30 -12.66
CA TRP A 31 0.06 -32.15 -12.86
C TRP A 31 -0.67 -31.01 -13.55
N LEU A 32 -1.40 -31.32 -14.64
CA LEU A 32 -2.00 -30.25 -15.43
C LEU A 32 -3.29 -29.72 -14.82
N VAL A 33 -4.01 -30.52 -14.03
CA VAL A 33 -5.11 -29.95 -13.27
C VAL A 33 -4.56 -29.07 -12.15
N ASN A 34 -3.40 -29.43 -11.60
CA ASN A 34 -2.73 -28.57 -10.61
C ASN A 34 -2.40 -27.22 -11.22
N GLN A 35 -1.61 -27.21 -12.30
CA GLN A 35 -1.23 -25.95 -12.90
C GLN A 35 -2.40 -25.21 -13.51
N HIS A 36 -3.48 -25.92 -13.87
CA HIS A 36 -4.67 -25.23 -14.37
C HIS A 36 -5.38 -24.49 -13.25
N ARG A 37 -5.59 -25.15 -12.10
CA ARG A 37 -6.20 -24.45 -10.97
C ARG A 37 -5.32 -23.29 -10.51
N ASP A 38 -4.00 -23.52 -10.44
CA ASP A 38 -3.06 -22.45 -10.13
C ASP A 38 -3.24 -21.27 -11.09
N SER A 39 -3.35 -21.56 -12.39
CA SER A 39 -3.51 -20.51 -13.37
C SER A 39 -4.80 -19.74 -13.15
N TYR A 40 -5.91 -20.44 -12.91
CA TYR A 40 -7.19 -19.77 -12.71
C TYR A 40 -7.14 -18.86 -11.48
N CYS A 41 -6.54 -19.33 -10.39
CA CYS A 41 -6.43 -18.50 -9.20
C CYS A 41 -5.53 -17.29 -9.45
N SER A 42 -4.47 -17.48 -10.26
CA SER A 42 -3.62 -16.35 -10.61
C SER A 42 -4.39 -15.32 -11.42
N TYR A 43 -5.26 -15.78 -12.33
CA TYR A 43 -6.14 -14.86 -13.05
C TYR A 43 -7.04 -14.11 -12.08
N MET A 44 -7.58 -14.82 -11.08
CA MET A 44 -8.39 -14.17 -10.06
C MET A 44 -7.61 -13.09 -9.32
N GLY A 45 -6.30 -13.32 -9.12
CA GLY A 45 -5.49 -12.37 -8.38
C GLY A 45 -5.09 -11.13 -9.16
N HIS A 46 -4.29 -11.32 -10.20
CA HIS A 46 -3.71 -10.19 -10.93
C HIS A 46 -4.80 -9.46 -11.71
N PHE A 47 -4.94 -8.16 -11.43
CA PHE A 47 -6.06 -7.39 -11.96
C PHE A 47 -5.98 -7.28 -13.48
N ASP A 48 -4.84 -6.86 -14.01
CA ASP A 48 -4.72 -6.62 -15.44
C ASP A 48 -4.81 -7.91 -16.26
N LEU A 49 -4.54 -9.07 -15.66
CA LEU A 49 -4.74 -10.33 -16.35
C LEU A 49 -6.22 -10.59 -16.57
N LEU A 50 -7.01 -10.53 -15.49
CA LEU A 50 -8.45 -10.63 -15.60
C LEU A 50 -9.02 -9.55 -16.51
N ASN A 51 -8.35 -8.40 -16.58
CA ASN A 51 -8.79 -7.34 -17.49
C ASN A 51 -8.57 -7.75 -18.94
N TYR A 52 -7.36 -8.21 -19.26
CA TYR A 52 -7.08 -8.70 -20.61
C TYR A 52 -8.07 -9.77 -21.03
N PHE A 53 -8.35 -10.72 -20.13
CA PHE A 53 -9.27 -11.80 -20.48
C PHE A 53 -10.70 -11.29 -20.63
N ALA A 54 -11.13 -10.38 -19.76
CA ALA A 54 -12.46 -9.80 -19.86
C ALA A 54 -12.61 -8.84 -21.03
N ILE A 55 -11.51 -8.43 -21.66
CA ILE A 55 -11.58 -7.60 -22.85
C ILE A 55 -11.57 -8.46 -24.11
N ALA A 56 -10.77 -9.53 -24.12
CA ALA A 56 -10.74 -10.48 -25.23
C ALA A 56 -12.14 -10.98 -25.52
N GLU A 57 -12.73 -11.73 -24.59
CA GLU A 57 -14.13 -12.10 -24.67
C GLU A 57 -14.97 -10.99 -24.02
N ASN A 58 -15.98 -10.53 -24.74
CA ASN A 58 -16.77 -9.38 -24.30
C ASN A 58 -17.70 -9.82 -23.18
N GLU A 59 -17.12 -9.96 -21.99
CA GLU A 59 -17.86 -10.32 -20.79
C GLU A 59 -17.33 -9.49 -19.63
N SER A 60 -18.23 -9.12 -18.72
CA SER A 60 -17.83 -8.32 -17.57
C SER A 60 -16.88 -9.10 -16.67
N LYS A 61 -16.17 -8.37 -15.82
CA LYS A 61 -15.22 -9.01 -14.90
C LYS A 61 -15.91 -10.03 -14.02
N ALA A 62 -17.12 -9.72 -13.55
CA ALA A 62 -17.82 -10.60 -12.61
C ALA A 62 -18.09 -11.96 -13.25
N ARG A 63 -18.62 -11.97 -14.48
CA ARG A 63 -18.95 -13.24 -15.12
C ARG A 63 -17.70 -14.01 -15.51
N VAL A 64 -16.63 -13.30 -15.88
CA VAL A 64 -15.38 -13.99 -16.18
C VAL A 64 -14.84 -14.68 -14.93
N ARG A 65 -14.89 -13.99 -13.79
CA ARG A 65 -14.49 -14.62 -12.53
C ARG A 65 -15.38 -15.82 -12.21
N PHE A 66 -16.68 -15.69 -12.48
CA PHE A 66 -17.60 -16.78 -12.19
C PHE A 66 -17.26 -18.01 -13.01
N ASN A 67 -17.03 -17.83 -14.31
CA ASN A 67 -16.66 -18.97 -15.15
C ASN A 67 -15.31 -19.54 -14.74
N LEU A 68 -14.38 -18.68 -14.33
CA LEU A 68 -13.10 -19.17 -13.83
C LEU A 68 -13.27 -20.01 -12.58
N MET A 69 -14.28 -19.69 -11.75
CA MET A 69 -14.56 -20.52 -10.58
C MET A 69 -15.28 -21.81 -10.95
N GLU A 70 -16.10 -21.78 -12.01
CA GLU A 70 -16.72 -23.02 -12.47
C GLU A 70 -15.70 -23.96 -13.09
N LYS A 71 -14.63 -23.42 -13.69
CA LYS A 71 -13.56 -24.23 -14.26
C LYS A 71 -12.59 -24.75 -13.21
N MET A 72 -12.98 -24.83 -11.93
CA MET A 72 -12.05 -25.25 -10.89
C MET A 72 -12.07 -26.76 -10.67
N LEU A 73 -13.24 -27.38 -10.61
CA LEU A 73 -13.33 -28.84 -10.58
C LEU A 73 -13.52 -29.45 -11.97
N GLN A 74 -13.73 -28.62 -12.99
CA GLN A 74 -13.94 -29.07 -14.36
C GLN A 74 -12.67 -29.18 -15.22
N PRO A 75 -11.56 -28.48 -14.94
CA PRO A 75 -10.53 -28.34 -15.96
C PRO A 75 -9.88 -29.67 -16.28
N CYS A 76 -9.54 -29.85 -17.57
CA CYS A 76 -9.01 -31.08 -18.14
C CYS A 76 -10.02 -32.22 -18.09
N GLY A 77 -11.27 -31.96 -17.72
CA GLY A 77 -12.29 -32.97 -17.67
C GLY A 77 -12.02 -34.03 -16.62
N PRO A 78 -12.77 -35.12 -16.66
CA PRO A 78 -12.58 -36.21 -15.69
C PRO A 78 -11.31 -36.97 -16.01
N PRO A 79 -10.75 -37.67 -15.01
CA PRO A 79 -9.51 -38.43 -15.25
C PRO A 79 -9.76 -39.79 -15.89
N ALA A 80 -8.72 -40.59 -16.02
CA ALA A 80 -8.85 -41.93 -16.58
C ALA A 80 -9.08 -42.97 -15.48
N ASN B 463 4.16 -50.83 24.72
CA ASN B 463 4.84 -50.78 26.00
C ASN B 463 4.51 -49.49 26.75
N LEU B 464 4.57 -49.56 28.09
CA LEU B 464 4.25 -48.42 28.93
C LEU B 464 5.38 -47.40 28.93
N PRO B 465 5.06 -46.11 29.10
CA PRO B 465 6.11 -45.11 29.28
C PRO B 465 6.72 -45.16 30.67
N PHE B 466 7.57 -44.19 31.00
CA PHE B 466 8.20 -44.16 32.31
C PHE B 466 7.22 -43.65 33.35
N LEU B 467 7.24 -44.27 34.52
CA LEU B 467 6.36 -43.92 35.63
C LEU B 467 7.16 -43.21 36.71
N LYS B 468 6.62 -42.10 37.20
CA LYS B 468 7.19 -41.36 38.31
C LYS B 468 6.63 -41.87 39.63
N PRO B 469 7.29 -41.57 40.77
CA PRO B 469 6.77 -42.09 42.04
C PRO B 469 5.36 -41.63 42.37
N ASP B 470 5.03 -40.37 42.07
CA ASP B 470 3.69 -39.88 42.31
C ASP B 470 2.66 -40.42 41.33
N ASP B 471 3.10 -41.13 40.28
CA ASP B 471 2.18 -41.74 39.33
C ASP B 471 1.71 -43.12 39.74
N ILE B 472 2.37 -43.75 40.72
CA ILE B 472 1.96 -45.07 41.18
C ILE B 472 0.54 -45.03 41.74
N GLN B 473 0.23 -43.99 42.52
CA GLN B 473 -1.08 -43.87 43.14
C GLN B 473 -2.21 -43.87 42.11
N TYR B 474 -1.94 -43.37 40.91
CA TYR B 474 -2.98 -43.21 39.89
C TYR B 474 -2.92 -44.27 38.80
N PHE B 475 -1.78 -44.93 38.62
CA PHE B 475 -1.60 -45.89 37.53
C PHE B 475 -0.95 -47.17 38.03
N ASP B 476 -1.27 -47.58 39.26
CA ASP B 476 -0.67 -48.77 39.83
C ASP B 476 -1.13 -50.05 39.11
N LYS B 477 -2.34 -50.04 38.53
CA LYS B 477 -2.94 -51.27 38.03
C LYS B 477 -2.41 -51.69 36.67
N LEU B 478 -1.49 -50.95 36.06
CA LEU B 478 -0.83 -51.39 34.85
C LEU B 478 0.44 -52.18 35.11
N LEU B 479 0.90 -52.22 36.35
CA LEU B 479 2.15 -52.89 36.69
C LEU B 479 2.04 -54.41 36.62
N VAL B 480 0.85 -54.96 36.41
CA VAL B 480 0.63 -56.39 36.36
C VAL B 480 -0.21 -56.73 35.14
N ASP B 481 0.13 -57.84 34.49
CA ASP B 481 -0.61 -58.30 33.32
C ASP B 481 -1.90 -58.98 33.76
N VAL B 482 -3.04 -58.35 33.48
CA VAL B 482 -4.35 -58.90 33.79
C VAL B 482 -5.19 -58.87 32.51
N ASP B 483 -6.25 -59.68 32.49
CA ASP B 483 -7.13 -59.72 31.34
C ASP B 483 -8.49 -60.24 31.78
N GLU B 484 -9.50 -59.98 30.93
CA GLU B 484 -10.87 -60.47 31.08
C GLU B 484 -11.54 -59.96 32.34
N SER B 485 -11.08 -58.82 32.88
CA SER B 485 -11.68 -58.18 34.05
C SER B 485 -11.79 -59.13 35.24
N GLU B 490 -15.29 -55.84 31.67
CA GLU B 490 -16.33 -55.15 32.43
C GLU B 490 -15.97 -53.67 32.51
N GLU B 491 -16.26 -53.02 33.64
CA GLU B 491 -15.79 -51.66 33.87
C GLU B 491 -14.31 -51.62 34.19
N GLN B 492 -13.75 -52.74 34.67
CA GLN B 492 -12.30 -52.85 34.79
C GLN B 492 -11.64 -52.77 33.42
N LYS B 493 -12.29 -53.29 32.37
CA LYS B 493 -11.84 -53.04 31.02
C LYS B 493 -11.83 -51.55 30.71
N GLU B 494 -12.85 -50.82 31.17
CA GLU B 494 -12.90 -49.38 30.99
C GLU B 494 -11.68 -48.72 31.62
N ARG B 495 -11.50 -48.90 32.94
CA ARG B 495 -10.37 -48.25 33.61
C ARG B 495 -9.03 -48.63 32.98
N LYS B 496 -8.84 -49.92 32.72
CA LYS B 496 -7.60 -50.40 32.11
C LYS B 496 -7.33 -49.70 30.79
N ILE B 497 -8.34 -49.63 29.92
CA ILE B 497 -8.17 -48.92 28.65
C ILE B 497 -8.16 -47.41 28.83
N MET B 498 -8.47 -46.93 30.03
CA MET B 498 -8.46 -45.51 30.38
C MET B 498 -7.13 -45.06 30.95
N LYS B 499 -6.23 -46.00 31.26
CA LYS B 499 -4.83 -45.64 31.51
C LYS B 499 -4.19 -45.07 30.24
N LEU B 500 -4.95 -45.06 29.15
CA LEU B 500 -4.72 -44.18 28.01
C LEU B 500 -4.37 -42.78 28.50
N LEU B 501 -5.04 -42.35 29.58
CA LEU B 501 -4.68 -41.11 30.25
C LEU B 501 -3.21 -41.10 30.65
N LEU B 502 -2.73 -42.21 31.23
CA LEU B 502 -1.30 -42.31 31.54
C LEU B 502 -0.47 -42.21 30.27
N LYS B 503 -0.97 -42.75 29.15
CA LYS B 503 -0.21 -42.63 27.91
C LYS B 503 -0.15 -41.17 27.44
N ILE B 504 -1.18 -40.38 27.73
CA ILE B 504 -1.15 -38.97 27.32
C ILE B 504 -0.26 -38.15 28.24
N LYS B 505 -0.40 -38.34 29.56
CA LYS B 505 0.33 -37.52 30.52
C LYS B 505 1.84 -37.71 30.38
N ASN B 506 2.30 -38.94 30.51
CA ASN B 506 3.70 -39.28 30.32
C ASN B 506 3.86 -39.96 28.97
N GLY B 507 4.62 -39.35 28.07
CA GLY B 507 4.86 -39.94 26.78
C GLY B 507 5.42 -38.93 25.80
N THR B 508 5.63 -39.41 24.58
CA THR B 508 6.15 -38.63 23.46
C THR B 508 5.00 -37.93 22.73
N PRO B 509 5.29 -36.89 21.96
CA PRO B 509 4.24 -36.18 21.21
C PRO B 509 3.43 -37.12 20.32
N PRO B 510 4.05 -38.11 19.66
CA PRO B 510 3.22 -39.10 18.94
C PRO B 510 2.27 -39.85 19.85
N MET B 511 2.75 -40.30 21.02
CA MET B 511 1.88 -40.99 21.97
C MET B 511 0.78 -40.06 22.46
N ARG B 512 1.10 -38.80 22.73
CA ARG B 512 0.11 -37.88 23.26
C ARG B 512 -0.95 -37.55 22.22
N LYS B 513 -0.56 -37.43 20.95
CA LYS B 513 -1.53 -37.10 19.91
C LYS B 513 -2.39 -38.31 19.55
N ALA B 514 -1.76 -39.45 19.28
CA ALA B 514 -2.53 -40.65 18.94
C ALA B 514 -3.45 -41.05 20.08
N ALA B 515 -2.92 -41.07 21.31
CA ALA B 515 -3.75 -41.39 22.47
C ALA B 515 -4.85 -40.35 22.65
N LEU B 516 -4.53 -39.08 22.45
CA LEU B 516 -5.54 -38.03 22.56
C LEU B 516 -6.70 -38.27 21.59
N ARG B 517 -6.38 -38.57 20.33
CA ARG B 517 -7.42 -38.86 19.36
C ARG B 517 -8.21 -40.10 19.75
N GLN B 518 -7.53 -41.11 20.30
CA GLN B 518 -8.23 -42.33 20.72
C GLN B 518 -9.21 -42.04 21.85
N ILE B 519 -8.83 -41.17 22.79
CA ILE B 519 -9.72 -40.87 23.91
C ILE B 519 -10.80 -39.87 23.52
N THR B 520 -10.63 -39.13 22.42
CA THR B 520 -11.70 -38.26 21.97
C THR B 520 -12.71 -39.01 21.13
N ASP B 521 -12.26 -39.96 20.30
CA ASP B 521 -13.20 -40.74 19.50
C ASP B 521 -14.10 -41.60 20.37
N LYS B 522 -13.52 -42.26 21.38
CA LYS B 522 -14.28 -43.09 22.31
C LYS B 522 -14.74 -42.32 23.54
N ALA B 523 -14.87 -40.99 23.43
CA ALA B 523 -15.30 -40.20 24.58
C ALA B 523 -16.74 -40.50 24.96
N ARG B 524 -17.63 -40.65 23.97
CA ARG B 524 -19.01 -41.00 24.25
C ARG B 524 -19.12 -42.41 24.80
N GLU B 525 -18.38 -43.36 24.22
CA GLU B 525 -18.47 -44.76 24.64
C GLU B 525 -18.00 -44.94 26.08
N PHE B 526 -17.05 -44.13 26.53
CA PHE B 526 -16.51 -44.29 27.88
C PHE B 526 -17.41 -43.68 28.94
N GLY B 527 -18.16 -42.63 28.61
CA GLY B 527 -19.04 -42.01 29.59
C GLY B 527 -18.30 -40.97 30.42
N ALA B 528 -19.07 -40.00 30.91
CA ALA B 528 -18.48 -38.90 31.69
C ALA B 528 -18.04 -39.36 33.07
N GLY B 529 -18.83 -40.24 33.69
CA GLY B 529 -18.57 -40.72 35.03
C GLY B 529 -17.16 -41.20 35.25
N PRO B 530 -16.80 -42.32 34.63
CA PRO B 530 -15.41 -42.82 34.79
C PRO B 530 -14.37 -41.80 34.34
N LEU B 531 -14.65 -41.07 33.26
CA LEU B 531 -13.72 -40.06 32.75
C LEU B 531 -13.29 -39.11 33.85
N PHE B 532 -14.23 -38.35 34.39
CA PHE B 532 -13.86 -37.39 35.44
C PHE B 532 -13.44 -38.09 36.72
N ASN B 533 -13.96 -39.29 36.98
CA ASN B 533 -13.54 -40.05 38.15
C ASN B 533 -12.05 -40.38 38.12
N GLN B 534 -11.48 -40.48 36.92
CA GLN B 534 -10.04 -40.72 36.81
C GLN B 534 -9.24 -39.46 36.48
N ILE B 535 -9.88 -38.43 35.95
CA ILE B 535 -9.16 -37.20 35.59
C ILE B 535 -8.99 -36.29 36.79
N LEU B 536 -10.07 -36.07 37.55
CA LEU B 536 -10.01 -35.12 38.65
C LEU B 536 -8.95 -35.45 39.70
N PRO B 537 -8.75 -36.70 40.14
CA PRO B 537 -7.64 -36.97 41.07
C PRO B 537 -6.28 -36.60 40.50
N LEU B 538 -6.06 -36.82 39.19
CA LEU B 538 -4.82 -36.38 38.57
C LEU B 538 -4.68 -34.86 38.64
N LEU B 539 -5.74 -34.15 38.26
CA LEU B 539 -5.73 -32.69 38.29
C LEU B 539 -5.63 -32.13 39.71
N MET B 540 -5.85 -32.97 40.73
CA MET B 540 -5.73 -32.55 42.12
C MET B 540 -4.37 -32.90 42.74
N SER B 541 -3.58 -33.74 42.09
CA SER B 541 -2.31 -34.17 42.65
C SER B 541 -1.40 -32.96 42.89
N PRO B 542 -0.87 -32.77 44.10
CA PRO B 542 -0.01 -31.60 44.34
C PRO B 542 1.29 -31.65 43.55
N THR B 543 1.79 -32.83 43.23
CA THR B 543 3.02 -33.01 42.49
C THR B 543 2.85 -32.83 40.98
N LEU B 544 1.68 -32.36 40.54
CA LEU B 544 1.43 -32.23 39.11
C LEU B 544 2.18 -31.04 38.54
N GLU B 545 2.89 -31.28 37.43
CA GLU B 545 3.58 -30.20 36.74
C GLU B 545 2.59 -29.30 36.02
N ASP B 546 3.05 -28.10 35.66
CA ASP B 546 2.19 -27.14 34.99
C ASP B 546 1.85 -27.58 33.57
N GLN B 547 2.84 -28.09 32.83
CA GLN B 547 2.58 -28.54 31.47
C GLN B 547 1.67 -29.78 31.46
N GLU B 548 1.88 -30.69 32.41
CA GLU B 548 0.98 -31.83 32.53
C GLU B 548 -0.45 -31.39 32.84
N ARG B 549 -0.59 -30.37 33.69
CA ARG B 549 -1.92 -29.82 33.98
C ARG B 549 -2.52 -29.20 32.72
N HIS B 550 -1.68 -28.57 31.89
CA HIS B 550 -2.18 -28.00 30.63
C HIS B 550 -2.68 -29.10 29.70
N LEU B 551 -1.92 -30.20 29.59
CA LEU B 551 -2.37 -31.34 28.79
C LEU B 551 -3.70 -31.89 29.32
N LEU B 552 -3.81 -32.01 30.65
CA LEU B 552 -5.07 -32.47 31.24
C LEU B 552 -6.20 -31.52 30.91
N VAL B 553 -5.92 -30.22 30.85
CA VAL B 553 -6.95 -29.26 30.47
C VAL B 553 -7.36 -29.47 29.01
N LYS B 554 -6.40 -29.71 28.13
CA LYS B 554 -6.72 -29.92 26.71
C LYS B 554 -7.58 -31.15 26.53
N VAL B 555 -7.21 -32.27 27.19
CA VAL B 555 -8.03 -33.47 27.04
C VAL B 555 -9.38 -33.29 27.71
N ILE B 556 -9.46 -32.49 28.77
CA ILE B 556 -10.74 -32.20 29.40
C ILE B 556 -11.65 -31.47 28.42
N ASP B 557 -11.11 -30.46 27.72
CA ASP B 557 -11.89 -29.75 26.72
C ASP B 557 -12.34 -30.67 25.61
N ARG B 558 -11.42 -31.51 25.12
CA ARG B 558 -11.72 -32.37 23.97
C ARG B 558 -12.75 -33.44 24.31
N ILE B 559 -12.77 -33.93 25.55
CA ILE B 559 -13.83 -34.88 25.92
C ILE B 559 -15.11 -34.14 26.26
N LEU B 560 -15.02 -32.91 26.76
CA LEU B 560 -16.22 -32.13 27.05
C LEU B 560 -16.98 -31.76 25.78
N TYR B 561 -16.27 -31.58 24.66
CA TYR B 561 -16.95 -31.25 23.42
C TYR B 561 -17.84 -32.41 22.96
N LYS B 562 -17.38 -33.64 23.14
CA LYS B 562 -18.17 -34.79 22.73
C LYS B 562 -19.30 -35.07 23.72
N LEU B 563 -19.00 -35.03 25.02
CA LEU B 563 -20.00 -35.29 26.06
C LEU B 563 -20.87 -34.04 26.23
N ASP B 564 -21.81 -33.87 25.30
CA ASP B 564 -22.65 -32.69 25.31
C ASP B 564 -23.57 -32.67 26.52
N ASP B 565 -24.43 -33.68 26.64
CA ASP B 565 -25.41 -33.73 27.73
C ASP B 565 -24.96 -34.55 28.92
N LEU B 566 -24.03 -35.49 28.72
CA LEU B 566 -23.67 -36.43 29.78
C LEU B 566 -23.01 -35.76 30.97
N VAL B 567 -22.46 -34.55 30.81
CA VAL B 567 -21.72 -33.91 31.90
C VAL B 567 -22.62 -33.19 32.89
N ARG B 568 -23.93 -33.09 32.61
CA ARG B 568 -24.82 -32.38 33.53
C ARG B 568 -24.83 -33.01 34.92
N PRO B 569 -25.11 -34.31 35.09
CA PRO B 569 -25.16 -34.86 36.46
C PRO B 569 -23.83 -34.79 37.19
N TYR B 570 -22.74 -34.43 36.51
CA TYR B 570 -21.43 -34.32 37.14
C TYR B 570 -20.96 -32.87 37.27
N VAL B 571 -21.76 -31.90 36.80
CA VAL B 571 -21.33 -30.50 36.80
C VAL B 571 -20.80 -30.09 38.16
N HIS B 572 -21.60 -30.29 39.21
CA HIS B 572 -21.17 -29.92 40.56
C HIS B 572 -19.86 -30.59 40.92
N LYS B 573 -19.74 -31.89 40.65
CA LYS B 573 -18.53 -32.62 41.02
C LYS B 573 -17.30 -32.03 40.33
N ILE B 574 -17.49 -31.38 39.19
CA ILE B 574 -16.37 -30.70 38.54
C ILE B 574 -16.07 -29.38 39.24
N LEU B 575 -17.10 -28.59 39.52
CA LEU B 575 -16.89 -27.23 40.00
C LEU B 575 -16.16 -27.21 41.34
N VAL B 576 -16.59 -28.06 42.28
CA VAL B 576 -15.96 -28.12 43.59
C VAL B 576 -14.48 -28.45 43.48
N VAL B 577 -14.05 -29.03 42.36
CA VAL B 577 -12.63 -29.32 42.19
C VAL B 577 -11.92 -28.20 41.42
N ILE B 578 -12.62 -27.49 40.56
CA ILE B 578 -11.99 -26.56 39.62
C ILE B 578 -12.03 -25.13 40.14
N GLU B 579 -13.10 -24.73 40.81
CA GLU B 579 -13.28 -23.36 41.29
C GLU B 579 -12.11 -22.84 42.13
N PRO B 580 -11.44 -23.67 42.94
CA PRO B 580 -10.22 -23.17 43.60
C PRO B 580 -9.17 -22.62 42.64
N LEU B 581 -8.99 -23.27 41.48
CA LEU B 581 -8.01 -22.79 40.51
C LEU B 581 -8.26 -21.36 40.06
N LEU B 582 -9.48 -20.85 40.24
CA LEU B 582 -9.79 -19.48 39.85
C LEU B 582 -9.13 -18.45 40.77
N ILE B 583 -8.71 -18.85 41.97
CA ILE B 583 -8.08 -17.93 42.90
C ILE B 583 -6.64 -18.31 43.21
N ASP B 584 -6.07 -19.25 42.45
CA ASP B 584 -4.70 -19.66 42.69
C ASP B 584 -3.74 -18.51 42.39
N GLU B 585 -2.59 -18.53 43.07
CA GLU B 585 -1.59 -17.51 42.83
C GLU B 585 -0.96 -17.64 41.45
N ASP B 586 -0.97 -18.83 40.87
CA ASP B 586 -0.46 -19.02 39.53
C ASP B 586 -1.45 -18.48 38.51
N TYR B 587 -0.98 -17.57 37.65
CA TYR B 587 -1.83 -17.00 36.62
C TYR B 587 -2.26 -18.06 35.60
N TYR B 588 -1.34 -18.91 35.17
CA TYR B 588 -1.67 -19.92 34.18
C TYR B 588 -2.65 -20.94 34.73
N ALA B 589 -2.52 -21.30 36.02
CA ALA B 589 -3.52 -22.17 36.63
C ALA B 589 -4.90 -21.52 36.61
N ARG B 590 -4.96 -20.21 36.87
CA ARG B 590 -6.23 -19.51 36.79
C ARG B 590 -6.82 -19.57 35.40
N VAL B 591 -5.97 -19.40 34.37
CA VAL B 591 -6.51 -19.46 33.01
C VAL B 591 -6.94 -20.88 32.66
N GLU B 592 -6.30 -21.89 33.27
CA GLU B 592 -6.77 -23.26 33.09
C GLU B 592 -8.17 -23.42 33.67
N GLY B 593 -8.36 -23.03 34.93
CA GLY B 593 -9.67 -23.11 35.54
C GLY B 593 -10.74 -22.37 34.76
N ARG B 594 -10.42 -21.16 34.30
CA ARG B 594 -11.37 -20.41 33.47
C ARG B 594 -11.70 -21.17 32.19
N GLU B 595 -10.68 -21.76 31.56
CA GLU B 595 -10.90 -22.48 30.31
C GLU B 595 -11.83 -23.67 30.50
N ILE B 596 -11.52 -24.53 31.47
CA ILE B 596 -12.32 -25.74 31.64
C ILE B 596 -13.70 -25.42 32.21
N ILE B 597 -13.82 -24.33 32.98
CA ILE B 597 -15.16 -23.94 33.42
C ILE B 597 -15.96 -23.40 32.24
N SER B 598 -15.31 -22.73 31.29
CA SER B 598 -16.01 -22.28 30.10
C SER B 598 -16.49 -23.45 29.25
N ASN B 599 -15.59 -24.40 28.97
CA ASN B 599 -15.99 -25.58 28.22
C ASN B 599 -17.07 -26.37 28.95
N LEU B 600 -17.00 -26.41 30.28
CA LEU B 600 -18.07 -27.03 31.06
C LEU B 600 -19.38 -26.28 30.88
N ALA B 601 -19.32 -24.96 30.75
CA ALA B 601 -20.53 -24.17 30.57
C ALA B 601 -21.11 -24.35 29.18
N LYS B 602 -20.29 -24.68 28.19
CA LYS B 602 -20.81 -24.90 26.84
C LYS B 602 -21.27 -26.34 26.63
N ALA B 603 -20.69 -27.31 27.32
CA ALA B 603 -21.16 -28.68 27.25
C ALA B 603 -22.54 -28.77 27.89
N ALA B 604 -22.62 -28.58 29.20
CA ALA B 604 -23.90 -28.50 29.88
C ALA B 604 -24.63 -27.22 29.47
N GLY B 605 -25.91 -27.14 29.85
CA GLY B 605 -26.70 -25.98 29.50
C GLY B 605 -26.47 -24.81 30.43
N LEU B 606 -27.09 -23.68 30.06
CA LEU B 606 -27.07 -22.51 30.92
C LEU B 606 -27.87 -22.76 32.20
N ALA B 607 -29.06 -23.35 32.06
CA ALA B 607 -29.86 -23.68 33.23
C ALA B 607 -29.18 -24.70 34.11
N THR B 608 -28.30 -25.53 33.53
CA THR B 608 -27.54 -26.49 34.33
C THR B 608 -26.55 -25.78 35.24
N MET B 609 -25.79 -24.83 34.67
CA MET B 609 -24.84 -24.07 35.48
C MET B 609 -25.55 -23.21 36.52
N ILE B 610 -26.64 -22.55 36.11
CA ILE B 610 -27.39 -21.71 37.04
C ILE B 610 -27.96 -22.54 38.18
N SER B 611 -28.62 -23.64 37.84
CA SER B 611 -29.22 -24.49 38.87
C SER B 611 -28.16 -25.11 39.77
N THR B 612 -26.99 -25.43 39.22
CA THR B 612 -25.94 -26.03 40.02
C THR B 612 -25.31 -25.01 40.98
N MET B 613 -25.16 -23.77 40.53
CA MET B 613 -24.41 -22.77 41.28
C MET B 613 -25.29 -21.79 42.05
N ARG B 614 -26.62 -21.86 41.90
CA ARG B 614 -27.49 -20.94 42.61
C ARG B 614 -27.45 -21.08 44.14
N PRO B 615 -27.43 -22.28 44.72
CA PRO B 615 -27.47 -22.37 46.20
C PRO B 615 -26.29 -21.69 46.88
N ASP B 616 -25.12 -21.65 46.24
CA ASP B 616 -23.95 -21.03 46.86
C ASP B 616 -23.95 -19.51 46.76
N ILE B 617 -25.02 -18.91 46.25
CA ILE B 617 -25.07 -17.45 46.12
C ILE B 617 -25.17 -16.80 47.49
N ASP B 618 -26.12 -17.25 48.31
CA ASP B 618 -26.34 -16.70 49.64
C ASP B 618 -25.70 -17.53 50.74
N ASN B 619 -24.63 -18.25 50.42
CA ASN B 619 -23.90 -18.99 51.44
C ASN B 619 -23.29 -18.01 52.44
N MET B 620 -23.24 -18.42 53.71
CA MET B 620 -22.80 -17.51 54.76
C MET B 620 -21.31 -17.25 54.68
N ASP B 621 -20.53 -18.20 54.17
CA ASP B 621 -19.10 -18.02 54.03
C ASP B 621 -18.80 -17.10 52.86
N GLU B 622 -17.98 -16.06 53.11
CA GLU B 622 -17.63 -15.12 52.06
C GLU B 622 -16.70 -15.75 51.00
N TYR B 623 -15.96 -16.79 51.38
CA TYR B 623 -15.05 -17.45 50.45
C TYR B 623 -15.82 -18.09 49.30
N VAL B 624 -16.80 -18.93 49.62
CA VAL B 624 -17.56 -19.62 48.57
C VAL B 624 -18.41 -18.64 47.77
N ARG B 625 -18.84 -17.53 48.40
CA ARG B 625 -19.53 -16.49 47.63
C ARG B 625 -18.58 -15.85 46.62
N ASN B 626 -17.34 -15.59 47.04
CA ASN B 626 -16.37 -14.97 46.14
C ASN B 626 -16.07 -15.88 44.96
N THR B 627 -15.67 -17.13 45.23
CA THR B 627 -15.35 -18.04 44.15
C THR B 627 -16.57 -18.36 43.29
N THR B 628 -17.77 -18.33 43.89
CA THR B 628 -18.99 -18.54 43.12
C THR B 628 -19.23 -17.38 42.15
N ALA B 629 -19.04 -16.14 42.63
CA ALA B 629 -19.19 -14.99 41.74
C ALA B 629 -18.17 -15.03 40.61
N ARG B 630 -16.92 -15.37 40.91
CA ARG B 630 -15.91 -15.48 39.86
C ARG B 630 -16.31 -16.54 38.83
N ALA B 631 -16.79 -17.69 39.31
CA ALA B 631 -17.22 -18.74 38.38
C ALA B 631 -18.38 -18.27 37.51
N PHE B 632 -19.32 -17.53 38.09
CA PHE B 632 -20.42 -16.97 37.29
C PHE B 632 -19.90 -15.99 36.25
N ALA B 633 -18.85 -15.23 36.58
CA ALA B 633 -18.24 -14.37 35.57
C ALA B 633 -17.63 -15.20 34.44
N VAL B 634 -17.02 -16.34 34.78
CA VAL B 634 -16.42 -17.19 33.76
C VAL B 634 -17.50 -17.74 32.82
N VAL B 635 -18.58 -18.26 33.40
CA VAL B 635 -19.65 -18.80 32.55
C VAL B 635 -20.33 -17.68 31.77
N ALA B 636 -20.30 -16.44 32.30
CA ALA B 636 -20.79 -15.31 31.54
C ALA B 636 -19.89 -15.02 30.35
N SER B 637 -18.58 -15.21 30.50
CA SER B 637 -17.67 -15.03 29.38
C SER B 637 -17.80 -16.17 28.37
N ALA B 638 -18.24 -17.35 28.82
CA ALA B 638 -18.38 -18.48 27.91
C ALA B 638 -19.68 -18.41 27.11
N LEU B 639 -20.79 -18.09 27.78
CA LEU B 639 -22.11 -18.09 27.16
C LEU B 639 -22.56 -16.72 26.71
N GLY B 640 -21.76 -15.69 26.92
CA GLY B 640 -22.18 -14.35 26.53
C GLY B 640 -22.96 -13.65 27.63
N ILE B 641 -22.89 -12.33 27.61
CA ILE B 641 -23.57 -11.48 28.60
C ILE B 641 -25.09 -11.59 28.49
N PRO B 642 -25.70 -11.50 27.30
CA PRO B 642 -27.17 -11.54 27.26
C PRO B 642 -27.77 -12.84 27.79
N SER B 643 -27.04 -13.95 27.73
CA SER B 643 -27.56 -15.20 28.25
C SER B 643 -27.72 -15.15 29.77
N LEU B 644 -26.86 -14.42 30.46
CA LEU B 644 -26.87 -14.34 31.91
C LEU B 644 -27.44 -13.04 32.44
N LEU B 645 -27.85 -12.12 31.54
CA LEU B 645 -28.48 -10.87 31.97
C LEU B 645 -29.69 -11.06 32.88
N PRO B 646 -30.67 -11.90 32.56
CA PRO B 646 -31.85 -11.98 33.45
C PRO B 646 -31.52 -12.57 34.82
N PHE B 647 -30.60 -13.54 34.87
CA PHE B 647 -30.20 -14.10 36.16
C PHE B 647 -29.64 -13.01 37.07
N LEU B 648 -28.76 -12.16 36.54
CA LEU B 648 -28.22 -11.07 37.33
C LEU B 648 -29.30 -10.04 37.67
N LYS B 649 -30.22 -9.78 36.73
CA LYS B 649 -31.30 -8.83 37.00
C LYS B 649 -32.19 -9.32 38.13
N ALA B 650 -32.27 -10.64 38.32
CA ALA B 650 -33.08 -11.17 39.41
C ALA B 650 -32.30 -11.24 40.71
N VAL B 651 -31.07 -11.76 40.66
CA VAL B 651 -30.28 -11.95 41.88
C VAL B 651 -29.89 -10.61 42.49
N CYS B 652 -29.58 -9.62 41.66
CA CYS B 652 -29.20 -8.31 42.18
C CYS B 652 -30.36 -7.60 42.86
N LYS B 653 -31.60 -8.06 42.65
CA LYS B 653 -32.77 -7.55 43.35
C LYS B 653 -33.38 -8.61 44.27
N SER B 654 -32.61 -9.62 44.66
CA SER B 654 -33.13 -10.68 45.50
C SER B 654 -33.55 -10.14 46.87
N LYS B 655 -34.74 -10.53 47.32
CA LYS B 655 -35.29 -10.08 48.57
C LYS B 655 -35.00 -11.01 49.74
N LYS B 656 -34.40 -12.17 49.48
CA LYS B 656 -34.23 -13.16 50.54
C LYS B 656 -33.12 -12.77 51.51
N SER B 657 -31.99 -12.32 50.99
CA SER B 657 -30.87 -11.92 51.84
C SER B 657 -29.97 -10.97 51.05
N TRP B 658 -29.23 -10.14 51.80
CA TRP B 658 -28.31 -9.19 51.17
C TRP B 658 -27.09 -9.88 50.59
N GLN B 659 -26.73 -11.07 51.09
CA GLN B 659 -25.60 -11.79 50.52
C GLN B 659 -25.84 -12.18 49.07
N ALA B 660 -27.11 -12.38 48.69
CA ALA B 660 -27.42 -12.73 47.31
C ALA B 660 -27.18 -11.54 46.38
N ARG B 661 -27.72 -10.37 46.73
CA ARG B 661 -27.51 -9.19 45.92
C ARG B 661 -26.03 -8.79 45.88
N HIS B 662 -25.36 -8.87 47.04
CA HIS B 662 -23.92 -8.62 47.06
C HIS B 662 -23.18 -9.58 46.16
N THR B 663 -23.59 -10.86 46.13
CA THR B 663 -22.92 -11.84 45.29
C THR B 663 -23.14 -11.56 43.82
N GLY B 664 -24.37 -11.21 43.42
CA GLY B 664 -24.63 -10.90 42.03
C GLY B 664 -23.91 -9.65 41.57
N ILE B 665 -23.84 -8.63 42.43
CA ILE B 665 -23.08 -7.43 42.11
C ILE B 665 -21.60 -7.77 41.95
N LYS B 666 -21.08 -8.64 42.82
CA LYS B 666 -19.72 -9.14 42.62
C LYS B 666 -19.60 -9.86 41.29
N ILE B 667 -20.65 -10.55 40.85
CA ILE B 667 -20.63 -11.18 39.52
C ILE B 667 -20.49 -10.12 38.44
N VAL B 668 -21.15 -8.98 38.63
CA VAL B 668 -21.00 -7.90 37.64
C VAL B 668 -19.59 -7.35 37.64
N GLN B 669 -19.02 -7.12 38.83
CA GLN B 669 -17.65 -6.62 38.90
C GLN B 669 -16.66 -7.59 38.25
N GLN B 670 -16.78 -8.87 38.55
CA GLN B 670 -15.89 -9.86 37.95
C GLN B 670 -16.14 -9.99 36.46
N ILE B 671 -17.36 -9.71 36.00
CA ILE B 671 -17.61 -9.62 34.57
C ILE B 671 -16.86 -8.45 33.97
N ALA B 672 -16.74 -7.35 34.71
CA ALA B 672 -15.94 -6.24 34.24
C ALA B 672 -14.47 -6.63 34.13
N ILE B 673 -13.91 -7.16 35.22
CA ILE B 673 -12.48 -7.50 35.25
C ILE B 673 -12.16 -8.53 34.17
N LEU B 674 -13.00 -9.55 34.01
CA LEU B 674 -12.70 -10.64 33.10
C LEU B 674 -12.99 -10.27 31.66
N MET B 675 -14.18 -9.74 31.40
CA MET B 675 -14.56 -9.41 30.03
C MET B 675 -13.71 -8.28 29.46
N GLY B 676 -13.41 -7.26 30.26
CA GLY B 676 -12.67 -6.13 29.76
C GLY B 676 -13.46 -5.20 28.86
N CYS B 677 -12.88 -4.82 27.72
CA CYS B 677 -13.55 -3.88 26.82
C CYS B 677 -14.67 -4.52 26.02
N ALA B 678 -14.87 -5.83 26.11
CA ALA B 678 -15.97 -6.49 25.42
C ALA B 678 -17.33 -6.23 26.09
N ILE B 679 -17.37 -5.39 27.11
CA ILE B 679 -18.62 -5.08 27.79
C ILE B 679 -19.47 -4.11 26.97
N LEU B 680 -18.80 -3.18 26.27
CA LEU B 680 -19.42 -1.95 25.75
C LEU B 680 -20.82 -2.12 25.19
N PRO B 681 -21.14 -3.13 24.37
CA PRO B 681 -22.54 -3.26 23.91
C PRO B 681 -23.53 -3.52 25.04
N HIS B 682 -23.14 -4.25 26.08
CA HIS B 682 -24.04 -4.60 27.17
C HIS B 682 -23.81 -3.76 28.42
N LEU B 683 -22.98 -2.71 28.31
CA LEU B 683 -22.63 -1.91 29.48
C LEU B 683 -23.87 -1.28 30.11
N ARG B 684 -24.75 -0.70 29.28
CA ARG B 684 -25.97 -0.10 29.82
C ARG B 684 -26.85 -1.14 30.49
N SER B 685 -26.89 -2.35 29.95
CA SER B 685 -27.68 -3.42 30.57
C SER B 685 -27.14 -3.76 31.96
N LEU B 686 -25.82 -3.97 32.07
CA LEU B 686 -25.24 -4.28 33.37
C LEU B 686 -25.42 -3.14 34.35
N VAL B 687 -25.17 -1.90 33.91
CA VAL B 687 -25.29 -0.74 34.78
C VAL B 687 -26.72 -0.58 35.26
N GLU B 688 -27.70 -0.83 34.39
CA GLU B 688 -29.10 -0.74 34.82
C GLU B 688 -29.46 -1.87 35.78
N ILE B 689 -28.89 -3.06 35.57
CA ILE B 689 -29.15 -4.18 36.47
C ILE B 689 -28.57 -3.90 37.86
N ILE B 690 -27.46 -3.16 37.93
CA ILE B 690 -26.71 -3.04 39.17
C ILE B 690 -26.90 -1.70 39.88
N GLU B 691 -27.52 -0.71 39.22
CA GLU B 691 -27.45 0.66 39.73
C GLU B 691 -28.21 0.84 41.04
N HIS B 692 -29.21 0.00 41.31
CA HIS B 692 -30.03 0.18 42.50
C HIS B 692 -29.27 -0.05 43.79
N GLY B 693 -28.14 -0.76 43.74
CA GLY B 693 -27.39 -1.11 44.94
C GLY B 693 -26.78 0.08 45.66
N LEU B 694 -26.75 1.26 45.04
CA LEU B 694 -26.15 2.42 45.66
C LEU B 694 -27.00 3.03 46.77
N VAL B 695 -28.28 2.65 46.87
CA VAL B 695 -29.19 3.20 47.87
C VAL B 695 -29.74 2.14 48.81
N ASP B 696 -29.17 0.94 48.78
CA ASP B 696 -29.61 -0.12 49.67
C ASP B 696 -29.18 0.18 51.10
N GLU B 697 -29.93 -0.37 52.06
CA GLU B 697 -29.64 -0.14 53.47
C GLU B 697 -28.40 -0.89 53.95
N GLN B 698 -27.88 -1.82 53.16
CA GLN B 698 -26.67 -2.56 53.52
C GLN B 698 -25.46 -1.80 52.99
N GLN B 699 -24.52 -1.47 53.87
CA GLN B 699 -23.33 -0.75 53.44
C GLN B 699 -22.46 -1.61 52.53
N LYS B 700 -22.44 -2.92 52.76
CA LYS B 700 -21.57 -3.81 51.98
C LYS B 700 -22.00 -3.84 50.51
N VAL B 701 -23.31 -3.89 50.26
CA VAL B 701 -23.78 -3.95 48.88
C VAL B 701 -23.63 -2.61 48.19
N ARG B 702 -23.69 -1.51 48.95
CA ARG B 702 -23.38 -0.20 48.38
C ARG B 702 -21.91 -0.11 47.99
N THR B 703 -21.02 -0.56 48.87
CA THR B 703 -19.59 -0.54 48.57
C THR B 703 -19.27 -1.39 47.35
N ILE B 704 -19.80 -2.62 47.31
CA ILE B 704 -19.48 -3.50 46.19
C ILE B 704 -20.16 -3.01 44.90
N SER B 705 -21.30 -2.31 45.02
CA SER B 705 -21.93 -1.76 43.82
C SER B 705 -21.11 -0.60 43.27
N ALA B 706 -20.62 0.29 44.14
CA ALA B 706 -19.76 1.37 43.67
C ALA B 706 -18.45 0.83 43.09
N LEU B 707 -17.87 -0.18 43.73
CA LEU B 707 -16.65 -0.79 43.21
C LEU B 707 -16.90 -1.43 41.85
N ALA B 708 -18.05 -2.07 41.68
CA ALA B 708 -18.38 -2.68 40.39
C ALA B 708 -18.62 -1.61 39.33
N ILE B 709 -19.20 -0.47 39.71
CA ILE B 709 -19.31 0.65 38.79
C ILE B 709 -17.92 1.13 38.37
N ALA B 710 -16.99 1.20 39.33
CA ALA B 710 -15.62 1.60 39.01
C ALA B 710 -14.96 0.60 38.06
N ALA B 711 -15.25 -0.69 38.24
CA ALA B 711 -14.68 -1.70 37.36
C ALA B 711 -15.28 -1.61 35.95
N LEU B 712 -16.58 -1.38 35.85
CA LEU B 712 -17.22 -1.20 34.55
C LEU B 712 -16.66 0.02 33.83
N ALA B 713 -16.49 1.12 34.56
CA ALA B 713 -15.92 2.32 33.95
C ALA B 713 -14.47 2.10 33.54
N GLU B 714 -13.72 1.34 34.32
CA GLU B 714 -12.34 1.03 33.96
C GLU B 714 -12.27 0.19 32.70
N ALA B 715 -13.17 -0.78 32.56
CA ALA B 715 -13.15 -1.64 31.38
C ALA B 715 -13.68 -0.92 30.15
N ALA B 716 -14.60 0.02 30.33
CA ALA B 716 -15.21 0.72 29.21
C ALA B 716 -14.38 1.91 28.73
N THR B 717 -13.33 2.28 29.46
CA THR B 717 -12.46 3.40 29.10
C THR B 717 -11.95 3.27 27.66
N PRO B 718 -12.07 4.36 26.87
CA PRO B 718 -12.64 5.65 27.27
C PRO B 718 -14.10 5.87 26.84
N TYR B 719 -14.71 4.84 26.26
CA TYR B 719 -16.06 4.98 25.72
C TYR B 719 -17.11 4.68 26.80
N GLY B 720 -18.38 4.82 26.43
CA GLY B 720 -19.46 4.37 27.28
C GLY B 720 -19.82 5.28 28.44
N ILE B 721 -19.72 6.59 28.26
CA ILE B 721 -20.11 7.50 29.32
C ILE B 721 -21.63 7.59 29.44
N GLU B 722 -22.34 7.34 28.34
CA GLU B 722 -23.80 7.43 28.37
C GLU B 722 -24.42 6.38 29.27
N SER B 723 -23.86 5.17 29.26
CA SER B 723 -24.44 4.05 30.00
C SER B 723 -24.46 4.33 31.51
N PHE B 724 -23.54 5.16 32.00
CA PHE B 724 -23.46 5.49 33.41
C PHE B 724 -24.31 6.70 33.78
N ASP B 725 -25.12 7.22 32.84
CA ASP B 725 -25.91 8.41 33.09
C ASP B 725 -26.74 8.28 34.36
N SER B 726 -27.61 7.26 34.41
CA SER B 726 -28.48 7.03 35.56
C SER B 726 -27.72 6.76 36.86
N VAL B 727 -26.40 6.82 36.84
CA VAL B 727 -25.61 6.61 38.05
C VAL B 727 -24.87 7.87 38.50
N LEU B 728 -24.77 8.88 37.62
CA LEU B 728 -23.95 10.06 37.94
C LEU B 728 -24.52 10.83 39.12
N LYS B 729 -25.83 11.09 39.12
CA LYS B 729 -26.40 11.90 40.20
C LYS B 729 -26.42 11.17 41.54
N PRO B 730 -26.85 9.89 41.64
CA PRO B 730 -26.82 9.22 42.95
C PRO B 730 -25.47 9.27 43.61
N LEU B 731 -24.43 8.80 42.91
CA LEU B 731 -23.06 8.84 43.40
C LEU B 731 -22.74 10.20 44.01
N TRP B 732 -22.90 11.26 43.23
CA TRP B 732 -22.67 12.61 43.71
C TRP B 732 -23.35 12.85 45.05
N LYS B 733 -24.65 12.59 45.12
CA LYS B 733 -25.37 12.79 46.38
C LYS B 733 -24.75 11.96 47.50
N GLY B 734 -24.42 10.70 47.21
CA GLY B 734 -23.77 9.87 48.22
C GLY B 734 -22.48 10.46 48.75
N ILE B 735 -21.75 11.20 47.89
CA ILE B 735 -20.50 11.80 48.32
C ILE B 735 -20.71 12.69 49.53
N ARG B 736 -21.90 13.26 49.69
CA ARG B 736 -22.18 14.16 50.80
C ARG B 736 -22.68 13.44 52.04
N GLN B 737 -23.17 12.20 51.92
CA GLN B 737 -23.78 11.52 53.05
C GLN B 737 -23.14 10.15 53.32
N HIS B 738 -21.89 9.95 52.91
CA HIS B 738 -21.19 8.72 53.18
C HIS B 738 -19.83 9.02 53.78
N ARG B 739 -19.38 8.14 54.68
CA ARG B 739 -18.05 8.21 55.26
C ARG B 739 -17.52 6.80 55.46
N GLY B 740 -16.21 6.70 55.66
CA GLY B 740 -15.57 5.42 55.82
C GLY B 740 -15.11 4.83 54.49
N LYS B 741 -15.14 3.51 54.38
CA LYS B 741 -14.67 2.86 53.15
C LYS B 741 -15.75 2.85 52.06
N GLY B 742 -17.01 3.02 52.41
CA GLY B 742 -18.03 3.22 51.39
C GLY B 742 -17.84 4.53 50.65
N LEU B 743 -17.45 5.59 51.38
CA LEU B 743 -17.04 6.83 50.74
C LEU B 743 -15.84 6.60 49.84
N ALA B 744 -14.94 5.69 50.22
CA ALA B 744 -13.80 5.36 49.37
C ALA B 744 -14.23 4.66 48.10
N ALA B 745 -15.22 3.76 48.19
CA ALA B 745 -15.72 3.08 47.00
C ALA B 745 -16.41 4.07 46.07
N PHE B 746 -17.27 4.93 46.62
CA PHE B 746 -17.93 5.94 45.81
C PHE B 746 -16.91 6.84 45.12
N LEU B 747 -15.92 7.31 45.88
CA LEU B 747 -14.88 8.18 45.32
C LEU B 747 -14.09 7.45 44.24
N LYS B 748 -13.86 6.14 44.42
CA LYS B 748 -13.18 5.37 43.38
C LYS B 748 -14.01 5.32 42.10
N ALA B 749 -15.32 5.07 42.23
CA ALA B 749 -16.18 5.06 41.06
C ALA B 749 -16.17 6.42 40.37
N ILE B 750 -16.16 7.51 41.14
CA ILE B 750 -16.06 8.84 40.54
C ILE B 750 -14.76 8.97 39.78
N GLY B 751 -13.66 8.53 40.38
CA GLY B 751 -12.35 8.67 39.76
C GLY B 751 -12.24 7.90 38.45
N TYR B 752 -12.87 6.73 38.38
CA TYR B 752 -12.87 5.98 37.13
C TYR B 752 -13.94 6.47 36.15
N LEU B 753 -14.91 7.26 36.61
CA LEU B 753 -15.96 7.77 35.73
C LEU B 753 -15.59 9.08 35.06
N ILE B 754 -14.81 9.93 35.74
CA ILE B 754 -14.52 11.26 35.19
C ILE B 754 -13.77 11.21 33.86
N PRO B 755 -12.72 10.39 33.69
CA PRO B 755 -12.03 10.36 32.39
C PRO B 755 -12.90 9.98 31.21
N LEU B 756 -14.09 9.42 31.45
CA LEU B 756 -15.00 9.05 30.37
C LEU B 756 -15.85 10.21 29.87
N MET B 757 -15.85 11.35 30.58
CA MET B 757 -16.76 12.43 30.31
C MET B 757 -16.15 13.45 29.35
N ASP B 758 -17.01 14.34 28.84
CA ASP B 758 -16.57 15.41 27.96
C ASP B 758 -15.88 16.52 28.76
N ALA B 759 -15.43 17.55 28.07
CA ALA B 759 -14.63 18.59 28.71
C ALA B 759 -15.44 19.41 29.71
N GLU B 760 -16.52 20.03 29.23
CA GLU B 760 -17.32 20.89 30.11
C GLU B 760 -17.89 20.11 31.28
N TYR B 761 -18.37 18.88 31.03
CA TYR B 761 -18.95 18.09 32.10
C TYR B 761 -17.88 17.58 33.05
N ALA B 762 -16.64 17.38 32.56
CA ALA B 762 -15.55 17.05 33.46
C ALA B 762 -15.22 18.22 34.37
N ASN B 763 -15.26 19.44 33.84
CA ASN B 763 -15.07 20.62 34.66
C ASN B 763 -16.16 20.71 35.73
N TYR B 764 -17.42 20.56 35.31
CA TYR B 764 -18.55 20.70 36.23
C TYR B 764 -18.50 19.63 37.33
N TYR B 765 -18.31 18.37 36.94
CA TYR B 765 -18.36 17.28 37.90
C TYR B 765 -17.13 17.29 38.81
N THR B 766 -15.94 17.49 38.23
CA THR B 766 -14.72 17.55 39.02
C THR B 766 -14.80 18.69 40.04
N ARG B 767 -15.31 19.85 39.62
CA ARG B 767 -15.57 20.92 40.57
C ARG B 767 -16.64 20.50 41.58
N GLU B 768 -17.52 19.59 41.20
CA GLU B 768 -18.62 19.17 42.08
C GLU B 768 -18.17 18.18 43.15
N VAL B 769 -17.04 17.49 42.95
CA VAL B 769 -16.53 16.55 43.95
C VAL B 769 -15.23 17.02 44.60
N MET B 770 -14.61 18.09 44.08
CA MET B 770 -13.30 18.49 44.56
C MET B 770 -13.33 18.92 46.03
N LEU B 771 -14.48 19.39 46.51
CA LEU B 771 -14.57 19.79 47.91
C LEU B 771 -14.33 18.61 48.84
N ILE B 772 -15.14 17.55 48.67
CA ILE B 772 -14.98 16.35 49.50
C ILE B 772 -13.63 15.70 49.24
N LEU B 773 -13.13 15.76 48.00
CA LEU B 773 -11.81 15.22 47.71
C LEU B 773 -10.74 15.91 48.55
N ILE B 774 -10.70 17.25 48.50
CA ILE B 774 -9.75 18.01 49.31
C ILE B 774 -9.93 17.70 50.79
N ARG B 775 -11.18 17.53 51.24
CA ARG B 775 -11.42 17.18 52.63
C ARG B 775 -10.76 15.85 52.98
N GLU B 776 -10.84 14.89 52.07
CA GLU B 776 -10.28 13.56 52.29
C GLU B 776 -8.81 13.46 51.92
N PHE B 777 -8.18 14.58 51.53
CA PHE B 777 -6.72 14.59 51.39
C PHE B 777 -6.02 14.25 52.70
N GLN B 778 -6.64 14.58 53.84
CA GLN B 778 -6.04 14.38 55.15
C GLN B 778 -6.73 13.27 55.94
N SER B 779 -7.18 12.22 55.26
CA SER B 779 -7.89 11.14 55.93
C SER B 779 -6.90 10.24 56.68
N PRO B 780 -7.29 9.71 57.84
CA PRO B 780 -6.37 8.83 58.57
C PRO B 780 -6.16 7.49 57.90
N ASP B 781 -7.13 7.01 57.11
CA ASP B 781 -6.99 5.71 56.45
C ASP B 781 -5.97 5.80 55.33
N GLU B 782 -5.30 4.67 55.08
CA GLU B 782 -4.33 4.61 53.99
C GLU B 782 -5.01 4.32 52.66
N GLU B 783 -5.91 3.32 52.64
CA GLU B 783 -6.70 3.04 51.44
C GLU B 783 -7.43 4.29 50.96
N MET B 784 -7.86 5.14 51.89
CA MET B 784 -8.52 6.39 51.50
C MET B 784 -7.55 7.32 50.78
N LYS B 785 -6.36 7.52 51.36
CA LYS B 785 -5.38 8.39 50.72
C LYS B 785 -5.00 7.90 49.34
N LYS B 786 -4.90 6.58 49.17
CA LYS B 786 -4.50 6.04 47.88
C LYS B 786 -5.64 6.13 46.86
N ILE B 787 -6.87 5.88 47.30
CA ILE B 787 -8.03 6.03 46.41
C ILE B 787 -8.12 7.48 45.94
N VAL B 788 -8.06 8.43 46.87
CA VAL B 788 -8.20 9.83 46.48
C VAL B 788 -7.00 10.30 45.68
N LEU B 789 -5.83 9.67 45.87
CA LEU B 789 -4.67 10.04 45.06
C LEU B 789 -4.85 9.58 43.62
N LYS B 790 -5.29 8.33 43.42
CA LYS B 790 -5.63 7.86 42.09
C LYS B 790 -6.72 8.72 41.46
N VAL B 791 -7.68 9.18 42.28
CA VAL B 791 -8.74 10.04 41.76
C VAL B 791 -8.17 11.39 41.33
N VAL B 792 -7.18 11.90 42.06
CA VAL B 792 -6.54 13.15 41.66
C VAL B 792 -5.83 12.99 40.33
N LYS B 793 -5.06 11.89 40.18
CA LYS B 793 -4.40 11.64 38.91
C LYS B 793 -5.40 11.53 37.76
N GLN B 794 -6.50 10.81 37.98
CA GLN B 794 -7.49 10.63 36.93
C GLN B 794 -8.18 11.94 36.58
N CYS B 795 -8.47 12.77 37.57
CA CYS B 795 -9.09 14.07 37.31
C CYS B 795 -8.17 14.96 36.51
N CYS B 796 -6.92 15.11 36.97
CA CYS B 796 -5.97 15.97 36.29
C CYS B 796 -5.38 15.33 35.03
N GLY B 797 -5.83 14.14 34.67
CA GLY B 797 -5.47 13.56 33.38
C GLY B 797 -6.49 13.88 32.31
N THR B 798 -7.71 14.22 32.72
CA THR B 798 -8.79 14.52 31.79
C THR B 798 -8.59 15.90 31.17
N ASP B 799 -9.02 16.03 29.91
CA ASP B 799 -8.82 17.27 29.18
C ASP B 799 -9.72 18.40 29.66
N GLY B 800 -10.83 18.08 30.31
CA GLY B 800 -11.75 19.12 30.74
C GLY B 800 -11.26 19.94 31.91
N VAL B 801 -10.47 19.33 32.79
CA VAL B 801 -9.95 20.00 33.99
C VAL B 801 -8.77 20.87 33.54
N GLU B 802 -9.00 22.17 33.43
CA GLU B 802 -7.96 23.09 32.99
C GLU B 802 -6.84 23.17 34.02
N ALA B 803 -5.66 23.59 33.55
CA ALA B 803 -4.48 23.63 34.41
C ALA B 803 -4.57 24.75 35.44
N ASN B 804 -5.23 25.86 35.11
CA ASN B 804 -5.36 26.94 36.07
C ASN B 804 -6.16 26.50 37.29
N TYR B 805 -7.25 25.76 37.06
CA TYR B 805 -8.06 25.27 38.17
C TYR B 805 -7.26 24.35 39.08
N ILE B 806 -6.46 23.46 38.49
CA ILE B 806 -5.60 22.58 39.28
C ILE B 806 -4.58 23.41 40.06
N LYS B 807 -4.06 24.46 39.44
CA LYS B 807 -3.07 25.31 40.10
C LYS B 807 -3.67 26.10 41.24
N THR B 808 -4.97 26.38 41.19
CA THR B 808 -5.61 27.20 42.20
C THR B 808 -6.20 26.38 43.35
N GLU B 809 -6.90 25.29 43.05
CA GLU B 809 -7.69 24.60 44.06
C GLU B 809 -7.17 23.22 44.44
N ILE B 810 -6.25 22.64 43.67
CA ILE B 810 -5.80 21.27 43.87
C ILE B 810 -4.39 21.23 44.45
N LEU B 811 -3.47 22.02 43.88
CA LEU B 811 -2.06 21.90 44.25
C LEU B 811 -1.75 22.26 45.71
N PRO B 812 -2.29 23.35 46.29
CA PRO B 812 -1.89 23.70 47.67
C PRO B 812 -2.23 22.60 48.67
N PRO B 813 -3.46 22.07 48.70
CA PRO B 813 -3.72 20.97 49.65
C PRO B 813 -2.98 19.69 49.27
N PHE B 814 -2.77 19.45 47.98
CA PHE B 814 -2.02 18.28 47.54
C PHE B 814 -0.62 18.27 48.14
N PHE B 815 0.15 19.33 47.88
CA PHE B 815 1.51 19.38 48.39
C PHE B 815 1.57 19.66 49.89
N LYS B 816 0.48 20.17 50.47
CA LYS B 816 0.46 20.36 51.92
C LYS B 816 0.29 19.04 52.65
N HIS B 817 -0.63 18.20 52.19
CA HIS B 817 -0.99 16.99 52.93
C HIS B 817 -0.35 15.71 52.39
N PHE B 818 -0.08 15.63 51.08
CA PHE B 818 0.42 14.39 50.50
C PHE B 818 1.94 14.30 50.47
N TRP B 819 2.65 15.43 50.48
CA TRP B 819 4.11 15.42 50.44
C TRP B 819 4.65 15.59 51.86
N GLN B 820 4.70 14.47 52.58
CA GLN B 820 5.21 14.40 53.93
C GLN B 820 6.36 13.39 53.99
N HIS B 821 7.12 13.44 55.08
CA HIS B 821 8.24 12.52 55.25
C HIS B 821 7.77 11.09 55.45
N ARG B 822 6.62 10.90 56.09
CA ARG B 822 6.09 9.56 56.31
C ARG B 822 5.61 8.89 55.04
N MET B 823 5.46 9.64 53.94
CA MET B 823 5.07 9.06 52.67
C MET B 823 6.23 8.43 51.92
N ALA B 824 7.47 8.85 52.23
CA ALA B 824 8.64 8.27 51.58
C ALA B 824 9.02 6.92 52.13
N LEU B 825 8.49 6.54 53.30
CA LEU B 825 8.85 5.27 53.91
C LEU B 825 8.09 4.11 53.27
N ASP B 826 6.79 4.28 53.04
CA ASP B 826 6.00 3.24 52.37
C ASP B 826 6.33 3.20 50.89
N ARG B 827 6.50 1.99 50.36
CA ARG B 827 6.83 1.84 48.95
C ARG B 827 5.62 2.14 48.06
N ARG B 828 4.44 1.70 48.49
CA ARG B 828 3.23 1.96 47.70
C ARG B 828 2.91 3.45 47.66
N ASN B 829 3.02 4.13 48.80
CA ASN B 829 2.86 5.58 48.83
C ASN B 829 3.93 6.26 47.99
N TYR B 830 5.15 5.72 48.00
CA TYR B 830 6.24 6.28 47.20
C TYR B 830 5.89 6.24 45.72
N ARG B 831 5.56 5.07 45.20
CA ARG B 831 5.25 4.93 43.78
C ARG B 831 4.02 5.74 43.41
N GLN B 832 2.95 5.62 44.20
CA GLN B 832 1.71 6.32 43.90
C GLN B 832 1.92 7.83 43.86
N LEU B 833 2.62 8.37 44.85
CA LEU B 833 2.83 9.82 44.92
C LEU B 833 3.75 10.31 43.81
N VAL B 834 4.81 9.55 43.51
CA VAL B 834 5.72 9.97 42.44
C VAL B 834 5.00 10.00 41.10
N ASP B 835 4.36 8.88 40.73
CA ASP B 835 3.69 8.82 39.44
C ASP B 835 2.57 9.84 39.33
N THR B 836 1.76 9.96 40.38
CA THR B 836 0.68 10.96 40.37
C THR B 836 1.23 12.36 40.22
N THR B 837 2.35 12.66 40.90
CA THR B 837 2.93 14.00 40.82
C THR B 837 3.45 14.30 39.42
N VAL B 838 4.15 13.34 38.80
CA VAL B 838 4.64 13.56 37.44
C VAL B 838 3.48 13.76 36.48
N GLU B 839 2.40 12.97 36.64
CA GLU B 839 1.22 13.17 35.80
C GLU B 839 0.61 14.55 36.00
N LEU B 840 0.66 15.07 37.24
CA LEU B 840 0.25 16.46 37.46
C LEU B 840 1.13 17.41 36.66
N ALA B 841 2.45 17.17 36.66
CA ALA B 841 3.36 18.03 35.92
C ALA B 841 3.11 17.97 34.42
N ASN B 842 2.56 16.86 33.92
CA ASN B 842 2.29 16.76 32.49
C ASN B 842 1.25 17.77 32.03
N LYS B 843 0.37 18.22 32.92
CA LYS B 843 -0.69 19.14 32.55
C LYS B 843 -0.50 20.55 33.12
N VAL B 844 -0.10 20.68 34.38
CA VAL B 844 0.03 22.00 34.99
C VAL B 844 1.40 22.62 34.73
N GLY B 845 2.29 21.93 34.05
CA GLY B 845 3.60 22.47 33.74
C GLY B 845 4.69 21.82 34.59
N ALA B 846 5.93 21.97 34.12
CA ALA B 846 7.06 21.38 34.81
C ALA B 846 7.48 22.21 36.01
N ALA B 847 7.72 23.50 35.80
CA ALA B 847 8.26 24.35 36.86
C ALA B 847 7.29 24.45 38.04
N GLU B 848 5.98 24.50 37.75
CA GLU B 848 5.00 24.66 38.82
C GLU B 848 5.03 23.50 39.80
N ILE B 849 5.44 22.31 39.35
CA ILE B 849 5.55 21.17 40.24
C ILE B 849 6.96 21.05 40.81
N ILE B 850 7.99 21.25 39.98
CA ILE B 850 9.36 21.06 40.44
C ILE B 850 9.71 22.07 41.53
N SER B 851 9.30 23.33 41.35
CA SER B 851 9.67 24.37 42.30
C SER B 851 9.18 24.04 43.71
N ARG B 852 8.01 23.41 43.82
CA ARG B 852 7.46 23.09 45.13
C ARG B 852 8.23 22.00 45.86
N ILE B 853 9.13 21.28 45.17
CA ILE B 853 9.83 20.16 45.80
C ILE B 853 11.33 20.27 45.62
N VAL B 854 11.80 21.38 45.04
CA VAL B 854 13.24 21.56 44.88
C VAL B 854 13.92 21.73 46.24
N ASP B 855 13.37 22.61 47.08
CA ASP B 855 13.95 22.84 48.40
C ASP B 855 14.03 21.57 49.23
N ASP B 856 13.20 20.58 48.94
CA ASP B 856 13.25 19.31 49.64
C ASP B 856 14.39 18.42 49.18
N LEU B 857 15.11 18.79 48.12
CA LEU B 857 16.32 18.09 47.74
C LEU B 857 17.45 18.29 48.73
N LYS B 858 17.29 19.22 49.67
CA LYS B 858 18.29 19.49 50.70
C LYS B 858 17.89 18.92 52.06
N ASP B 859 16.94 17.99 52.08
CA ASP B 859 16.46 17.42 53.33
C ASP B 859 17.52 16.49 53.92
N GLU B 860 17.50 16.36 55.25
CA GLU B 860 18.40 15.43 55.91
C GLU B 860 18.00 13.99 55.69
N ALA B 861 16.69 13.72 55.62
CA ALA B 861 16.21 12.38 55.33
C ALA B 861 16.57 12.01 53.89
N GLU B 862 17.38 10.96 53.73
CA GLU B 862 17.85 10.60 52.39
C GLU B 862 16.71 10.07 51.52
N GLN B 863 15.78 9.32 52.11
CA GLN B 863 14.70 8.74 51.33
C GLN B 863 13.82 9.81 50.71
N TYR B 864 13.60 10.92 51.43
CA TYR B 864 12.84 12.03 50.88
C TYR B 864 13.56 12.66 49.69
N ARG B 865 14.88 12.84 49.81
CA ARG B 865 15.68 13.30 48.69
C ARG B 865 15.59 12.33 47.50
N LYS B 866 15.46 11.03 47.79
CA LYS B 866 15.28 10.06 46.71
C LYS B 866 13.93 10.24 46.03
N MET B 867 12.88 10.52 46.81
CA MET B 867 11.55 10.68 46.23
C MET B 867 11.48 11.95 45.38
N VAL B 868 11.90 13.09 45.93
CA VAL B 868 11.86 14.32 45.16
C VAL B 868 12.82 14.25 43.98
N MET B 869 13.94 13.54 44.14
CA MET B 869 14.88 13.40 43.04
C MET B 869 14.28 12.60 41.90
N GLU B 870 13.64 11.46 42.20
CA GLU B 870 13.00 10.68 41.16
C GLU B 870 11.86 11.45 40.50
N THR B 871 11.07 12.17 41.30
CA THR B 871 9.98 12.97 40.74
C THR B 871 10.51 13.99 39.75
N ILE B 872 11.52 14.78 40.17
CA ILE B 872 12.08 15.79 39.29
C ILE B 872 12.71 15.16 38.06
N GLU B 873 13.31 13.98 38.23
CA GLU B 873 13.95 13.32 37.09
C GLU B 873 12.93 12.90 36.05
N LYS B 874 11.80 12.33 36.49
CA LYS B 874 10.77 11.95 35.53
C LYS B 874 10.13 13.17 34.89
N ILE B 875 9.85 14.21 35.69
CA ILE B 875 9.21 15.41 35.15
C ILE B 875 10.09 16.05 34.08
N MET B 876 11.35 16.33 34.42
CA MET B 876 12.24 16.95 33.44
C MET B 876 12.55 16.02 32.28
N GLY B 877 12.53 14.70 32.52
CA GLY B 877 12.70 13.76 31.43
C GLY B 877 11.54 13.79 30.45
N ASN B 878 10.34 14.11 30.92
CA ASN B 878 9.17 14.17 30.05
C ASN B 878 9.02 15.52 29.36
N LEU B 879 9.11 16.62 30.12
CA LEU B 879 8.80 17.94 29.61
C LEU B 879 10.02 18.74 29.18
N GLY B 880 11.15 18.55 29.83
CA GLY B 880 12.36 19.30 29.50
C GLY B 880 12.67 20.38 30.50
N ALA B 881 13.42 21.39 30.02
CA ALA B 881 13.87 22.48 30.87
C ALA B 881 13.46 23.85 30.37
N ALA B 882 12.72 23.94 29.26
CA ALA B 882 12.32 25.24 28.74
C ALA B 882 11.35 25.97 29.66
N ASP B 883 10.67 25.25 30.54
CA ASP B 883 9.72 25.85 31.47
C ASP B 883 10.39 26.40 32.74
N ILE B 884 11.71 26.24 32.87
CA ILE B 884 12.43 26.57 34.10
C ILE B 884 13.15 27.88 33.91
N ASP B 885 12.99 28.80 34.86
CA ASP B 885 13.67 30.09 34.84
C ASP B 885 15.04 29.97 35.50
N HIS B 886 15.70 31.10 35.73
CA HIS B 886 17.07 31.07 36.23
C HIS B 886 17.10 30.71 37.72
N LYS B 887 16.18 31.26 38.50
CA LYS B 887 16.14 30.97 39.94
C LYS B 887 15.93 29.48 40.18
N LEU B 888 14.91 28.90 39.53
CA LEU B 888 14.67 27.47 39.68
C LEU B 888 15.82 26.66 39.12
N GLU B 889 16.56 27.19 38.14
CA GLU B 889 17.72 26.50 37.61
C GLU B 889 18.83 26.41 38.64
N GLU B 890 19.13 27.53 39.30
CA GLU B 890 20.15 27.51 40.34
C GLU B 890 19.71 26.67 41.53
N GLN B 891 18.42 26.73 41.89
CA GLN B 891 17.90 25.85 42.92
C GLN B 891 18.08 24.38 42.52
N LEU B 892 17.93 24.08 41.23
CA LEU B 892 18.16 22.73 40.76
C LEU B 892 19.62 22.32 40.92
N ILE B 893 20.54 23.12 40.41
CA ILE B 893 21.96 22.78 40.52
C ILE B 893 22.35 22.60 41.98
N ASP B 894 21.89 23.48 42.86
CA ASP B 894 22.21 23.38 44.27
C ASP B 894 21.64 22.10 44.88
N GLY B 895 20.33 21.87 44.71
CA GLY B 895 19.71 20.71 45.31
C GLY B 895 20.24 19.39 44.78
N ILE B 896 20.61 19.34 43.51
CA ILE B 896 21.12 18.11 42.93
C ILE B 896 22.57 17.87 43.36
N LEU B 897 23.36 18.94 43.46
CA LEU B 897 24.73 18.79 43.98
C LEU B 897 24.70 18.31 45.43
N TYR B 898 23.93 18.99 46.27
CA TYR B 898 23.87 18.63 47.69
C TYR B 898 23.29 17.24 47.88
N ALA B 899 22.22 16.93 47.15
CA ALA B 899 21.61 15.60 47.28
C ALA B 899 22.51 14.51 46.72
N PHE B 900 23.39 14.85 45.77
CA PHE B 900 24.29 13.85 45.22
C PHE B 900 25.54 13.66 46.07
N GLN B 901 25.94 14.68 46.84
CA GLN B 901 27.17 14.58 47.61
C GLN B 901 27.00 13.65 48.81
N GLU B 902 26.00 13.91 49.65
CA GLU B 902 25.78 13.12 50.86
C GLU B 902 24.95 11.89 50.52
N GLN B 903 25.63 10.83 50.06
CA GLN B 903 24.99 9.58 49.69
C GLN B 903 25.40 8.49 50.66
N THR B 904 24.40 7.85 51.29
CA THR B 904 24.70 6.73 52.17
C THR B 904 25.09 5.49 51.36
N THR B 905 24.56 5.35 50.15
CA THR B 905 24.92 4.26 49.25
C THR B 905 25.01 4.81 47.83
N GLU B 906 25.10 3.91 46.85
CA GLU B 906 25.12 4.30 45.44
C GLU B 906 23.69 4.24 44.92
N ASP B 907 22.99 5.38 45.04
CA ASP B 907 21.61 5.49 44.57
C ASP B 907 21.61 5.72 43.07
N SER B 908 21.09 4.75 42.31
CA SER B 908 20.94 4.95 40.87
C SER B 908 19.94 6.05 40.56
N VAL B 909 19.00 6.33 41.47
CA VAL B 909 18.03 7.40 41.26
C VAL B 909 18.74 8.75 41.21
N MET B 910 19.75 8.95 42.07
CA MET B 910 20.50 10.19 42.04
C MET B 910 21.35 10.31 40.79
N LEU B 911 21.83 9.19 40.27
CA LEU B 911 22.59 9.21 39.02
C LEU B 911 21.68 9.60 37.86
N ASN B 912 20.54 8.92 37.72
CA ASN B 912 19.60 9.24 36.65
C ASN B 912 19.10 10.67 36.77
N GLY B 913 18.89 11.15 38.00
CA GLY B 913 18.44 12.51 38.18
C GLY B 913 19.50 13.54 37.83
N PHE B 914 20.74 13.30 38.28
CA PHE B 914 21.84 14.21 37.96
C PHE B 914 22.04 14.30 36.45
N GLY B 915 22.30 13.16 35.80
CA GLY B 915 22.51 13.17 34.37
C GLY B 915 21.32 13.66 33.59
N THR B 916 20.10 13.36 34.08
CA THR B 916 18.90 13.78 33.36
C THR B 916 18.70 15.29 33.44
N VAL B 917 18.93 15.88 34.61
CA VAL B 917 18.81 17.33 34.75
C VAL B 917 19.90 18.02 33.95
N VAL B 918 21.12 17.47 33.98
CA VAL B 918 22.22 18.07 33.23
C VAL B 918 21.93 18.04 31.73
N ASN B 919 21.61 16.86 31.20
CA ASN B 919 21.29 16.76 29.77
C ASN B 919 20.08 17.60 29.40
N ALA B 920 19.12 17.74 30.32
CA ALA B 920 17.94 18.56 30.04
C ALA B 920 18.31 20.02 29.94
N LEU B 921 19.14 20.53 30.86
CA LEU B 921 19.59 21.91 30.77
C LEU B 921 20.45 22.15 29.54
N GLY B 922 21.23 21.15 29.14
CA GLY B 922 22.03 21.28 27.93
C GLY B 922 23.13 22.31 28.10
N LYS B 923 23.19 23.27 27.17
CA LYS B 923 24.21 24.31 27.22
C LYS B 923 24.00 25.27 28.39
N ARG B 924 22.86 25.21 29.07
CA ARG B 924 22.62 26.09 30.21
C ARG B 924 23.44 25.69 31.43
N VAL B 925 24.01 24.48 31.44
CA VAL B 925 24.78 24.00 32.57
C VAL B 925 26.24 24.44 32.52
N LYS B 926 26.63 25.20 31.49
CA LYS B 926 28.02 25.63 31.37
C LYS B 926 28.53 26.42 32.58
N PRO B 927 27.79 27.38 33.14
CA PRO B 927 28.34 28.11 34.30
C PRO B 927 28.62 27.24 35.50
N TYR B 928 28.05 26.03 35.58
CA TYR B 928 28.21 25.17 36.73
C TYR B 928 29.22 24.05 36.52
N LEU B 929 29.70 23.86 35.28
CA LEU B 929 30.59 22.74 35.00
C LEU B 929 31.86 22.70 35.86
N PRO B 930 32.48 23.81 36.26
CA PRO B 930 33.62 23.68 37.20
C PRO B 930 33.23 23.03 38.52
N GLN B 931 32.12 23.46 39.12
CA GLN B 931 31.67 22.87 40.37
C GLN B 931 31.23 21.43 40.18
N ILE B 932 30.52 21.14 39.09
CA ILE B 932 30.09 19.78 38.80
C ILE B 932 31.29 18.86 38.68
N CYS B 933 32.24 19.21 37.81
CA CYS B 933 33.42 18.37 37.63
C CYS B 933 34.26 18.30 38.91
N GLY B 934 34.22 19.33 39.74
CA GLY B 934 34.89 19.24 41.03
C GLY B 934 34.27 18.16 41.90
N THR B 935 32.94 18.15 42.00
CA THR B 935 32.26 17.11 42.77
C THR B 935 32.50 15.74 42.16
N VAL B 936 32.57 15.66 40.83
CA VAL B 936 32.77 14.38 40.16
C VAL B 936 34.19 13.87 40.39
N LEU B 937 35.17 14.77 40.53
CA LEU B 937 36.52 14.33 40.85
C LEU B 937 36.63 13.91 42.30
N TRP B 938 36.03 14.70 43.21
CA TRP B 938 36.05 14.33 44.63
C TRP B 938 35.41 12.96 44.84
N ARG B 939 34.19 12.78 44.35
CA ARG B 939 33.55 11.47 44.42
C ARG B 939 34.31 10.42 43.60
N LEU B 940 35.06 10.85 42.59
CA LEU B 940 35.82 9.93 41.76
C LEU B 940 37.06 9.41 42.48
N ASN B 941 37.52 10.10 43.52
CA ASN B 941 38.64 9.61 44.33
C ASN B 941 38.20 9.23 45.74
N ASN B 942 36.90 9.15 46.00
CA ASN B 942 36.39 8.96 47.35
C ASN B 942 35.76 7.59 47.50
N LYS B 943 35.49 7.23 48.77
CA LYS B 943 34.73 6.05 49.16
C LYS B 943 35.40 4.74 48.73
N SER B 944 36.71 4.78 48.44
CA SER B 944 37.54 3.61 48.21
C SER B 944 36.91 2.65 47.18
N ALA B 945 36.87 3.15 45.95
CA ALA B 945 36.53 2.35 44.76
C ALA B 945 35.09 1.84 44.76
N LYS B 946 34.36 2.02 45.86
CA LYS B 946 33.00 1.51 45.92
C LYS B 946 32.05 2.34 45.06
N VAL B 947 32.22 3.66 45.07
CA VAL B 947 31.35 4.56 44.34
C VAL B 947 32.03 5.18 43.12
N ARG B 948 33.27 4.79 42.83
CA ARG B 948 33.97 5.34 41.67
C ARG B 948 33.20 5.09 40.40
N GLN B 949 32.64 3.88 40.24
CA GLN B 949 31.97 3.54 38.99
C GLN B 949 30.70 4.36 38.79
N GLN B 950 30.09 4.85 39.88
CA GLN B 950 28.94 5.73 39.73
C GLN B 950 29.35 7.07 39.13
N ALA B 951 30.46 7.63 39.60
CA ALA B 951 30.97 8.86 39.02
C ALA B 951 31.40 8.65 37.58
N ALA B 952 32.02 7.50 37.28
CA ALA B 952 32.40 7.19 35.91
C ALA B 952 31.17 7.11 35.01
N ASP B 953 30.10 6.49 35.51
CA ASP B 953 28.84 6.46 34.75
C ASP B 953 28.30 7.88 34.54
N LEU B 954 28.46 8.75 35.55
CA LEU B 954 27.98 10.12 35.41
C LEU B 954 28.75 10.87 34.33
N ILE B 955 30.08 10.72 34.32
CA ILE B 955 30.89 11.29 33.25
C ILE B 955 30.43 10.74 31.90
N SER B 956 30.22 9.43 31.82
CA SER B 956 29.77 8.81 30.57
C SER B 956 28.44 9.36 30.12
N ARG B 957 27.59 9.80 31.05
CA ARG B 957 26.27 10.30 30.70
C ARG B 957 26.24 11.79 30.45
N THR B 958 27.27 12.53 30.88
CA THR B 958 27.30 13.98 30.70
C THR B 958 28.41 14.45 29.77
N ALA B 959 29.13 13.53 29.15
CA ALA B 959 30.28 13.92 28.31
C ALA B 959 29.85 14.79 27.14
N VAL B 960 28.78 14.39 26.45
CA VAL B 960 28.35 15.13 25.26
C VAL B 960 27.96 16.55 25.63
N VAL B 961 27.25 16.72 26.74
CA VAL B 961 26.88 18.06 27.19
C VAL B 961 28.12 18.85 27.59
N MET B 962 29.10 18.18 28.18
CA MET B 962 30.36 18.87 28.47
C MET B 962 31.08 19.29 27.20
N LYS B 963 30.83 18.59 26.08
CA LYS B 963 31.41 19.00 24.81
C LYS B 963 30.67 20.17 24.19
N THR B 964 29.34 20.18 24.30
CA THR B 964 28.55 21.28 23.75
C THR B 964 28.55 22.53 24.62
N CYS B 965 29.40 22.57 25.65
CA CYS B 965 29.53 23.75 26.50
C CYS B 965 30.91 24.39 26.41
N GLN B 966 31.74 23.96 25.46
CA GLN B 966 33.06 24.53 25.20
C GLN B 966 34.02 24.35 26.36
N GLU B 967 33.77 23.39 27.24
CA GLU B 967 34.67 23.08 28.35
C GLU B 967 35.38 21.77 28.07
N GLU B 968 36.35 21.83 27.14
CA GLU B 968 37.10 20.65 26.74
C GLU B 968 38.27 20.35 27.66
N LYS B 969 38.91 21.39 28.21
CA LYS B 969 40.02 21.17 29.12
C LYS B 969 39.57 20.53 30.42
N LEU B 970 38.34 20.82 30.86
CA LEU B 970 37.78 20.17 32.03
C LEU B 970 37.60 18.68 31.78
N MET B 971 37.04 18.33 30.60
CA MET B 971 37.05 16.94 30.16
C MET B 971 38.47 16.42 30.03
N GLY B 972 39.46 17.29 29.91
CA GLY B 972 40.85 16.85 29.93
C GLY B 972 41.29 16.42 31.31
N HIS B 973 40.97 17.23 32.33
CA HIS B 973 41.24 16.83 33.71
C HIS B 973 40.55 15.51 34.03
N LEU B 974 39.27 15.39 33.67
CA LEU B 974 38.58 14.11 33.80
C LEU B 974 39.29 13.03 33.00
N GLY B 975 39.92 13.40 31.88
CA GLY B 975 40.58 12.40 31.06
C GLY B 975 41.82 11.81 31.73
N VAL B 976 42.65 12.67 32.32
CA VAL B 976 43.84 12.17 32.98
C VAL B 976 43.49 11.46 34.29
N VAL B 977 42.50 12.00 35.03
CA VAL B 977 42.11 11.35 36.28
C VAL B 977 41.52 9.98 36.00
N LEU B 978 40.70 9.85 34.96
CA LEU B 978 40.18 8.54 34.58
C LEU B 978 41.29 7.64 34.06
N TYR B 979 42.26 8.22 33.34
CA TYR B 979 43.36 7.43 32.80
C TYR B 979 44.23 6.83 33.90
N GLU B 980 44.39 7.55 35.02
CA GLU B 980 45.20 7.07 36.13
C GLU B 980 44.48 6.04 36.99
N TYR B 981 43.37 5.47 36.52
CA TYR B 981 42.64 4.45 37.27
C TYR B 981 42.46 3.16 36.47
N LEU B 982 43.11 3.03 35.32
CA LEU B 982 42.97 1.81 34.52
C LEU B 982 43.60 0.59 35.17
N GLY B 983 44.34 0.77 36.27
CA GLY B 983 44.86 -0.36 37.01
C GLY B 983 43.91 -0.79 38.10
N GLU B 984 42.64 -0.43 37.96
CA GLU B 984 41.64 -0.78 38.95
C GLU B 984 41.50 -2.29 39.07
N GLU B 985 41.48 -2.78 40.31
CA GLU B 985 41.34 -4.21 40.55
C GLU B 985 39.89 -4.68 40.47
N TYR B 986 38.95 -3.85 40.88
CA TYR B 986 37.53 -4.18 40.76
C TYR B 986 37.10 -4.10 39.31
N PRO B 987 36.78 -5.23 38.66
CA PRO B 987 36.47 -5.16 37.23
C PRO B 987 35.20 -4.37 36.91
N GLU B 988 34.20 -4.45 37.78
CA GLU B 988 32.95 -3.73 37.53
C GLU B 988 33.17 -2.22 37.52
N VAL B 989 34.14 -1.74 38.29
CA VAL B 989 34.46 -0.32 38.28
C VAL B 989 35.32 0.04 37.08
N LEU B 990 36.28 -0.83 36.75
CA LEU B 990 37.14 -0.58 35.59
C LEU B 990 36.32 -0.49 34.31
N GLY B 991 35.27 -1.30 34.20
CA GLY B 991 34.39 -1.20 33.04
C GLY B 991 33.75 0.16 32.91
N SER B 992 33.33 0.74 34.05
CA SER B 992 32.77 2.08 34.02
C SER B 992 33.82 3.14 33.72
N ILE B 993 35.07 2.90 34.15
CA ILE B 993 36.15 3.82 33.80
C ILE B 993 36.35 3.83 32.29
N LEU B 994 36.45 2.64 31.69
CA LEU B 994 36.59 2.54 30.24
C LEU B 994 35.39 3.12 29.52
N GLY B 995 34.19 2.97 30.09
CA GLY B 995 33.02 3.56 29.47
C GLY B 995 33.04 5.08 29.50
N ALA B 996 33.47 5.65 30.62
CA ALA B 996 33.59 7.11 30.69
C ALA B 996 34.65 7.62 29.73
N LEU B 997 35.78 6.93 29.64
CA LEU B 997 36.79 7.29 28.65
C LEU B 997 36.24 7.23 27.24
N LYS B 998 35.48 6.17 26.93
CA LYS B 998 34.87 6.06 25.61
C LYS B 998 33.92 7.23 25.35
N ALA B 999 33.11 7.61 26.35
CA ALA B 999 32.18 8.71 26.15
C ALA B 999 32.90 10.04 25.97
N ILE B 1000 34.07 10.20 26.60
CA ILE B 1000 34.83 11.43 26.41
C ILE B 1000 35.47 11.46 25.02
N VAL B 1001 36.04 10.33 24.58
CA VAL B 1001 36.70 10.27 23.29
C VAL B 1001 35.71 10.52 22.16
N ASN B 1002 34.46 10.10 22.34
CA ASN B 1002 33.46 10.24 21.28
C ASN B 1002 33.14 11.70 20.95
N VAL B 1003 33.54 12.65 21.78
CA VAL B 1003 33.15 14.04 21.57
C VAL B 1003 34.37 14.96 21.56
N ILE B 1004 35.44 14.56 22.25
CA ILE B 1004 36.63 15.39 22.35
C ILE B 1004 37.43 15.30 21.06
N GLY B 1005 38.12 16.38 20.72
CA GLY B 1005 39.06 16.33 19.63
C GLY B 1005 40.23 15.41 19.94
N MET B 1006 40.74 14.74 18.90
CA MET B 1006 41.79 13.76 19.10
C MET B 1006 43.08 14.42 19.60
N HIS B 1007 43.27 15.70 19.32
CA HIS B 1007 44.45 16.42 19.78
C HIS B 1007 44.27 17.06 21.15
N LYS B 1008 43.05 17.08 21.69
CA LYS B 1008 42.78 17.68 22.98
C LYS B 1008 42.70 16.67 24.12
N MET B 1009 42.87 15.38 23.82
CA MET B 1009 42.89 14.36 24.86
C MET B 1009 44.13 14.54 25.73
N THR B 1010 43.91 14.96 26.97
CA THR B 1010 45.05 15.17 27.87
C THR B 1010 45.87 13.91 28.11
N PRO B 1011 45.31 12.69 28.11
CA PRO B 1011 46.14 11.52 27.89
C PRO B 1011 46.27 11.25 26.40
N PRO B 1012 47.42 11.59 25.81
CA PRO B 1012 47.56 11.45 24.35
C PRO B 1012 47.31 10.02 23.91
N ILE B 1013 46.72 9.89 22.72
CA ILE B 1013 46.40 8.56 22.19
C ILE B 1013 47.66 7.70 22.08
N LYS B 1014 48.79 8.33 21.74
CA LYS B 1014 50.07 7.63 21.76
C LYS B 1014 50.33 6.97 23.09
N ASP B 1015 49.84 7.57 24.18
CA ASP B 1015 49.97 6.97 25.50
C ASP B 1015 48.74 6.17 25.90
N LEU B 1016 47.55 6.60 25.46
CA LEU B 1016 46.32 5.96 25.90
C LEU B 1016 46.18 4.56 25.33
N LEU B 1017 46.44 4.39 24.03
CA LEU B 1017 46.21 3.10 23.40
C LEU B 1017 47.09 1.99 23.96
N PRO B 1018 48.42 2.12 24.06
CA PRO B 1018 49.22 1.02 24.60
C PRO B 1018 48.89 0.69 26.04
N ARG B 1019 48.26 1.62 26.78
CA ARG B 1019 47.73 1.28 28.10
C ARG B 1019 46.47 0.43 27.98
N LEU B 1020 45.73 0.59 26.88
CA LEU B 1020 44.51 -0.18 26.67
C LEU B 1020 44.77 -1.55 26.09
N THR B 1021 45.90 -1.73 25.39
CA THR B 1021 46.17 -3.02 24.76
C THR B 1021 46.26 -4.20 25.74
N PRO B 1022 46.86 -4.08 26.94
CA PRO B 1022 46.89 -5.25 27.83
C PRO B 1022 45.57 -5.54 28.52
N ILE B 1023 44.66 -4.57 28.60
CA ILE B 1023 43.37 -4.78 29.25
C ILE B 1023 42.47 -5.73 28.47
N LEU B 1024 42.81 -6.02 27.22
CA LEU B 1024 42.00 -6.96 26.43
C LEU B 1024 42.04 -8.37 26.99
N LYS B 1025 43.04 -8.69 27.81
CA LYS B 1025 43.12 -10.00 28.44
C LYS B 1025 42.24 -10.11 29.69
N ASN B 1026 41.45 -9.10 30.01
CA ASN B 1026 40.67 -9.12 31.23
C ASN B 1026 39.54 -10.15 31.13
N ARG B 1027 39.30 -10.85 32.24
CA ARG B 1027 38.31 -11.92 32.24
C ARG B 1027 36.88 -11.39 32.26
N HIS B 1028 36.66 -10.19 32.77
CA HIS B 1028 35.32 -9.67 32.93
C HIS B 1028 34.72 -9.27 31.58
N GLU B 1029 33.42 -9.53 31.42
CA GLU B 1029 32.76 -9.24 30.14
C GLU B 1029 32.58 -7.74 29.94
N LYS B 1030 32.25 -7.02 31.01
CA LYS B 1030 32.07 -5.58 30.91
C LYS B 1030 33.37 -4.89 30.53
N VAL B 1031 34.48 -5.30 31.17
CA VAL B 1031 35.78 -4.71 30.86
C VAL B 1031 36.16 -4.99 29.41
N GLN B 1032 35.91 -6.21 28.94
CA GLN B 1032 36.21 -6.55 27.56
C GLN B 1032 35.39 -5.71 26.59
N GLU B 1033 34.08 -5.60 26.84
CA GLU B 1033 33.21 -4.86 25.93
C GLU B 1033 33.60 -3.39 25.87
N ASN B 1034 33.72 -2.73 27.03
CA ASN B 1034 34.05 -1.32 27.05
C ASN B 1034 35.44 -1.05 26.51
N CYS B 1035 36.40 -1.92 26.85
CA CYS B 1035 37.77 -1.75 26.35
C CYS B 1035 37.81 -1.88 24.83
N ILE B 1036 37.21 -2.94 24.29
CA ILE B 1036 37.18 -3.12 22.84
C ILE B 1036 36.51 -1.92 22.18
N ASP B 1037 35.38 -1.48 22.73
CA ASP B 1037 34.68 -0.32 22.16
C ASP B 1037 35.58 0.91 22.13
N LEU B 1038 36.34 1.15 23.21
CA LEU B 1038 37.24 2.29 23.24
C LEU B 1038 38.33 2.16 22.18
N VAL B 1039 38.92 0.96 22.06
CA VAL B 1039 39.91 0.73 21.01
C VAL B 1039 39.33 1.04 19.64
N GLY B 1040 38.06 0.68 19.42
CA GLY B 1040 37.45 0.94 18.13
C GLY B 1040 37.18 2.41 17.88
N ARG B 1041 36.78 3.15 18.93
CA ARG B 1041 36.57 4.58 18.77
C ARG B 1041 37.89 5.29 18.46
N ILE B 1042 38.97 4.88 19.13
CA ILE B 1042 40.29 5.43 18.79
C ILE B 1042 40.67 5.08 17.36
N ALA B 1043 40.43 3.84 16.95
CA ALA B 1043 40.79 3.43 15.59
C ALA B 1043 39.95 4.15 14.54
N ASP B 1044 38.74 4.56 14.89
CA ASP B 1044 37.88 5.22 13.92
C ASP B 1044 38.17 6.71 13.83
N ARG B 1045 38.43 7.36 14.96
CA ARG B 1045 38.60 8.81 14.94
C ARG B 1045 40.06 9.23 14.74
N GLY B 1046 40.97 8.66 15.50
CA GLY B 1046 42.36 9.12 15.46
C GLY B 1046 43.40 8.03 15.34
N ALA B 1047 43.22 7.12 14.38
CA ALA B 1047 44.21 6.08 14.16
C ALA B 1047 45.53 6.62 13.62
N GLU B 1048 45.57 7.90 13.23
CA GLU B 1048 46.81 8.51 12.76
C GLU B 1048 47.83 8.69 13.87
N TYR B 1049 47.42 8.57 15.13
CA TYR B 1049 48.32 8.77 16.26
C TYR B 1049 48.96 7.47 16.75
N VAL B 1050 48.60 6.34 16.16
CA VAL B 1050 49.09 5.03 16.60
C VAL B 1050 49.82 4.38 15.43
N SER B 1051 50.98 3.80 15.71
CA SER B 1051 51.77 3.14 14.68
C SER B 1051 51.11 1.83 14.25
N ALA B 1052 51.52 1.34 13.07
CA ALA B 1052 50.91 0.15 12.50
C ALA B 1052 51.25 -1.11 13.30
N ARG B 1053 52.41 -1.15 13.94
CA ARG B 1053 52.78 -2.31 14.73
C ARG B 1053 51.82 -2.51 15.91
N GLU B 1054 51.51 -1.41 16.62
CA GLU B 1054 50.54 -1.47 17.70
C GLU B 1054 49.19 -1.98 17.19
N TRP B 1055 48.73 -1.45 16.06
CA TRP B 1055 47.44 -1.86 15.51
C TRP B 1055 47.42 -3.35 15.17
N MET B 1056 48.50 -3.85 14.57
CA MET B 1056 48.58 -5.28 14.26
C MET B 1056 48.53 -6.11 15.55
N ARG B 1057 49.33 -5.73 16.54
CA ARG B 1057 49.31 -6.42 17.83
C ARG B 1057 47.91 -6.42 18.44
N ILE B 1058 47.16 -5.34 18.25
CA ILE B 1058 45.77 -5.30 18.72
C ILE B 1058 44.91 -6.26 17.92
N CYS B 1059 45.10 -6.29 16.60
CA CYS B 1059 44.34 -7.23 15.75
C CYS B 1059 44.48 -8.65 16.26
N PHE B 1060 45.70 -9.07 16.55
CA PHE B 1060 45.91 -10.43 17.05
C PHE B 1060 45.87 -10.50 18.57
N GLU B 1061 45.45 -9.41 19.23
CA GLU B 1061 44.94 -9.48 20.59
C GLU B 1061 43.43 -9.61 20.62
N LEU B 1062 42.76 -9.36 19.48
CA LEU B 1062 41.31 -9.44 19.38
C LEU B 1062 40.83 -10.60 18.52
N LEU B 1063 41.73 -11.27 17.79
CA LEU B 1063 41.30 -12.33 16.87
C LEU B 1063 40.54 -13.42 17.60
N GLU B 1064 41.03 -13.85 18.77
CA GLU B 1064 40.35 -14.90 19.51
C GLU B 1064 39.03 -14.43 20.11
N LEU B 1065 38.85 -13.12 20.30
CA LEU B 1065 37.63 -12.60 20.90
C LEU B 1065 36.44 -12.64 19.92
N LEU B 1066 36.69 -12.91 18.64
CA LEU B 1066 35.59 -13.13 17.71
C LEU B 1066 34.82 -14.41 18.01
N LYS B 1067 35.35 -15.26 18.89
CA LYS B 1067 34.68 -16.48 19.31
C LYS B 1067 33.97 -16.32 20.66
N ALA B 1068 33.94 -15.10 21.19
CA ALA B 1068 33.34 -14.87 22.50
C ALA B 1068 31.87 -15.27 22.50
N HIS B 1069 31.41 -15.76 23.65
CA HIS B 1069 30.04 -16.27 23.74
C HIS B 1069 29.01 -15.15 23.79
N LYS B 1070 29.34 -14.05 24.48
CA LYS B 1070 28.43 -12.93 24.54
C LYS B 1070 28.38 -12.20 23.21
N LYS B 1071 27.17 -11.87 22.75
CA LYS B 1071 27.01 -11.26 21.44
C LYS B 1071 27.61 -9.86 21.39
N ALA B 1072 27.49 -9.12 22.49
CA ALA B 1072 28.01 -7.75 22.50
C ALA B 1072 29.51 -7.70 22.29
N ILE B 1073 30.24 -8.62 22.92
CA ILE B 1073 31.69 -8.66 22.76
C ILE B 1073 32.06 -9.07 21.34
N ARG B 1074 31.33 -10.04 20.77
CA ARG B 1074 31.58 -10.45 19.39
C ARG B 1074 31.37 -9.30 18.42
N ARG B 1075 30.21 -8.64 18.49
CA ARG B 1075 29.93 -7.53 17.60
C ARG B 1075 30.93 -6.39 17.79
N ALA B 1076 31.28 -6.10 19.04
CA ALA B 1076 32.28 -5.06 19.30
C ALA B 1076 33.60 -5.41 18.63
N THR B 1077 34.08 -6.64 18.83
CA THR B 1077 35.34 -7.05 18.22
C THR B 1077 35.28 -7.01 16.70
N VAL B 1078 34.12 -7.33 16.12
CA VAL B 1078 33.96 -7.24 14.67
C VAL B 1078 34.09 -5.78 14.21
N ASN B 1079 33.40 -4.87 14.90
CA ASN B 1079 33.43 -3.47 14.51
C ASN B 1079 34.83 -2.89 14.63
N THR B 1080 35.45 -3.05 15.80
CA THR B 1080 36.79 -2.49 16.01
C THR B 1080 37.82 -3.15 15.11
N PHE B 1081 37.65 -4.45 14.83
CA PHE B 1081 38.53 -5.11 13.86
C PHE B 1081 38.37 -4.50 12.49
N GLY B 1082 37.13 -4.15 12.11
CA GLY B 1082 36.92 -3.46 10.85
C GLY B 1082 37.57 -2.09 10.84
N TYR B 1083 37.55 -1.38 11.97
CA TYR B 1083 38.16 -0.06 12.03
C TYR B 1083 39.68 -0.14 11.91
N ILE B 1084 40.30 -1.02 12.69
CA ILE B 1084 41.76 -1.14 12.64
C ILE B 1084 42.20 -1.70 11.29
N ALA B 1085 41.38 -2.56 10.68
CA ALA B 1085 41.70 -3.04 9.34
C ALA B 1085 41.55 -1.95 8.29
N LYS B 1086 40.62 -1.01 8.52
CA LYS B 1086 40.50 0.12 7.61
C LYS B 1086 41.67 1.09 7.76
N ALA B 1087 42.17 1.24 8.99
CA ALA B 1087 43.30 2.13 9.22
C ALA B 1087 44.60 1.55 8.66
N ILE B 1088 44.89 0.30 9.00
CA ILE B 1088 46.11 -0.34 8.50
C ILE B 1088 46.05 -0.49 6.98
N GLY B 1089 44.94 -1.00 6.48
CA GLY B 1089 44.86 -1.42 5.10
C GLY B 1089 45.16 -2.90 5.00
N PRO B 1090 44.56 -3.58 4.03
CA PRO B 1090 44.73 -5.03 3.91
C PRO B 1090 46.00 -5.46 3.19
N HIS B 1091 46.84 -4.51 2.79
CA HIS B 1091 48.06 -4.86 2.05
C HIS B 1091 48.92 -5.84 2.84
N ASP B 1092 49.02 -5.64 4.15
CA ASP B 1092 49.85 -6.49 5.01
C ASP B 1092 48.99 -7.02 6.15
N VAL B 1093 48.43 -8.21 5.95
CA VAL B 1093 47.94 -9.05 7.03
C VAL B 1093 48.52 -10.44 6.79
N LEU B 1094 48.54 -11.24 7.86
CA LEU B 1094 49.07 -12.59 7.76
C LEU B 1094 48.31 -13.39 6.71
N ALA B 1095 49.04 -14.18 5.93
CA ALA B 1095 48.42 -14.98 4.87
C ALA B 1095 47.35 -15.89 5.44
N THR B 1096 47.73 -16.72 6.42
CA THR B 1096 46.81 -17.62 7.11
C THR B 1096 47.56 -18.25 8.28
N LEU B 1097 46.87 -18.44 9.40
CA LEU B 1097 47.44 -19.13 10.54
C LEU B 1097 46.48 -20.22 11.03
N GLN B 1107 45.88 -23.08 13.37
CA GLN B 1107 45.14 -24.04 14.20
C GLN B 1107 43.63 -23.90 13.94
N ASN B 1108 43.00 -22.95 14.63
CA ASN B 1108 41.55 -22.82 14.62
C ASN B 1108 41.19 -21.72 13.61
N ARG B 1109 40.71 -22.14 12.44
CA ARG B 1109 40.55 -21.25 11.30
C ARG B 1109 39.28 -20.41 11.35
N VAL B 1110 38.39 -20.63 12.34
CA VAL B 1110 37.10 -19.97 12.33
C VAL B 1110 37.27 -18.47 12.58
N CYS B 1111 38.02 -18.10 13.62
CA CYS B 1111 38.27 -16.68 13.87
C CYS B 1111 39.05 -16.04 12.73
N THR B 1112 39.93 -16.81 12.07
CA THR B 1112 40.62 -16.29 10.90
C THR B 1112 39.68 -16.18 9.71
N THR B 1113 38.67 -17.05 9.62
CA THR B 1113 37.67 -16.94 8.57
C THR B 1113 36.85 -15.66 8.73
N VAL B 1114 36.33 -15.43 9.94
CA VAL B 1114 35.62 -14.18 10.22
C VAL B 1114 36.54 -12.98 10.03
N ALA B 1115 37.84 -13.15 10.33
CA ALA B 1115 38.79 -12.08 10.12
C ALA B 1115 38.91 -11.72 8.64
N ILE B 1116 39.08 -12.74 7.78
CA ILE B 1116 39.19 -12.51 6.35
C ILE B 1116 37.91 -11.87 5.82
N ALA B 1117 36.75 -12.31 6.32
CA ALA B 1117 35.50 -11.72 5.89
C ALA B 1117 35.43 -10.24 6.29
N ILE B 1118 35.88 -9.91 7.49
CA ILE B 1118 35.85 -8.52 7.95
C ILE B 1118 36.76 -7.67 7.08
N VAL B 1119 38.00 -8.14 6.86
CA VAL B 1119 38.96 -7.39 6.06
C VAL B 1119 38.43 -7.20 4.64
N ALA B 1120 37.79 -8.23 4.08
CA ALA B 1120 37.21 -8.13 2.76
C ALA B 1120 35.91 -7.34 2.72
N GLU B 1121 35.34 -7.01 3.87
CA GLU B 1121 34.15 -6.17 3.89
C GLU B 1121 34.50 -4.69 4.06
N THR B 1122 35.46 -4.38 4.94
CA THR B 1122 35.85 -2.99 5.12
C THR B 1122 36.68 -2.50 3.94
N CYS B 1123 37.54 -3.34 3.40
CA CYS B 1123 38.28 -3.06 2.18
C CYS B 1123 37.85 -4.04 1.11
N SER B 1124 37.95 -3.61 -0.15
CA SER B 1124 37.39 -4.39 -1.25
C SER B 1124 37.98 -5.80 -1.24
N PRO B 1125 37.16 -6.82 -1.51
CA PRO B 1125 37.68 -8.20 -1.57
C PRO B 1125 38.67 -8.41 -2.71
N PHE B 1126 38.85 -7.42 -3.59
CA PHE B 1126 39.89 -7.48 -4.61
C PHE B 1126 41.28 -7.65 -4.01
N THR B 1127 41.45 -7.33 -2.73
CA THR B 1127 42.75 -7.42 -2.08
C THR B 1127 43.02 -8.79 -1.47
N VAL B 1128 41.99 -9.47 -0.95
CA VAL B 1128 42.21 -10.75 -0.27
C VAL B 1128 41.79 -11.95 -1.09
N LEU B 1129 40.91 -11.78 -2.07
CA LEU B 1129 40.52 -12.90 -2.93
C LEU B 1129 41.68 -13.49 -3.73
N PRO B 1130 42.61 -12.72 -4.30
CA PRO B 1130 43.72 -13.35 -5.03
C PRO B 1130 44.58 -14.26 -4.16
N ALA B 1131 44.92 -13.83 -2.94
CA ALA B 1131 45.70 -14.68 -2.06
C ALA B 1131 44.90 -15.87 -1.55
N LEU B 1132 43.63 -15.64 -1.20
CA LEU B 1132 42.78 -16.72 -0.72
C LEU B 1132 42.62 -17.81 -1.77
N MET B 1133 42.44 -17.42 -3.04
CA MET B 1133 42.39 -18.40 -4.11
C MET B 1133 43.77 -18.97 -4.40
N ASN B 1134 44.83 -18.22 -4.09
CA ASN B 1134 46.17 -18.75 -4.25
C ASN B 1134 46.46 -19.88 -3.27
N GLU B 1135 45.86 -19.82 -2.07
CA GLU B 1135 46.01 -20.91 -1.10
C GLU B 1135 45.35 -22.19 -1.54
N TYR B 1136 44.48 -22.15 -2.55
CA TYR B 1136 43.84 -23.37 -3.06
C TYR B 1136 44.72 -24.14 -4.03
N ARG B 1137 45.73 -23.48 -4.61
CA ARG B 1137 46.58 -24.13 -5.61
C ARG B 1137 47.48 -25.20 -5.02
N VAL B 1138 47.71 -25.17 -3.71
CA VAL B 1138 48.57 -26.17 -3.06
C VAL B 1138 47.88 -27.53 -3.13
N PRO B 1139 48.64 -28.63 -3.20
CA PRO B 1139 47.99 -29.94 -3.39
C PRO B 1139 47.36 -30.52 -2.14
N GLU B 1140 47.58 -29.94 -0.97
CA GLU B 1140 46.97 -30.47 0.24
C GLU B 1140 45.47 -30.20 0.25
N LEU B 1141 44.72 -31.11 0.87
CA LEU B 1141 43.26 -31.14 0.74
C LEU B 1141 42.56 -30.34 1.82
N ASN B 1142 42.92 -30.55 3.10
CA ASN B 1142 42.21 -29.89 4.18
C ASN B 1142 42.34 -28.37 4.11
N VAL B 1143 43.44 -27.87 3.57
CA VAL B 1143 43.57 -26.42 3.39
C VAL B 1143 42.67 -25.95 2.25
N GLN B 1144 42.44 -26.79 1.23
CA GLN B 1144 41.50 -26.44 0.18
C GLN B 1144 40.08 -26.39 0.72
N ASN B 1145 39.70 -27.35 1.57
CA ASN B 1145 38.42 -27.25 2.25
C ASN B 1145 38.35 -26.00 3.12
N GLY B 1146 39.47 -25.63 3.74
CA GLY B 1146 39.49 -24.43 4.55
C GLY B 1146 39.22 -23.17 3.75
N VAL B 1147 39.89 -23.04 2.60
CA VAL B 1147 39.65 -21.86 1.78
C VAL B 1147 38.26 -21.90 1.15
N LEU B 1148 37.70 -23.10 0.97
CA LEU B 1148 36.30 -23.18 0.52
C LEU B 1148 35.35 -22.65 1.58
N LYS B 1149 35.58 -23.03 2.85
CA LYS B 1149 34.74 -22.52 3.94
C LYS B 1149 34.87 -21.01 4.07
N SER B 1150 36.11 -20.50 4.04
CA SER B 1150 36.32 -19.06 4.14
C SER B 1150 35.72 -18.32 2.95
N LEU B 1151 35.64 -18.97 1.79
CA LEU B 1151 34.94 -18.37 0.66
C LEU B 1151 33.43 -18.35 0.91
N SER B 1152 32.89 -19.42 1.49
CA SER B 1152 31.46 -19.47 1.78
C SER B 1152 31.06 -18.36 2.75
N PHE B 1153 31.67 -18.34 3.94
CA PHE B 1153 31.36 -17.26 4.88
C PHE B 1153 31.77 -15.91 4.33
N LEU B 1154 32.75 -15.87 3.43
CA LEU B 1154 33.15 -14.62 2.80
C LEU B 1154 32.00 -14.02 2.00
N PHE B 1155 31.50 -14.76 1.02
CA PHE B 1155 30.43 -14.23 0.17
C PHE B 1155 29.14 -14.04 0.97
N GLU B 1156 28.85 -14.94 1.91
CA GLU B 1156 27.66 -14.75 2.74
C GLU B 1156 27.78 -13.47 3.55
N TYR B 1157 28.99 -13.13 4.02
CA TYR B 1157 29.17 -11.94 4.83
C TYR B 1157 29.12 -10.66 3.99
N ILE B 1158 29.80 -10.65 2.85
CA ILE B 1158 29.86 -9.43 2.05
C ILE B 1158 28.53 -9.17 1.35
N GLY B 1159 27.78 -10.23 1.04
CA GLY B 1159 26.49 -10.05 0.39
C GLY B 1159 26.57 -9.50 -1.02
N GLU B 1160 26.14 -8.25 -1.19
CA GLU B 1160 26.03 -7.68 -2.54
C GLU B 1160 27.38 -7.33 -3.14
N MET B 1161 28.42 -7.12 -2.32
CA MET B 1161 29.72 -6.76 -2.86
C MET B 1161 30.29 -7.84 -3.76
N GLY B 1162 29.81 -9.08 -3.64
CA GLY B 1162 30.27 -10.15 -4.49
C GLY B 1162 29.72 -10.12 -5.91
N LYS B 1163 28.99 -9.06 -6.28
CA LYS B 1163 28.48 -8.94 -7.64
C LYS B 1163 29.59 -8.74 -8.65
N ASP B 1164 30.75 -8.22 -8.22
CA ASP B 1164 31.86 -7.97 -9.11
C ASP B 1164 33.00 -8.98 -8.93
N TYR B 1165 32.79 -10.01 -8.12
CA TYR B 1165 33.85 -10.96 -7.79
C TYR B 1165 33.38 -12.41 -7.95
N ILE B 1166 32.46 -12.65 -8.87
CA ILE B 1166 32.00 -14.01 -9.13
C ILE B 1166 32.81 -14.66 -10.25
N TYR B 1167 33.07 -13.91 -11.33
CA TYR B 1167 33.89 -14.43 -12.43
C TYR B 1167 35.29 -14.78 -11.96
N ALA B 1168 35.81 -14.08 -10.95
CA ALA B 1168 37.15 -14.38 -10.45
C ALA B 1168 37.17 -15.72 -9.73
N VAL B 1169 36.15 -16.02 -8.94
CA VAL B 1169 36.10 -17.26 -8.18
C VAL B 1169 35.42 -18.39 -8.96
N THR B 1170 34.99 -18.14 -10.20
CA THR B 1170 34.39 -19.19 -11.01
C THR B 1170 35.28 -20.42 -11.16
N PRO B 1171 36.56 -20.33 -11.57
CA PRO B 1171 37.31 -21.57 -11.84
C PRO B 1171 37.55 -22.41 -10.60
N LEU B 1172 37.82 -21.77 -9.46
CA LEU B 1172 38.01 -22.51 -8.21
C LEU B 1172 36.77 -23.33 -7.88
N LEU B 1173 35.58 -22.74 -8.07
CA LEU B 1173 34.35 -23.49 -7.85
C LEU B 1173 34.07 -24.49 -8.97
N GLU B 1174 34.69 -24.32 -10.14
CA GLU B 1174 34.58 -25.33 -11.18
C GLU B 1174 35.35 -26.59 -10.80
N ASP B 1175 36.60 -26.43 -10.36
CA ASP B 1175 37.41 -27.57 -9.96
C ASP B 1175 36.85 -28.20 -8.69
N ALA B 1176 36.71 -27.40 -7.63
CA ALA B 1176 36.22 -27.93 -6.36
C ALA B 1176 34.80 -28.46 -6.49
N LEU B 1177 33.98 -27.84 -7.33
CA LEU B 1177 32.60 -28.28 -7.49
C LEU B 1177 32.55 -29.65 -8.15
N MET B 1178 33.46 -29.92 -9.08
CA MET B 1178 33.55 -31.24 -9.67
C MET B 1178 33.86 -32.30 -8.62
N ASP B 1179 33.54 -33.55 -8.96
CA ASP B 1179 33.74 -34.64 -8.02
C ASP B 1179 35.22 -34.77 -7.66
N ARG B 1180 35.52 -34.61 -6.37
CA ARG B 1180 36.88 -34.63 -5.86
C ARG B 1180 36.86 -35.29 -4.49
N ASP B 1181 36.69 -34.48 -3.46
CA ASP B 1181 36.22 -34.92 -2.15
C ASP B 1181 34.77 -34.52 -2.02
N LEU B 1182 33.97 -35.38 -1.37
CA LEU B 1182 32.56 -35.05 -1.15
C LEU B 1182 32.42 -33.72 -0.43
N VAL B 1183 33.38 -33.37 0.43
CA VAL B 1183 33.31 -32.12 1.16
C VAL B 1183 33.56 -30.93 0.24
N HIS B 1184 34.47 -31.08 -0.74
CA HIS B 1184 34.67 -30.04 -1.72
C HIS B 1184 33.36 -29.68 -2.42
N ARG B 1185 32.61 -30.70 -2.86
CA ARG B 1185 31.33 -30.46 -3.50
C ARG B 1185 30.33 -29.86 -2.54
N GLN B 1186 30.35 -30.30 -1.28
CA GLN B 1186 29.39 -29.81 -0.29
C GLN B 1186 29.61 -28.32 -0.02
N THR B 1187 30.78 -27.97 0.53
CA THR B 1187 31.06 -26.58 0.85
C THR B 1187 31.09 -25.70 -0.40
N ALA B 1188 31.47 -26.26 -1.54
CA ALA B 1188 31.42 -25.49 -2.78
C ALA B 1188 29.99 -25.16 -3.17
N SER B 1189 29.08 -26.13 -3.04
CA SER B 1189 27.67 -25.85 -3.26
C SER B 1189 27.15 -24.81 -2.27
N ALA B 1190 27.64 -24.85 -1.03
CA ALA B 1190 27.28 -23.82 -0.06
C ALA B 1190 27.79 -22.45 -0.53
N VAL B 1191 28.98 -22.41 -1.14
CA VAL B 1191 29.49 -21.17 -1.69
C VAL B 1191 28.57 -20.65 -2.78
N VAL B 1192 28.14 -21.55 -3.68
CA VAL B 1192 27.21 -21.15 -4.74
C VAL B 1192 25.91 -20.61 -4.13
N GLN B 1193 25.47 -21.19 -3.02
CA GLN B 1193 24.25 -20.73 -2.36
C GLN B 1193 24.44 -19.32 -1.80
N HIS B 1194 25.54 -19.08 -1.08
CA HIS B 1194 25.74 -17.80 -0.44
C HIS B 1194 25.98 -16.70 -1.47
N MET B 1195 26.76 -16.99 -2.52
CA MET B 1195 26.91 -16.04 -3.62
C MET B 1195 25.56 -15.75 -4.28
N SER B 1196 24.76 -16.80 -4.48
CA SER B 1196 23.49 -16.63 -5.17
C SER B 1196 22.53 -15.78 -4.36
N LEU B 1197 22.55 -15.93 -3.03
CA LEU B 1197 21.64 -15.17 -2.19
C LEU B 1197 22.13 -13.75 -1.92
N GLY B 1198 23.45 -13.55 -1.83
CA GLY B 1198 23.97 -12.23 -1.58
C GLY B 1198 23.96 -11.32 -2.80
N VAL B 1199 24.08 -11.89 -3.99
CA VAL B 1199 24.09 -11.12 -5.23
C VAL B 1199 22.73 -11.04 -5.89
N TYR B 1200 21.73 -11.74 -5.35
CA TYR B 1200 20.37 -11.76 -5.91
C TYR B 1200 19.85 -10.35 -6.15
N GLY B 1201 19.57 -10.05 -7.42
CA GLY B 1201 19.01 -8.77 -7.80
C GLY B 1201 20.00 -7.78 -8.41
N PHE B 1202 21.18 -8.24 -8.83
CA PHE B 1202 22.20 -7.35 -9.37
C PHE B 1202 22.75 -7.85 -10.69
N GLY B 1203 21.90 -8.48 -11.50
CA GLY B 1203 22.24 -8.85 -12.86
C GLY B 1203 23.44 -9.75 -13.03
N CYS B 1204 23.42 -10.91 -12.38
CA CYS B 1204 24.48 -11.90 -12.49
C CYS B 1204 23.92 -13.24 -12.95
N GLU B 1205 22.96 -13.20 -13.87
CA GLU B 1205 22.33 -14.43 -14.34
C GLU B 1205 23.26 -15.27 -15.18
N ASP B 1206 24.20 -14.64 -15.89
CA ASP B 1206 25.10 -15.38 -16.76
C ASP B 1206 26.07 -16.24 -15.95
N SER B 1207 26.71 -15.65 -14.94
CA SER B 1207 27.70 -16.38 -14.16
C SER B 1207 27.05 -17.46 -13.30
N LEU B 1208 26.04 -17.09 -12.52
CA LEU B 1208 25.33 -18.08 -11.70
C LEU B 1208 24.71 -19.17 -12.56
N ASN B 1209 24.14 -18.79 -13.71
CA ASN B 1209 23.63 -19.78 -14.65
C ASN B 1209 24.74 -20.66 -15.18
N HIS B 1210 25.97 -20.14 -15.22
CA HIS B 1210 27.11 -20.95 -15.67
C HIS B 1210 27.52 -21.96 -14.60
N LEU B 1211 27.57 -21.55 -13.33
CA LEU B 1211 27.91 -22.49 -12.28
C LEU B 1211 26.81 -23.52 -12.06
N LEU B 1212 25.56 -23.17 -12.36
CA LEU B 1212 24.47 -24.13 -12.24
C LEU B 1212 24.74 -25.37 -13.10
N ASN B 1213 25.30 -25.17 -14.30
CA ASN B 1213 25.65 -26.29 -15.17
C ASN B 1213 26.61 -27.26 -14.50
N TYR B 1214 27.37 -26.82 -13.51
CA TYR B 1214 28.25 -27.70 -12.76
C TYR B 1214 27.60 -28.24 -11.50
N VAL B 1215 26.76 -27.44 -10.84
CA VAL B 1215 26.09 -27.92 -9.63
C VAL B 1215 25.09 -29.02 -9.97
N TRP B 1216 24.52 -28.99 -11.16
CA TRP B 1216 23.46 -29.95 -11.53
C TRP B 1216 23.95 -31.40 -11.61
N PRO B 1217 25.15 -31.67 -12.13
CA PRO B 1217 25.64 -33.07 -12.07
C PRO B 1217 25.66 -33.67 -10.68
N ASN B 1218 25.85 -32.87 -9.63
CA ASN B 1218 25.86 -33.36 -8.27
C ASN B 1218 24.46 -33.53 -7.68
N VAL B 1219 23.43 -33.52 -8.52
CA VAL B 1219 22.06 -33.67 -8.03
C VAL B 1219 21.84 -35.05 -7.44
N PHE B 1220 22.45 -36.08 -8.03
CA PHE B 1220 22.30 -37.44 -7.55
C PHE B 1220 23.41 -37.73 -6.55
N GLU B 1221 23.06 -37.75 -5.27
CA GLU B 1221 24.00 -38.05 -4.20
C GLU B 1221 23.21 -38.43 -2.97
N THR B 1222 23.78 -39.34 -2.17
CA THR B 1222 23.08 -39.92 -1.04
C THR B 1222 23.53 -39.39 0.32
N SER B 1223 24.72 -38.81 0.42
CA SER B 1223 25.17 -38.25 1.68
C SER B 1223 24.28 -37.07 2.05
N PRO B 1224 23.62 -37.09 3.21
CA PRO B 1224 22.59 -36.06 3.49
C PRO B 1224 23.13 -34.64 3.51
N HIS B 1225 24.34 -34.44 4.03
CA HIS B 1225 24.87 -33.09 4.17
C HIS B 1225 25.12 -32.45 2.80
N VAL B 1226 25.78 -33.20 1.90
CA VAL B 1226 26.12 -32.63 0.60
C VAL B 1226 24.89 -32.50 -0.28
N ILE B 1227 23.92 -33.41 -0.15
CA ILE B 1227 22.72 -33.30 -0.98
C ILE B 1227 21.83 -32.17 -0.48
N GLN B 1228 21.81 -31.92 0.83
CA GLN B 1228 21.04 -30.78 1.33
C GLN B 1228 21.75 -29.47 1.01
N ALA B 1229 23.08 -29.48 0.96
CA ALA B 1229 23.81 -28.29 0.51
C ALA B 1229 23.54 -28.01 -0.97
N VAL B 1230 23.46 -29.08 -1.78
CA VAL B 1230 23.15 -28.90 -3.19
C VAL B 1230 21.72 -28.40 -3.37
N MET B 1231 20.78 -28.91 -2.57
CA MET B 1231 19.41 -28.42 -2.62
C MET B 1231 19.33 -26.95 -2.24
N GLY B 1232 20.04 -26.57 -1.17
CA GLY B 1232 20.08 -25.16 -0.79
C GLY B 1232 20.68 -24.29 -1.88
N ALA B 1233 21.71 -24.80 -2.55
CA ALA B 1233 22.27 -24.07 -3.69
C ALA B 1233 21.27 -23.96 -4.83
N LEU B 1234 20.42 -24.96 -5.01
CA LEU B 1234 19.40 -24.89 -6.05
C LEU B 1234 18.30 -23.90 -5.69
N GLU B 1235 18.02 -23.72 -4.40
CA GLU B 1235 17.04 -22.72 -3.99
C GLU B 1235 17.61 -21.31 -4.12
N GLY B 1236 18.87 -21.12 -3.72
CA GLY B 1236 19.51 -19.84 -3.94
C GLY B 1236 19.58 -19.48 -5.41
N LEU B 1237 20.06 -20.42 -6.23
CA LEU B 1237 20.05 -20.20 -7.67
C LEU B 1237 18.63 -20.05 -8.21
N ARG B 1238 17.62 -20.53 -7.47
CA ARG B 1238 16.25 -20.29 -7.89
C ARG B 1238 15.86 -18.83 -7.67
N VAL B 1239 16.19 -18.27 -6.50
CA VAL B 1239 15.79 -16.89 -6.25
C VAL B 1239 16.63 -15.92 -7.06
N ALA B 1240 17.88 -16.28 -7.38
CA ALA B 1240 18.75 -15.36 -8.11
C ALA B 1240 18.62 -15.49 -9.62
N ILE B 1241 18.52 -16.72 -10.13
CA ILE B 1241 18.38 -16.92 -11.56
C ILE B 1241 16.93 -16.76 -12.00
N GLY B 1242 15.99 -17.25 -11.20
CA GLY B 1242 14.59 -17.21 -11.54
C GLY B 1242 14.00 -18.61 -11.58
N PRO B 1243 12.73 -18.73 -11.21
CA PRO B 1243 12.09 -20.06 -11.24
C PRO B 1243 11.92 -20.62 -12.64
N CYS B 1244 11.97 -19.78 -13.67
CA CYS B 1244 11.80 -20.25 -15.04
C CYS B 1244 12.93 -21.20 -15.43
N ARG B 1245 14.18 -20.77 -15.23
CA ARG B 1245 15.32 -21.61 -15.58
C ARG B 1245 15.34 -22.88 -14.74
N MET B 1246 15.01 -22.76 -13.45
CA MET B 1246 15.00 -23.93 -12.57
C MET B 1246 13.98 -24.95 -13.04
N LEU B 1247 12.77 -24.48 -13.39
CA LEU B 1247 11.78 -25.39 -13.95
C LEU B 1247 12.26 -25.99 -15.26
N GLN B 1248 12.98 -25.21 -16.07
CA GLN B 1248 13.50 -25.71 -17.33
C GLN B 1248 14.47 -26.86 -17.12
N TYR B 1249 15.41 -26.71 -16.18
CA TYR B 1249 16.30 -27.82 -15.87
C TYR B 1249 15.55 -28.98 -15.22
N CYS B 1250 14.46 -28.68 -14.51
CA CYS B 1250 13.74 -29.67 -13.72
C CYS B 1250 12.65 -30.38 -14.49
N LEU B 1251 12.37 -29.97 -15.73
CA LEU B 1251 11.25 -30.53 -16.48
C LEU B 1251 11.53 -31.93 -17.01
N GLN B 1252 12.79 -32.23 -17.36
CA GLN B 1252 13.09 -33.45 -18.09
C GLN B 1252 12.78 -34.70 -17.25
N GLY B 1253 13.28 -34.75 -16.02
CA GLY B 1253 13.12 -35.93 -15.20
C GLY B 1253 11.86 -35.99 -14.37
N LEU B 1254 10.87 -35.15 -14.66
CA LEU B 1254 9.60 -35.25 -13.93
C LEU B 1254 8.82 -36.48 -14.36
N PHE B 1255 8.84 -36.81 -15.65
CA PHE B 1255 8.16 -37.98 -16.19
C PHE B 1255 9.14 -38.97 -16.81
N HIS B 1256 10.38 -38.96 -16.32
CA HIS B 1256 11.36 -39.94 -16.79
C HIS B 1256 10.93 -41.34 -16.39
N PRO B 1257 11.16 -42.35 -17.24
CA PRO B 1257 10.71 -43.71 -16.90
C PRO B 1257 11.29 -44.24 -15.60
N ALA B 1258 12.54 -43.92 -15.29
CA ALA B 1258 13.15 -44.41 -14.06
C ALA B 1258 12.55 -43.70 -12.85
N ARG B 1259 12.41 -44.45 -11.75
CA ARG B 1259 11.83 -43.88 -10.53
C ARG B 1259 12.88 -43.14 -9.69
N LYS B 1260 14.12 -43.63 -9.69
CA LYS B 1260 15.17 -42.97 -8.89
C LYS B 1260 15.38 -41.54 -9.33
N VAL B 1261 15.24 -41.26 -10.62
CA VAL B 1261 15.38 -39.88 -11.09
C VAL B 1261 14.09 -39.09 -10.85
N ARG B 1262 12.92 -39.74 -10.90
CA ARG B 1262 11.68 -39.05 -10.61
C ARG B 1262 11.60 -38.61 -9.17
N ASP B 1263 12.20 -39.36 -8.25
CA ASP B 1263 12.22 -38.94 -6.85
C ASP B 1263 12.98 -37.63 -6.68
N VAL B 1264 14.19 -37.55 -7.23
CA VAL B 1264 15.02 -36.37 -7.02
C VAL B 1264 14.49 -35.18 -7.82
N TYR B 1265 14.12 -35.40 -9.08
CA TYR B 1265 13.60 -34.30 -9.89
C TYR B 1265 12.26 -33.81 -9.36
N TRP B 1266 11.42 -34.72 -8.85
CA TRP B 1266 10.19 -34.27 -8.23
C TRP B 1266 10.44 -33.53 -6.92
N LYS B 1267 11.50 -33.92 -6.19
CA LYS B 1267 11.88 -33.19 -4.99
C LYS B 1267 12.30 -31.76 -5.33
N ILE B 1268 13.19 -31.61 -6.31
CA ILE B 1268 13.60 -30.28 -6.76
C ILE B 1268 12.40 -29.49 -7.24
N TYR B 1269 11.50 -30.14 -8.00
CA TYR B 1269 10.29 -29.46 -8.45
C TYR B 1269 9.43 -29.01 -7.27
N ASN B 1270 9.47 -29.76 -6.16
CA ASN B 1270 8.75 -29.32 -4.97
C ASN B 1270 9.38 -28.08 -4.37
N SER B 1271 10.72 -28.04 -4.30
CA SER B 1271 11.40 -26.85 -3.80
C SER B 1271 11.10 -25.64 -4.68
N ILE B 1272 11.01 -25.85 -5.99
CA ILE B 1272 10.73 -24.75 -6.91
C ILE B 1272 9.24 -24.40 -6.93
N TYR B 1273 8.37 -25.30 -6.49
CA TYR B 1273 6.95 -25.02 -6.50
C TYR B 1273 6.48 -24.34 -5.21
N ILE B 1274 7.03 -24.73 -4.06
CA ILE B 1274 6.65 -24.10 -2.80
C ILE B 1274 7.03 -22.63 -2.80
N GLY B 1275 8.23 -22.31 -3.30
CA GLY B 1275 8.65 -20.94 -3.48
C GLY B 1275 8.39 -20.49 -4.90
N SER B 1276 7.69 -19.35 -5.02
CA SER B 1276 7.33 -18.75 -6.30
C SER B 1276 6.42 -19.69 -7.10
N GLN B 1277 5.28 -20.03 -6.50
CA GLN B 1277 4.26 -20.79 -7.22
C GLN B 1277 3.49 -19.91 -8.19
N ASP B 1278 3.17 -18.68 -7.79
CA ASP B 1278 2.48 -17.75 -8.67
C ASP B 1278 3.34 -17.35 -9.86
N ALA B 1279 4.66 -17.46 -9.75
CA ALA B 1279 5.53 -17.13 -10.86
C ALA B 1279 5.56 -18.23 -11.91
N LEU B 1280 5.32 -19.48 -11.52
CA LEU B 1280 5.35 -20.60 -12.45
C LEU B 1280 4.20 -20.57 -13.45
N ILE B 1281 3.16 -19.77 -13.19
CA ILE B 1281 2.03 -19.69 -14.12
C ILE B 1281 2.49 -19.24 -15.50
N ALA B 1282 3.55 -18.46 -15.57
CA ALA B 1282 4.06 -17.94 -16.84
C ALA B 1282 5.12 -18.84 -17.47
N HIS B 1283 5.57 -19.88 -16.77
CA HIS B 1283 6.66 -20.71 -17.27
C HIS B 1283 6.24 -22.15 -17.55
N TYR B 1284 5.00 -22.53 -17.26
CA TYR B 1284 4.55 -23.88 -17.57
C TYR B 1284 4.53 -24.10 -19.07
N PRO B 1285 5.11 -25.17 -19.57
CA PRO B 1285 5.14 -25.39 -21.02
C PRO B 1285 3.77 -25.74 -21.56
N ARG B 1286 3.60 -25.53 -22.86
CA ARG B 1286 2.36 -25.90 -23.52
C ARG B 1286 2.29 -27.41 -23.68
N ILE B 1287 1.21 -28.01 -23.19
CA ILE B 1287 0.98 -29.44 -23.32
C ILE B 1287 -0.37 -29.63 -24.02
N TYR B 1288 -0.32 -30.21 -25.22
CA TYR B 1288 -1.51 -30.33 -26.03
C TYR B 1288 -2.48 -31.35 -25.44
N ASN B 1289 -3.77 -31.08 -25.61
CA ASN B 1289 -4.80 -31.91 -25.00
C ASN B 1289 -4.94 -33.24 -25.75
N ASP B 1290 -4.97 -34.33 -24.99
CA ASP B 1290 -5.15 -35.66 -25.56
C ASP B 1290 -6.62 -35.92 -25.82
N ASP B 1291 -6.98 -37.18 -26.06
CA ASP B 1291 -8.35 -37.51 -26.45
C ASP B 1291 -9.33 -37.32 -25.31
N LYS B 1292 -8.93 -37.67 -24.09
CA LYS B 1292 -9.86 -37.70 -22.96
C LYS B 1292 -9.86 -36.41 -22.15
N ASN B 1293 -8.90 -35.52 -22.35
CA ASN B 1293 -8.74 -34.36 -21.47
C ASN B 1293 -8.47 -33.11 -22.29
N THR B 1294 -8.64 -31.95 -21.64
CA THR B 1294 -8.38 -30.64 -22.24
C THR B 1294 -7.23 -30.01 -21.46
N TYR B 1295 -6.05 -29.96 -22.09
CA TYR B 1295 -4.81 -29.61 -21.43
C TYR B 1295 -4.24 -28.27 -21.87
N ILE B 1296 -5.00 -27.47 -22.61
CA ILE B 1296 -4.53 -26.18 -23.14
C ILE B 1296 -5.17 -25.06 -22.33
N ARG B 1297 -4.35 -24.13 -21.86
CA ARG B 1297 -4.84 -22.93 -21.21
C ARG B 1297 -5.18 -21.91 -22.29
N TYR B 1298 -6.45 -21.88 -22.69
CA TYR B 1298 -6.85 -21.03 -23.81
C TYR B 1298 -6.84 -19.55 -23.45
N GLU B 1299 -7.01 -19.23 -22.17
CA GLU B 1299 -7.05 -17.81 -21.77
C GLU B 1299 -5.74 -17.11 -22.10
N LEU B 1300 -4.61 -17.75 -21.81
CA LEU B 1300 -3.31 -17.13 -22.10
C LEU B 1300 -3.04 -17.03 -23.59
N ASP B 1301 -3.75 -17.80 -24.42
CA ASP B 1301 -3.59 -17.71 -25.86
C ASP B 1301 -4.43 -16.61 -26.49
N TYR B 1302 -5.18 -15.85 -25.69
CA TYR B 1302 -5.94 -14.73 -26.22
C TYR B 1302 -5.00 -13.67 -26.77
N ILE B 1303 -5.39 -13.05 -27.88
CA ILE B 1303 -4.60 -11.99 -28.51
C ILE B 1303 -5.55 -10.86 -28.88
N LEU B 1304 -5.32 -9.68 -28.32
CA LEU B 1304 -6.13 -8.50 -28.62
C LEU B 1304 -5.61 -7.77 -29.85
N ASP C 17 14.56 -37.16 15.20
CA ASP C 17 15.16 -36.78 16.47
C ASP C 17 14.66 -35.40 16.91
N LEU C 18 15.10 -34.37 16.19
CA LEU C 18 14.67 -32.99 16.42
C LEU C 18 13.93 -32.51 15.18
N ILE C 19 12.89 -31.69 15.39
CA ILE C 19 12.09 -31.19 14.27
C ILE C 19 11.47 -29.85 14.66
N PHE C 20 11.17 -29.04 13.64
CA PHE C 20 10.47 -27.79 13.88
C PHE C 20 9.02 -28.05 14.27
N CYS C 21 8.44 -27.09 15.00
CA CYS C 21 7.04 -27.22 15.42
C CYS C 21 6.09 -27.09 14.23
N ARG C 22 6.28 -26.05 13.42
CA ARG C 22 5.59 -25.81 12.16
C ARG C 22 4.09 -25.57 12.31
N LYS C 23 3.60 -25.32 13.52
CA LYS C 23 2.21 -24.91 13.67
C LYS C 23 2.07 -23.43 13.29
N GLN C 24 0.82 -22.97 13.24
CA GLN C 24 0.55 -21.58 12.89
C GLN C 24 1.07 -20.64 13.98
N ALA C 25 2.01 -19.78 13.59
CA ALA C 25 2.57 -18.83 14.54
C ALA C 25 1.57 -17.71 14.83
N GLY C 26 1.62 -17.20 16.06
CA GLY C 26 0.71 -16.15 16.46
C GLY C 26 1.40 -14.82 16.68
N VAL C 27 1.09 -14.16 17.79
CA VAL C 27 1.64 -12.85 18.10
C VAL C 27 2.76 -12.93 19.14
N ALA C 28 3.21 -14.14 19.47
CA ALA C 28 4.24 -14.34 20.49
C ALA C 28 5.62 -14.24 19.85
N ILE C 29 6.44 -13.33 20.36
CA ILE C 29 7.79 -13.15 19.86
C ILE C 29 8.70 -14.24 20.44
N GLY C 30 9.52 -14.83 19.57
CA GLY C 30 10.46 -15.85 20.03
C GLY C 30 11.72 -15.22 20.61
N ARG C 31 12.23 -15.84 21.67
CA ARG C 31 13.40 -15.34 22.38
C ARG C 31 14.62 -16.20 22.08
N LEU C 32 15.77 -15.70 22.52
CA LEU C 32 17.04 -16.41 22.41
C LEU C 32 17.85 -16.20 23.68
N CYS C 33 18.51 -17.26 24.14
CA CYS C 33 19.35 -17.20 25.32
C CYS C 33 20.70 -16.58 24.97
N GLU C 34 21.55 -16.43 25.99
CA GLU C 34 22.83 -15.77 25.78
C GLU C 34 23.77 -16.60 24.91
N LYS C 35 23.66 -17.94 24.98
CA LYS C 35 24.54 -18.78 24.18
C LYS C 35 24.08 -18.86 22.72
N CYS C 36 22.76 -18.95 22.51
CA CYS C 36 22.18 -19.01 21.17
C CYS C 36 21.67 -17.65 20.72
N ASP C 37 22.41 -16.57 21.00
CA ASP C 37 21.83 -15.24 20.92
C ASP C 37 21.77 -14.70 19.50
N GLY C 38 22.66 -15.15 18.61
CA GLY C 38 22.73 -14.53 17.30
C GLY C 38 22.63 -15.45 16.10
N LYS C 39 21.87 -16.53 16.21
CA LYS C 39 21.73 -17.47 15.10
C LYS C 39 20.31 -17.43 14.56
N CYS C 40 20.19 -17.72 13.27
CA CYS C 40 18.89 -18.00 12.69
C CYS C 40 18.39 -19.35 13.20
N VAL C 41 17.09 -19.41 13.53
CA VAL C 41 16.53 -20.63 14.10
C VAL C 41 16.66 -21.79 13.14
N ILE C 42 16.72 -21.52 11.84
CA ILE C 42 16.68 -22.55 10.82
C ILE C 42 18.08 -22.97 10.39
N CYS C 43 18.89 -22.02 9.93
CA CYS C 43 20.17 -22.33 9.30
C CYS C 43 21.37 -21.99 10.16
N ASP C 44 21.18 -21.53 11.39
CA ASP C 44 22.26 -21.25 12.34
C ASP C 44 23.24 -20.20 11.83
N SER C 45 22.84 -19.36 10.88
CA SER C 45 23.71 -18.35 10.32
C SER C 45 23.67 -17.10 11.18
N TYR C 46 24.85 -16.57 11.51
CA TYR C 46 24.97 -15.43 12.39
C TYR C 46 24.92 -14.09 11.67
N VAL C 47 24.79 -14.08 10.35
CA VAL C 47 24.90 -12.86 9.56
C VAL C 47 23.51 -12.27 9.33
N ARG C 48 23.39 -10.96 9.56
CA ARG C 48 22.24 -10.15 9.20
C ARG C 48 20.92 -10.68 9.76
N PRO C 49 20.70 -10.56 11.07
CA PRO C 49 19.36 -10.84 11.62
C PRO C 49 18.33 -9.89 11.04
N CYS C 50 17.48 -10.40 10.15
CA CYS C 50 16.59 -9.55 9.35
C CYS C 50 15.18 -9.47 9.91
N THR C 51 14.46 -10.59 9.97
CA THR C 51 13.05 -10.60 10.31
C THR C 51 12.83 -11.25 11.66
N LEU C 52 11.95 -10.64 12.47
CA LEU C 52 11.65 -11.12 13.80
C LEU C 52 10.88 -12.44 13.74
N VAL C 53 11.10 -13.28 14.74
CA VAL C 53 10.54 -14.64 14.77
C VAL C 53 9.26 -14.62 15.59
N ARG C 54 8.21 -15.26 15.06
CA ARG C 54 6.96 -15.48 15.76
C ARG C 54 6.81 -16.97 16.05
N ILE C 55 6.23 -17.29 17.21
CA ILE C 55 5.99 -18.67 17.63
C ILE C 55 4.52 -18.84 17.95
N CYS C 56 4.06 -20.09 17.86
CA CYS C 56 2.66 -20.40 18.11
C CYS C 56 2.32 -20.23 19.59
N ASP C 57 1.02 -20.15 19.86
CA ASP C 57 0.57 -19.91 21.23
C ASP C 57 0.91 -21.06 22.15
N GLU C 58 0.83 -22.29 21.64
CA GLU C 58 1.08 -23.46 22.49
C GLU C 58 2.52 -23.53 22.94
N CYS C 59 3.46 -23.33 22.00
CA CYS C 59 4.88 -23.34 22.35
C CYS C 59 5.24 -22.19 23.29
N ASN C 60 4.46 -21.13 23.30
CA ASN C 60 4.66 -20.00 24.19
C ASN C 60 3.55 -19.98 25.23
N TYR C 61 3.62 -20.93 26.17
CA TYR C 61 2.59 -21.03 27.19
C TYR C 61 3.20 -21.48 28.51
N GLY C 62 2.81 -20.81 29.59
CA GLY C 62 3.16 -21.27 30.92
C GLY C 62 4.66 -21.22 31.16
N SER C 63 5.24 -22.39 31.48
CA SER C 63 6.66 -22.46 31.78
C SER C 63 7.53 -22.12 30.58
N TYR C 64 7.00 -22.28 29.36
CA TYR C 64 7.76 -22.00 28.15
C TYR C 64 7.73 -20.53 27.75
N GLN C 65 7.00 -19.69 28.48
CA GLN C 65 6.94 -18.26 28.16
C GLN C 65 8.32 -17.63 28.31
N GLY C 66 8.76 -16.95 27.26
CA GLY C 66 10.07 -16.32 27.25
C GLY C 66 11.23 -17.26 27.11
N ARG C 67 10.99 -18.57 26.95
CA ARG C 67 12.06 -19.52 26.81
C ARG C 67 12.72 -19.40 25.44
N CYS C 68 13.90 -20.01 25.31
CA CYS C 68 14.63 -19.96 24.06
C CYS C 68 13.93 -20.78 22.99
N VAL C 69 14.12 -20.36 21.74
CA VAL C 69 13.52 -21.07 20.61
C VAL C 69 14.39 -22.25 20.19
N ILE C 70 15.71 -22.13 20.32
CA ILE C 70 16.64 -23.15 19.88
C ILE C 70 16.82 -24.22 20.96
N CYS C 71 17.44 -23.85 22.08
CA CYS C 71 17.84 -24.82 23.09
C CYS C 71 16.90 -24.89 24.28
N GLY C 72 16.04 -23.88 24.48
CA GLY C 72 15.09 -23.91 25.58
C GLY C 72 15.58 -23.34 26.88
N GLY C 73 16.64 -22.53 26.86
CA GLY C 73 17.12 -21.88 28.06
C GLY C 73 16.46 -20.54 28.28
N PRO C 74 16.86 -19.84 29.35
CA PRO C 74 16.28 -18.51 29.62
C PRO C 74 16.67 -17.52 28.54
N GLY C 75 15.67 -17.00 27.84
CA GLY C 75 15.93 -16.09 26.74
C GLY C 75 16.30 -14.69 27.22
N VAL C 76 17.31 -14.12 26.57
CA VAL C 76 17.80 -12.79 26.91
C VAL C 76 17.66 -11.80 25.77
N SER C 77 17.30 -12.23 24.57
CA SER C 77 17.09 -11.32 23.45
C SER C 77 15.98 -11.88 22.57
N ASP C 78 15.77 -11.25 21.42
CA ASP C 78 14.74 -11.69 20.48
C ASP C 78 15.37 -12.52 19.36
N ALA C 79 14.59 -13.47 18.85
CA ALA C 79 15.03 -14.36 17.78
C ALA C 79 14.73 -13.74 16.42
N TYR C 80 15.67 -13.89 15.49
CA TYR C 80 15.53 -13.35 14.15
C TYR C 80 15.91 -14.41 13.12
N TYR C 81 15.13 -14.48 12.05
CA TYR C 81 15.59 -15.20 10.86
C TYR C 81 16.69 -14.39 10.18
N CYS C 82 17.60 -15.09 9.52
CA CYS C 82 18.64 -14.40 8.78
C CYS C 82 18.08 -13.77 7.51
N LYS C 83 18.90 -12.96 6.85
CA LYS C 83 18.47 -12.36 5.59
C LYS C 83 18.28 -13.42 4.51
N GLU C 84 19.13 -14.45 4.50
CA GLU C 84 19.00 -15.50 3.50
C GLU C 84 17.67 -16.24 3.64
N CYS C 85 17.24 -16.49 4.87
CA CYS C 85 15.97 -17.17 5.08
C CYS C 85 14.79 -16.25 4.73
N THR C 86 14.94 -14.95 4.96
CA THR C 86 13.87 -14.01 4.60
C THR C 86 13.74 -13.90 3.09
N ILE C 87 14.86 -13.91 2.36
CA ILE C 87 14.83 -13.88 0.90
C ILE C 87 14.07 -15.09 0.36
N GLN C 88 14.39 -16.26 0.89
CA GLN C 88 13.73 -17.51 0.49
C GLN C 88 12.39 -17.72 1.17
N GLU C 89 11.91 -16.71 1.92
CA GLU C 89 10.63 -16.77 2.63
C GLU C 89 10.56 -17.94 3.61
N LYS C 90 11.72 -18.37 4.10
CA LYS C 90 11.75 -19.40 5.14
C LYS C 90 11.20 -18.89 6.47
N ASP C 91 11.02 -17.57 6.61
CA ASP C 91 10.34 -17.02 7.78
C ASP C 91 8.84 -17.25 7.74
N ARG C 92 8.30 -17.62 6.59
CA ARG C 92 6.85 -17.73 6.39
C ARG C 92 6.36 -19.17 6.44
N ASP C 93 7.17 -20.08 6.99
CA ASP C 93 6.70 -21.42 7.31
C ASP C 93 6.08 -21.39 8.71
N GLY C 94 5.80 -22.56 9.28
CA GLY C 94 5.32 -22.61 10.64
C GLY C 94 6.35 -22.08 11.63
N CYS C 95 5.92 -21.98 12.88
CA CYS C 95 6.83 -21.47 13.90
C CYS C 95 8.01 -22.43 14.06
N PRO C 96 9.21 -21.92 14.30
CA PRO C 96 10.39 -22.77 14.15
C PRO C 96 10.96 -23.29 15.46
N LYS C 97 10.18 -23.26 16.54
CA LYS C 97 10.69 -23.74 17.82
C LYS C 97 11.06 -25.21 17.72
N ILE C 98 12.34 -25.51 17.92
CA ILE C 98 12.81 -26.88 17.84
C ILE C 98 12.19 -27.70 18.96
N VAL C 99 11.61 -28.84 18.58
CA VAL C 99 11.07 -29.79 19.55
C VAL C 99 11.81 -31.11 19.38
N ASN C 100 12.20 -31.70 20.51
CA ASN C 100 12.67 -33.07 20.55
C ASN C 100 11.46 -33.99 20.60
N LEU C 101 11.53 -35.08 19.84
CA LEU C 101 10.42 -36.02 19.78
C LEU C 101 10.42 -36.93 21.00
N GLY C 102 10.95 -36.44 22.11
CA GLY C 102 11.00 -37.17 23.37
C GLY C 102 9.98 -36.66 24.36
N SER C 103 10.23 -36.94 25.63
CA SER C 103 9.28 -36.66 26.69
C SER C 103 8.98 -35.16 26.80
N SER C 104 7.84 -34.86 27.42
CA SER C 104 7.43 -33.48 27.68
C SER C 104 8.02 -32.91 28.95
N LYS C 105 8.77 -33.72 29.71
CA LYS C 105 9.33 -33.30 31.00
C LYS C 105 8.24 -32.82 31.96
N VAL D 9 28.28 -2.55 -23.72
CA VAL D 9 27.34 -1.44 -23.62
C VAL D 9 26.39 -1.66 -22.45
N ASP D 10 26.80 -1.22 -21.26
CA ASP D 10 25.96 -1.37 -20.08
C ASP D 10 24.71 -0.49 -20.20
N MET D 11 23.55 -1.09 -19.96
CA MET D 11 22.27 -0.39 -20.08
C MET D 11 21.51 -0.53 -18.76
N PHE D 12 21.62 0.48 -17.91
CA PHE D 12 20.84 0.55 -16.68
C PHE D 12 19.66 1.50 -16.88
N LEU D 13 18.49 1.08 -16.43
CA LEU D 13 17.27 1.85 -16.61
C LEU D 13 16.73 2.33 -15.27
N TYR D 14 15.70 3.16 -15.36
CA TYR D 14 15.13 3.84 -14.19
C TYR D 14 13.66 4.10 -14.51
N ASN D 15 12.77 3.42 -13.78
CA ASN D 15 11.34 3.50 -14.05
C ASN D 15 10.71 4.66 -13.30
N LEU D 16 9.74 5.30 -13.93
CA LEU D 16 8.94 6.33 -13.29
C LEU D 16 7.52 6.28 -13.84
N THR D 17 6.56 6.71 -13.05
CA THR D 17 5.18 6.79 -13.47
C THR D 17 4.80 8.24 -13.68
N LEU D 18 4.12 8.52 -14.79
CA LEU D 18 3.64 9.86 -15.11
C LEU D 18 2.14 10.01 -14.89
N GLN D 19 1.37 9.00 -15.28
CA GLN D 19 -0.07 8.95 -15.03
C GLN D 19 -0.34 7.64 -14.29
N ARG D 20 -0.66 7.74 -13.01
CA ARG D 20 -0.93 6.54 -12.23
C ARG D 20 -2.21 5.87 -12.73
N ALA D 21 -2.34 4.58 -12.39
CA ALA D 21 -3.46 3.79 -12.88
C ALA D 21 -4.80 4.40 -12.47
N THR D 22 -5.71 4.51 -13.45
CA THR D 22 -7.01 5.12 -13.20
C THR D 22 -8.13 4.09 -13.03
N GLY D 23 -7.91 2.83 -13.42
CA GLY D 23 -8.94 1.83 -13.24
C GLY D 23 -9.08 1.41 -11.79
N ILE D 24 -10.32 1.30 -11.34
CA ILE D 24 -10.64 0.99 -9.95
C ILE D 24 -10.99 -0.49 -9.82
N SER D 25 -10.32 -1.17 -8.90
CA SER D 25 -10.64 -2.56 -8.57
C SER D 25 -11.49 -2.70 -7.33
N PHE D 26 -11.37 -1.80 -6.36
CA PHE D 26 -12.20 -1.87 -5.16
C PHE D 26 -12.58 -0.47 -4.71
N ALA D 27 -13.63 -0.40 -3.88
CA ALA D 27 -14.12 0.90 -3.41
C ALA D 27 -14.95 0.68 -2.16
N ILE D 28 -14.49 1.22 -1.03
CA ILE D 28 -15.23 1.19 0.22
C ILE D 28 -15.45 2.63 0.67
N HIS D 29 -16.41 2.82 1.58
CA HIS D 29 -16.72 4.14 2.09
C HIS D 29 -16.87 4.08 3.60
N GLY D 30 -16.62 5.23 4.24
CA GLY D 30 -16.75 5.29 5.67
C GLY D 30 -16.11 6.53 6.23
N ASN D 31 -16.15 6.64 7.56
CA ASN D 31 -15.56 7.77 8.27
C ASN D 31 -14.08 7.50 8.54
N PHE D 32 -13.31 7.50 7.45
CA PHE D 32 -11.89 7.20 7.56
C PHE D 32 -11.12 8.37 8.18
N SER D 33 -11.63 9.59 8.05
CA SER D 33 -11.00 10.75 8.65
C SER D 33 -11.32 10.91 10.12
N GLY D 34 -12.30 10.16 10.64
CA GLY D 34 -12.68 10.28 12.03
C GLY D 34 -13.67 11.36 12.33
N THR D 35 -14.29 11.97 11.32
CA THR D 35 -15.25 13.04 11.49
C THR D 35 -16.61 12.61 10.93
N LYS D 36 -17.52 13.58 10.83
CA LYS D 36 -18.81 13.32 10.22
C LYS D 36 -18.69 13.08 8.71
N GLN D 37 -17.63 13.57 8.09
CA GLN D 37 -17.47 13.44 6.65
C GLN D 37 -17.19 12.00 6.26
N GLN D 38 -17.81 11.55 5.17
CA GLN D 38 -17.59 10.22 4.63
C GLN D 38 -16.62 10.29 3.46
N GLU D 39 -15.61 9.44 3.47
CA GLU D 39 -14.65 9.33 2.39
C GLU D 39 -14.76 7.95 1.74
N ILE D 40 -14.13 7.84 0.57
CA ILE D 40 -14.16 6.63 -0.24
C ILE D 40 -12.72 6.18 -0.44
N VAL D 41 -12.34 5.09 0.21
CA VAL D 41 -11.05 4.45 -0.01
C VAL D 41 -11.22 3.50 -1.19
N VAL D 42 -10.65 3.87 -2.33
CA VAL D 42 -10.67 3.03 -3.51
C VAL D 42 -9.30 2.39 -3.67
N SER D 43 -9.28 1.25 -4.35
CA SER D 43 -8.06 0.55 -4.72
C SER D 43 -8.03 0.45 -6.23
N ARG D 44 -7.06 1.14 -6.84
CA ARG D 44 -6.61 0.82 -8.18
C ARG D 44 -5.86 -0.52 -8.10
N GLY D 45 -5.11 -0.85 -9.15
CA GLY D 45 -4.39 -2.10 -9.16
C GLY D 45 -3.41 -2.24 -8.01
N LYS D 46 -2.32 -1.48 -8.08
CA LYS D 46 -1.25 -1.52 -7.09
C LYS D 46 -1.14 -0.22 -6.29
N ILE D 47 -2.22 0.55 -6.21
CA ILE D 47 -2.22 1.86 -5.58
C ILE D 47 -3.45 1.99 -4.70
N LEU D 48 -3.26 2.32 -3.43
CA LEU D 48 -4.36 2.61 -2.54
C LEU D 48 -4.61 4.11 -2.54
N GLU D 49 -5.88 4.50 -2.65
CA GLU D 49 -6.22 5.90 -2.87
C GLU D 49 -7.39 6.30 -1.98
N LEU D 50 -7.30 7.48 -1.38
CA LEU D 50 -8.34 8.01 -0.52
C LEU D 50 -8.96 9.23 -1.19
N LEU D 51 -10.25 9.14 -1.50
CA LEU D 51 -11.01 10.19 -2.18
C LEU D 51 -12.06 10.76 -1.22
N ARG D 52 -12.46 12.00 -1.48
CA ARG D 52 -13.48 12.68 -0.69
C ARG D 52 -14.50 13.34 -1.60
N PRO D 53 -15.72 12.81 -1.67
CA PRO D 53 -16.79 13.49 -2.42
C PRO D 53 -17.38 14.64 -1.62
N ASP D 54 -17.47 15.81 -2.24
CA ASP D 54 -17.95 17.00 -1.56
C ASP D 54 -19.48 17.05 -1.60
N PRO D 55 -20.16 17.12 -0.46
CA PRO D 55 -21.62 17.30 -0.48
C PRO D 55 -22.06 18.65 -1.01
N ASN D 56 -21.15 19.62 -1.12
CA ASN D 56 -21.51 20.95 -1.61
C ASN D 56 -21.39 21.02 -3.13
N THR D 57 -20.15 20.96 -3.64
CA THR D 57 -19.93 21.07 -5.08
C THR D 57 -20.13 19.75 -5.81
N GLY D 58 -20.18 18.64 -5.10
CA GLY D 58 -20.41 17.36 -5.75
C GLY D 58 -19.25 16.84 -6.56
N LYS D 59 -18.02 17.28 -6.26
CA LYS D 59 -16.83 16.82 -6.96
C LYS D 59 -16.04 15.88 -6.08
N VAL D 60 -15.37 14.92 -6.71
CA VAL D 60 -14.54 13.94 -6.02
C VAL D 60 -13.09 14.39 -6.09
N HIS D 61 -12.50 14.69 -4.94
CA HIS D 61 -11.11 15.10 -4.84
C HIS D 61 -10.28 13.96 -4.26
N THR D 62 -9.10 13.75 -4.83
CA THR D 62 -8.20 12.70 -4.36
C THR D 62 -7.41 13.26 -3.17
N LEU D 63 -7.80 12.85 -1.97
CA LEU D 63 -7.09 13.29 -0.76
C LEU D 63 -5.70 12.70 -0.69
N LEU D 64 -5.57 11.40 -0.95
CA LEU D 64 -4.29 10.74 -0.79
C LEU D 64 -4.14 9.66 -1.84
N THR D 65 -2.90 9.38 -2.22
CA THR D 65 -2.61 8.30 -3.17
C THR D 65 -1.24 7.72 -2.86
N VAL D 66 -1.22 6.44 -2.47
CA VAL D 66 0.00 5.77 -2.03
C VAL D 66 0.19 4.53 -2.89
N GLU D 67 1.43 4.32 -3.35
CA GLU D 67 1.79 3.15 -4.13
C GLU D 67 2.19 2.04 -3.16
N VAL D 68 1.48 0.90 -3.20
CA VAL D 68 1.70 -0.16 -2.23
C VAL D 68 2.68 -1.23 -2.71
N PHE D 69 3.09 -1.17 -3.98
CA PHE D 69 4.07 -2.12 -4.53
C PHE D 69 3.64 -3.57 -4.28
N GLY D 70 2.39 -3.85 -4.61
CA GLY D 70 1.84 -5.18 -4.40
C GLY D 70 0.46 -5.28 -5.01
N VAL D 71 -0.01 -6.52 -5.13
CA VAL D 71 -1.29 -6.80 -5.75
C VAL D 71 -2.37 -6.79 -4.67
N ILE D 72 -3.24 -5.79 -4.71
CA ILE D 72 -4.36 -5.71 -3.77
C ILE D 72 -5.47 -6.61 -4.29
N ARG D 73 -5.92 -7.54 -3.45
CA ARG D 73 -6.93 -8.51 -3.83
C ARG D 73 -8.23 -8.42 -3.07
N SER D 74 -8.26 -7.72 -1.93
CA SER D 74 -9.47 -7.57 -1.15
C SER D 74 -9.34 -6.33 -0.26
N LEU D 75 -10.44 -5.61 -0.08
CA LEU D 75 -10.41 -4.34 0.64
C LEU D 75 -11.68 -4.23 1.47
N MET D 76 -11.52 -4.11 2.79
CA MET D 76 -12.64 -4.01 3.71
C MET D 76 -12.37 -2.93 4.75
N ALA D 77 -13.44 -2.39 5.32
CA ALA D 77 -13.37 -1.44 6.41
C ALA D 77 -14.21 -1.94 7.57
N PHE D 78 -13.82 -1.54 8.79
CA PHE D 78 -14.55 -1.95 9.97
C PHE D 78 -14.44 -0.87 11.03
N ARG D 79 -15.18 -1.06 12.12
CA ARG D 79 -15.18 -0.13 13.24
C ARG D 79 -15.49 -0.91 14.52
N LEU D 80 -14.74 -0.62 15.57
CA LEU D 80 -14.98 -1.24 16.86
C LEU D 80 -16.22 -0.65 17.52
N THR D 81 -16.74 -1.37 18.51
CA THR D 81 -17.90 -0.90 19.25
C THR D 81 -17.59 0.44 19.92
N GLY D 82 -18.54 1.37 19.84
CA GLY D 82 -18.33 2.69 20.36
C GLY D 82 -17.30 3.51 19.61
N GLY D 83 -16.82 3.02 18.48
CA GLY D 83 -15.80 3.73 17.74
C GLY D 83 -16.36 4.86 16.91
N THR D 84 -15.46 5.75 16.48
CA THR D 84 -15.81 6.90 15.65
C THR D 84 -14.93 7.00 14.42
N LYS D 85 -14.14 5.99 14.12
CA LYS D 85 -13.20 6.04 13.01
C LYS D 85 -13.05 4.63 12.43
N ASP D 86 -13.08 4.55 11.10
CA ASP D 86 -13.04 3.28 10.40
C ASP D 86 -11.61 2.94 9.99
N TYR D 87 -11.18 1.72 10.30
CA TYR D 87 -9.89 1.22 9.86
C TYR D 87 -10.00 0.59 8.48
N ILE D 88 -8.88 0.14 7.94
CA ILE D 88 -8.82 -0.39 6.57
C ILE D 88 -8.03 -1.69 6.59
N VAL D 89 -8.72 -2.82 6.45
CA VAL D 89 -8.06 -4.12 6.33
C VAL D 89 -7.81 -4.40 4.86
N VAL D 90 -6.58 -4.77 4.52
CA VAL D 90 -6.18 -4.95 3.12
C VAL D 90 -5.63 -6.35 2.94
N GLY D 91 -6.30 -7.15 2.11
CA GLY D 91 -5.77 -8.44 1.70
C GLY D 91 -4.94 -8.31 0.44
N SER D 92 -3.66 -8.68 0.51
CA SER D 92 -2.70 -8.42 -0.54
C SER D 92 -2.15 -9.73 -1.09
N ASP D 93 -1.25 -9.60 -2.07
CA ASP D 93 -0.49 -10.73 -2.60
C ASP D 93 0.70 -11.08 -1.72
N SER D 94 0.93 -10.32 -0.64
CA SER D 94 1.88 -10.73 0.38
C SER D 94 1.27 -11.84 1.24
N GLY D 95 2.14 -12.48 2.02
CA GLY D 95 1.66 -13.49 2.95
C GLY D 95 1.21 -12.86 4.25
N ARG D 96 0.83 -11.59 4.20
CA ARG D 96 0.52 -10.81 5.39
C ARG D 96 -0.82 -10.12 5.24
N ILE D 97 -1.49 -9.91 6.38
CA ILE D 97 -2.69 -9.09 6.46
C ILE D 97 -2.31 -7.80 7.19
N VAL D 98 -2.83 -6.67 6.70
CA VAL D 98 -2.48 -5.37 7.23
C VAL D 98 -3.75 -4.60 7.57
N ILE D 99 -3.74 -3.96 8.73
CA ILE D 99 -4.80 -3.04 9.16
C ILE D 99 -4.20 -1.64 9.24
N LEU D 100 -4.83 -0.69 8.56
CA LEU D 100 -4.34 0.66 8.36
C LEU D 100 -5.31 1.66 8.95
N GLU D 101 -4.77 2.85 9.28
CA GLU D 101 -5.57 3.95 9.81
C GLU D 101 -5.12 5.23 9.13
N TYR D 102 -6.05 5.94 8.50
CA TYR D 102 -5.73 7.20 7.86
C TYR D 102 -5.57 8.29 8.91
N GLN D 103 -4.58 9.16 8.72
CA GLN D 103 -4.32 10.26 9.64
C GLN D 103 -4.50 11.59 8.91
N PRO D 104 -5.55 12.36 9.22
CA PRO D 104 -5.75 13.63 8.50
C PRO D 104 -4.69 14.67 8.78
N SER D 105 -4.15 14.69 10.00
CA SER D 105 -3.14 15.69 10.34
C SER D 105 -1.84 15.46 9.58
N LYS D 106 -1.55 14.21 9.21
CA LYS D 106 -0.33 13.88 8.50
C LYS D 106 -0.57 13.43 7.06
N ASN D 107 -1.83 13.23 6.67
CA ASN D 107 -2.20 12.81 5.32
C ASN D 107 -1.39 11.59 4.88
N MET D 108 -1.57 10.50 5.62
CA MET D 108 -0.85 9.27 5.35
C MET D 108 -1.61 8.11 5.99
N PHE D 109 -1.41 6.92 5.43
CA PHE D 109 -1.96 5.68 5.99
C PHE D 109 -0.97 5.14 7.00
N GLU D 110 -1.35 5.16 8.28
CA GLU D 110 -0.53 4.58 9.34
C GLU D 110 -0.86 3.10 9.45
N LYS D 111 0.14 2.26 9.16
CA LYS D 111 -0.02 0.81 9.28
C LYS D 111 -0.14 0.45 10.75
N ILE D 112 -1.36 0.11 11.18
CA ILE D 112 -1.57 -0.24 12.59
C ILE D 112 -1.09 -1.65 12.87
N HIS D 113 -1.45 -2.60 12.02
CA HIS D 113 -1.07 -3.98 12.26
C HIS D 113 -0.66 -4.67 10.96
N GLN D 114 0.15 -5.71 11.09
CA GLN D 114 0.63 -6.49 9.96
C GLN D 114 1.07 -7.85 10.48
N GLU D 115 0.37 -8.91 10.06
CA GLU D 115 0.65 -10.26 10.54
C GLU D 115 0.98 -11.17 9.36
N THR D 116 1.96 -12.05 9.56
CA THR D 116 2.54 -12.87 8.50
C THR D 116 2.07 -14.31 8.66
N PHE D 117 1.37 -14.83 7.64
CA PHE D 117 0.82 -16.17 7.70
C PHE D 117 1.20 -17.07 6.53
N GLY D 118 1.56 -16.53 5.37
CA GLY D 118 1.85 -17.37 4.23
C GLY D 118 2.93 -16.84 3.31
N LYS D 119 3.01 -17.41 2.11
CA LYS D 119 4.00 -16.99 1.12
C LYS D 119 3.45 -15.86 0.25
N SER D 120 4.33 -15.30 -0.58
CA SER D 120 3.99 -14.15 -1.41
C SER D 120 3.44 -14.60 -2.76
N GLY D 121 2.56 -13.77 -3.32
CA GLY D 121 1.95 -14.03 -4.60
C GLY D 121 0.45 -14.27 -4.47
N CYS D 122 -0.22 -14.21 -5.63
CA CYS D 122 -1.63 -14.54 -5.72
C CYS D 122 -1.78 -16.06 -5.78
N ARG D 123 -1.52 -16.69 -4.66
CA ARG D 123 -1.42 -18.14 -4.62
C ARG D 123 -2.80 -18.79 -4.46
N ARG D 124 -2.83 -20.10 -4.72
CA ARG D 124 -4.07 -20.86 -4.66
C ARG D 124 -4.56 -21.01 -3.23
N ILE D 125 -3.67 -21.46 -2.34
CA ILE D 125 -4.06 -21.86 -0.99
C ILE D 125 -3.51 -20.91 0.07
N VAL D 126 -2.93 -19.78 -0.33
CA VAL D 126 -2.43 -18.77 0.61
C VAL D 126 -3.49 -17.67 0.72
N PRO D 127 -4.00 -17.38 1.92
CA PRO D 127 -5.06 -16.38 2.04
C PRO D 127 -4.64 -15.01 1.55
N GLY D 128 -5.65 -14.18 1.27
CA GLY D 128 -5.41 -12.85 0.77
C GLY D 128 -6.35 -12.46 -0.35
N GLN D 129 -7.07 -13.44 -0.90
CA GLN D 129 -8.01 -13.14 -1.98
C GLN D 129 -9.36 -12.70 -1.43
N PHE D 130 -9.79 -13.28 -0.32
CA PHE D 130 -11.09 -12.96 0.26
C PHE D 130 -10.90 -12.40 1.66
N LEU D 131 -11.82 -11.50 2.03
CA LEU D 131 -11.70 -10.75 3.28
C LEU D 131 -13.12 -10.38 3.71
N ALA D 132 -13.57 -10.92 4.84
CA ALA D 132 -14.88 -10.61 5.39
C ALA D 132 -14.74 -10.25 6.86
N VAL D 133 -15.47 -9.23 7.29
CA VAL D 133 -15.32 -8.71 8.64
C VAL D 133 -16.66 -8.78 9.36
N ASP D 134 -16.59 -9.05 10.67
CA ASP D 134 -17.79 -9.03 11.49
C ASP D 134 -18.34 -7.60 11.56
N PRO D 135 -19.64 -7.40 11.32
CA PRO D 135 -20.18 -6.04 11.28
C PRO D 135 -20.03 -5.25 12.58
N LYS D 136 -19.70 -5.90 13.70
CA LYS D 136 -19.41 -5.19 14.93
C LYS D 136 -17.91 -4.99 15.15
N GLY D 137 -17.08 -5.40 14.19
CA GLY D 137 -15.65 -5.19 14.26
C GLY D 137 -14.90 -6.08 15.23
N ARG D 138 -15.51 -7.17 15.70
CA ARG D 138 -14.88 -8.00 16.71
C ARG D 138 -13.88 -8.97 16.11
N ALA D 139 -14.04 -9.34 14.83
CA ALA D 139 -13.16 -10.31 14.21
C ALA D 139 -13.11 -10.09 12.71
N VAL D 140 -11.98 -10.45 12.11
CA VAL D 140 -11.77 -10.36 10.68
C VAL D 140 -11.34 -11.72 10.18
N MET D 141 -11.82 -12.11 9.00
CA MET D 141 -11.53 -13.40 8.39
C MET D 141 -10.92 -13.18 7.02
N ILE D 142 -9.69 -13.62 6.84
CA ILE D 142 -8.99 -13.57 5.56
C ILE D 142 -8.84 -15.00 5.06
N SER D 143 -9.20 -15.22 3.80
CA SER D 143 -9.27 -16.58 3.28
C SER D 143 -8.76 -16.62 1.84
N ALA D 144 -8.21 -17.77 1.48
CA ALA D 144 -7.74 -18.04 0.13
C ALA D 144 -8.88 -18.55 -0.73
N ILE D 145 -8.58 -18.79 -2.01
CA ILE D 145 -9.58 -19.38 -2.89
C ILE D 145 -9.85 -20.82 -2.50
N GLU D 146 -8.85 -21.52 -1.95
CA GLU D 146 -8.99 -22.93 -1.65
C GLU D 146 -8.27 -23.31 -0.37
N LYS D 147 -9.00 -23.96 0.54
CA LYS D 147 -8.46 -24.86 1.56
C LYS D 147 -7.96 -24.16 2.82
N GLN D 148 -7.67 -22.86 2.75
CA GLN D 148 -7.11 -22.16 3.90
C GLN D 148 -7.93 -20.93 4.26
N LYS D 149 -8.24 -20.79 5.55
CA LYS D 149 -9.03 -19.69 6.08
C LYS D 149 -8.51 -19.36 7.47
N LEU D 150 -8.28 -18.07 7.73
CA LEU D 150 -7.76 -17.63 9.02
C LEU D 150 -8.62 -16.51 9.58
N VAL D 151 -8.74 -16.49 10.90
CA VAL D 151 -9.59 -15.52 11.60
C VAL D 151 -8.78 -14.88 12.72
N TYR D 152 -8.71 -13.55 12.72
CA TYR D 152 -8.10 -12.77 13.78
C TYR D 152 -9.17 -12.05 14.58
N ILE D 153 -8.91 -11.85 15.87
CA ILE D 153 -9.83 -11.17 16.78
C ILE D 153 -9.29 -9.78 17.05
N LEU D 154 -10.17 -8.78 17.00
CA LEU D 154 -9.80 -7.37 17.12
C LEU D 154 -10.36 -6.83 18.43
N ASN D 155 -9.46 -6.34 19.29
CA ASN D 155 -9.85 -5.77 20.57
C ASN D 155 -8.94 -4.60 20.89
N ARG D 156 -9.52 -3.49 21.33
CA ARG D 156 -8.74 -2.31 21.69
C ARG D 156 -8.28 -2.39 23.14
N ASP D 157 -7.12 -1.80 23.40
CA ASP D 157 -6.52 -1.82 24.72
C ASP D 157 -7.03 -0.63 25.54
N ALA D 158 -6.41 -0.38 26.70
CA ALA D 158 -6.82 0.72 27.55
C ALA D 158 -6.56 2.07 26.89
N ALA D 159 -5.51 2.17 26.08
CA ALA D 159 -5.20 3.39 25.35
C ALA D 159 -6.05 3.58 24.10
N ALA D 160 -7.11 2.77 23.95
CA ALA D 160 -8.04 2.84 22.82
C ALA D 160 -7.38 2.54 21.47
N ARG D 161 -6.23 1.88 21.49
CA ARG D 161 -5.57 1.49 20.25
C ARG D 161 -5.97 0.07 19.86
N LEU D 162 -6.23 -0.12 18.58
CA LEU D 162 -6.63 -1.43 18.07
C LEU D 162 -5.53 -2.46 18.30
N THR D 163 -5.93 -3.65 18.76
CA THR D 163 -5.01 -4.77 18.95
C THR D 163 -5.56 -5.99 18.22
N ILE D 164 -4.64 -6.80 17.70
CA ILE D 164 -4.99 -8.00 16.95
C ILE D 164 -4.51 -9.22 17.73
N SER D 165 -5.16 -10.35 17.47
CA SER D 165 -4.89 -11.60 18.17
C SER D 165 -4.10 -12.55 17.27
N SER D 166 -3.89 -13.76 17.76
CA SER D 166 -3.29 -14.81 16.96
C SER D 166 -4.32 -15.39 16.00
N PRO D 167 -3.89 -15.93 14.87
CA PRO D 167 -4.85 -16.45 13.90
C PRO D 167 -5.50 -17.73 14.39
N LEU D 168 -6.76 -17.92 14.00
CA LEU D 168 -7.52 -19.12 14.30
C LEU D 168 -7.77 -19.88 13.01
N GLU D 169 -7.33 -21.14 12.97
CA GLU D 169 -7.43 -21.93 11.74
C GLU D 169 -8.87 -22.38 11.51
N ALA D 170 -9.31 -22.25 10.25
CA ALA D 170 -10.62 -22.72 9.81
C ALA D 170 -10.50 -23.48 8.49
N HIS D 171 -9.41 -24.20 8.31
CA HIS D 171 -9.12 -24.85 7.04
C HIS D 171 -10.08 -26.01 6.79
N LYS D 172 -10.25 -26.33 5.51
CA LYS D 172 -11.09 -27.45 5.09
C LYS D 172 -10.57 -27.93 3.74
N ALA D 173 -10.00 -29.14 3.72
CA ALA D 173 -9.31 -29.62 2.55
C ALA D 173 -10.25 -29.83 1.37
N ASN D 174 -9.72 -29.63 0.16
CA ASN D 174 -10.44 -29.87 -1.09
C ASN D 174 -11.69 -29.00 -1.20
N THR D 175 -11.60 -27.76 -0.72
CA THR D 175 -12.72 -26.84 -0.69
C THR D 175 -12.38 -25.58 -1.48
N LEU D 176 -13.28 -25.18 -2.38
CA LEU D 176 -13.15 -23.96 -3.15
C LEU D 176 -14.15 -22.93 -2.63
N VAL D 177 -13.72 -21.68 -2.53
CA VAL D 177 -14.53 -20.62 -1.95
C VAL D 177 -14.91 -19.64 -3.05
N TYR D 178 -16.21 -19.46 -3.27
CA TYR D 178 -16.68 -18.49 -4.26
C TYR D 178 -16.72 -17.08 -3.68
N HIS D 179 -17.15 -16.94 -2.42
CA HIS D 179 -17.26 -15.64 -1.79
C HIS D 179 -17.42 -15.83 -0.29
N VAL D 180 -16.84 -14.91 0.48
CA VAL D 180 -16.95 -14.90 1.94
C VAL D 180 -17.61 -13.59 2.35
N VAL D 181 -18.45 -13.66 3.37
CA VAL D 181 -19.22 -12.50 3.85
C VAL D 181 -19.46 -12.68 5.34
N GLY D 182 -19.21 -11.63 6.11
CA GLY D 182 -19.54 -11.65 7.52
C GLY D 182 -21.03 -11.43 7.74
N VAL D 183 -21.60 -12.22 8.65
CA VAL D 183 -23.03 -12.18 8.93
C VAL D 183 -23.28 -11.21 10.08
N ASP D 184 -24.31 -10.38 9.93
CA ASP D 184 -24.65 -9.38 10.94
C ASP D 184 -25.49 -10.06 12.02
N VAL D 185 -24.81 -10.54 13.06
CA VAL D 185 -25.48 -11.05 14.25
C VAL D 185 -25.35 -10.02 15.36
N GLY D 186 -26.43 -9.81 16.10
CA GLY D 186 -26.46 -8.78 17.12
C GLY D 186 -25.62 -9.09 18.33
N PHE D 187 -24.30 -8.90 18.20
CA PHE D 187 -23.33 -9.16 19.26
C PHE D 187 -23.37 -10.60 19.76
N GLU D 188 -23.88 -11.52 18.93
CA GLU D 188 -23.76 -12.94 19.20
C GLU D 188 -22.34 -13.38 18.81
N ASN D 189 -22.09 -14.68 18.81
CA ASN D 189 -20.81 -15.17 18.33
C ASN D 189 -20.66 -14.85 16.85
N PRO D 190 -19.52 -14.32 16.42
CA PRO D 190 -19.37 -13.88 15.02
C PRO D 190 -19.60 -15.03 14.05
N MET D 191 -20.29 -14.72 12.96
CA MET D 191 -20.61 -15.68 11.91
C MET D 191 -20.00 -15.23 10.60
N PHE D 192 -19.47 -16.18 9.85
CA PHE D 192 -18.88 -15.95 8.53
C PHE D 192 -19.51 -16.94 7.56
N ALA D 193 -20.43 -16.46 6.72
CA ALA D 193 -21.05 -17.29 5.70
C ALA D 193 -20.21 -17.21 4.42
N CYS D 194 -20.09 -18.35 3.74
CA CYS D 194 -19.31 -18.37 2.50
C CYS D 194 -19.83 -19.48 1.60
N LEU D 195 -19.55 -19.32 0.31
CA LEU D 195 -19.94 -20.29 -0.71
C LEU D 195 -18.78 -21.26 -0.94
N GLU D 196 -19.02 -22.54 -0.70
CA GLU D 196 -17.99 -23.56 -0.83
C GLU D 196 -18.38 -24.59 -1.87
N MET D 197 -17.40 -25.40 -2.29
CA MET D 197 -17.65 -26.45 -3.27
C MET D 197 -16.56 -27.49 -3.12
N ASP D 198 -16.94 -28.70 -2.71
CA ASP D 198 -15.99 -29.78 -2.48
C ASP D 198 -15.77 -30.54 -3.79
N TYR D 199 -14.53 -30.60 -4.24
CA TYR D 199 -14.18 -31.28 -5.48
C TYR D 199 -13.49 -32.62 -5.24
N GLU D 200 -13.56 -33.15 -4.02
CA GLU D 200 -12.87 -34.41 -3.73
C GLU D 200 -13.47 -35.57 -4.51
N GLU D 201 -14.79 -35.56 -4.70
CA GLU D 201 -15.43 -36.63 -5.45
C GLU D 201 -15.26 -36.44 -6.95
N ALA D 202 -15.24 -35.19 -7.43
CA ALA D 202 -15.12 -34.94 -8.85
C ALA D 202 -13.78 -35.36 -9.40
N ASP D 203 -12.75 -35.45 -8.57
CA ASP D 203 -11.42 -35.84 -9.01
C ASP D 203 -11.19 -37.34 -8.94
N ASN D 204 -12.09 -38.10 -8.31
CA ASN D 204 -11.93 -39.54 -8.14
C ASN D 204 -13.02 -40.32 -8.87
N ASP D 205 -13.51 -39.78 -9.99
CA ASP D 205 -14.58 -40.42 -10.76
C ASP D 205 -14.27 -40.25 -12.24
N PRO D 206 -13.65 -41.25 -12.88
CA PRO D 206 -13.28 -41.12 -14.30
C PRO D 206 -14.48 -41.01 -15.24
N THR D 207 -15.71 -41.16 -14.76
CA THR D 207 -16.88 -41.06 -15.60
C THR D 207 -17.38 -39.63 -15.76
N GLY D 208 -17.06 -38.74 -14.83
CA GLY D 208 -17.57 -37.40 -14.83
C GLY D 208 -18.91 -37.22 -14.18
N GLU D 209 -19.49 -38.29 -13.63
CA GLU D 209 -20.78 -38.17 -12.97
C GLU D 209 -20.66 -37.39 -11.66
N ALA D 210 -19.55 -37.57 -10.94
CA ALA D 210 -19.34 -36.80 -9.72
C ALA D 210 -19.07 -35.33 -10.02
N ALA D 211 -18.55 -35.02 -11.21
CA ALA D 211 -18.38 -33.63 -11.60
C ALA D 211 -19.73 -32.94 -11.72
N ALA D 212 -20.67 -33.58 -12.41
CA ALA D 212 -22.03 -33.07 -12.44
C ALA D 212 -22.72 -33.31 -11.10
N ASN D 213 -23.94 -32.76 -10.98
CA ASN D 213 -24.76 -32.82 -9.76
C ASN D 213 -23.95 -32.52 -8.50
N THR D 214 -22.90 -31.71 -8.63
CA THR D 214 -22.09 -31.26 -7.50
C THR D 214 -22.31 -29.75 -7.38
N GLN D 215 -23.16 -29.35 -6.44
CA GLN D 215 -23.52 -27.96 -6.27
C GLN D 215 -22.80 -27.36 -5.06
N GLN D 216 -22.68 -26.03 -5.06
CA GLN D 216 -22.02 -25.35 -3.97
C GLN D 216 -22.92 -25.32 -2.73
N THR D 217 -22.29 -25.11 -1.58
CA THR D 217 -22.96 -25.11 -0.29
C THR D 217 -22.71 -23.80 0.41
N LEU D 218 -23.79 -23.19 0.90
CA LEU D 218 -23.68 -22.04 1.80
C LEU D 218 -23.34 -22.56 3.20
N THR D 219 -22.18 -22.17 3.71
CA THR D 219 -21.70 -22.65 5.00
C THR D 219 -21.49 -21.49 5.96
N PHE D 220 -21.94 -21.67 7.20
CA PHE D 220 -21.78 -20.68 8.25
C PHE D 220 -20.72 -21.17 9.22
N TYR D 221 -19.63 -20.40 9.33
CA TYR D 221 -18.58 -20.66 10.30
C TYR D 221 -18.80 -19.78 11.52
N GLU D 222 -18.78 -20.39 12.70
CA GLU D 222 -18.97 -19.64 13.94
C GLU D 222 -17.65 -19.48 14.67
N LEU D 223 -17.43 -18.29 15.23
CA LEU D 223 -16.29 -18.02 16.09
C LEU D 223 -16.76 -18.10 17.53
N ASP D 224 -16.50 -19.22 18.18
CA ASP D 224 -16.74 -19.34 19.60
C ASP D 224 -15.73 -18.49 20.35
N LEU D 225 -16.20 -17.35 20.87
CA LEU D 225 -15.34 -16.43 21.61
C LEU D 225 -15.04 -16.96 23.01
N GLY D 226 -16.04 -17.55 23.67
CA GLY D 226 -15.82 -18.10 24.99
C GLY D 226 -14.87 -19.29 24.98
N LEU D 227 -14.87 -20.06 23.91
CA LEU D 227 -13.94 -21.18 23.75
C LEU D 227 -12.78 -20.87 22.82
N ASN D 228 -12.81 -19.71 22.15
CA ASN D 228 -11.70 -19.24 21.33
C ASN D 228 -11.36 -20.24 20.21
N HIS D 229 -12.37 -20.60 19.43
CA HIS D 229 -12.12 -21.49 18.30
C HIS D 229 -13.24 -21.36 17.29
N VAL D 230 -12.90 -21.54 16.02
CA VAL D 230 -13.85 -21.44 14.91
C VAL D 230 -14.30 -22.85 14.53
N VAL D 231 -15.58 -23.00 14.24
CA VAL D 231 -16.15 -24.29 13.90
C VAL D 231 -17.10 -24.12 12.71
N ARG D 232 -17.02 -25.05 11.74
CA ARG D 232 -17.99 -25.13 10.66
C ARG D 232 -19.32 -25.55 11.26
N LYS D 233 -20.07 -24.56 11.77
CA LYS D 233 -21.30 -24.88 12.48
C LYS D 233 -22.40 -25.30 11.52
N TYR D 234 -22.61 -24.54 10.44
CA TYR D 234 -23.75 -24.77 9.57
C TYR D 234 -23.31 -24.93 8.13
N SER D 235 -24.17 -25.57 7.33
CA SER D 235 -23.93 -25.80 5.91
C SER D 235 -25.21 -26.35 5.28
N GLU D 236 -25.54 -25.86 4.08
CA GLU D 236 -26.68 -26.35 3.33
C GLU D 236 -26.39 -26.19 1.84
N PRO D 237 -26.72 -27.17 1.02
CA PRO D 237 -26.50 -27.03 -0.42
C PRO D 237 -27.42 -26.00 -1.05
N LEU D 238 -26.95 -25.40 -2.14
CA LEU D 238 -27.71 -24.40 -2.88
C LEU D 238 -28.27 -25.00 -4.16
N GLU D 239 -29.41 -24.46 -4.60
CA GLU D 239 -30.08 -25.00 -5.78
C GLU D 239 -29.27 -24.76 -7.04
N GLU D 240 -28.65 -23.58 -7.16
CA GLU D 240 -27.77 -23.28 -8.27
C GLU D 240 -26.59 -22.46 -7.76
N HIS D 241 -25.51 -22.46 -8.54
CA HIS D 241 -24.29 -21.79 -8.12
C HIS D 241 -24.50 -20.28 -8.04
N GLY D 242 -24.02 -19.68 -6.96
CA GLY D 242 -24.09 -18.24 -6.78
C GLY D 242 -22.75 -17.57 -6.96
N ASN D 243 -22.77 -16.28 -7.31
CA ASN D 243 -21.53 -15.54 -7.55
C ASN D 243 -21.07 -14.73 -6.35
N PHE D 244 -21.98 -14.11 -5.59
CA PHE D 244 -21.59 -13.37 -4.41
C PHE D 244 -22.77 -13.24 -3.47
N LEU D 245 -22.48 -12.75 -2.26
CA LEU D 245 -23.43 -12.61 -1.17
C LEU D 245 -23.56 -11.14 -0.77
N ILE D 246 -24.57 -10.88 0.06
CA ILE D 246 -24.85 -9.55 0.58
C ILE D 246 -25.19 -9.68 2.06
N THR D 247 -24.52 -8.89 2.90
CA THR D 247 -24.79 -8.92 4.33
C THR D 247 -26.14 -8.25 4.61
N VAL D 248 -27.08 -9.02 5.15
CA VAL D 248 -28.37 -8.46 5.57
C VAL D 248 -28.21 -7.98 7.00
N PRO D 249 -28.55 -6.73 7.31
CA PRO D 249 -28.38 -6.23 8.67
C PRO D 249 -29.24 -6.99 9.67
N GLY D 250 -28.66 -7.30 10.82
CA GLY D 250 -29.35 -8.05 11.84
C GLY D 250 -29.33 -7.38 13.19
N GLY D 251 -29.65 -8.14 14.24
CA GLY D 251 -29.66 -7.56 15.57
C GLY D 251 -30.82 -6.59 15.72
N SER D 252 -30.49 -5.37 16.17
CA SER D 252 -31.54 -4.38 16.40
C SER D 252 -32.14 -3.87 15.09
N ASP D 253 -31.36 -3.88 14.01
CA ASP D 253 -31.80 -3.37 12.71
C ASP D 253 -31.92 -4.54 11.75
N GLY D 254 -33.16 -4.83 11.34
CA GLY D 254 -33.41 -5.86 10.36
C GLY D 254 -33.15 -7.27 10.86
N PRO D 255 -33.54 -8.27 10.09
CA PRO D 255 -33.23 -9.66 10.45
C PRO D 255 -31.90 -10.10 9.87
N SER D 256 -31.14 -10.82 10.69
CA SER D 256 -29.86 -11.35 10.23
C SER D 256 -30.07 -12.31 9.06
N GLY D 257 -29.03 -12.46 8.26
CA GLY D 257 -29.08 -13.34 7.12
C GLY D 257 -28.23 -12.81 5.99
N VAL D 258 -28.16 -13.61 4.93
CA VAL D 258 -27.37 -13.28 3.75
C VAL D 258 -28.24 -13.35 2.52
N LEU D 259 -27.91 -12.55 1.51
CA LEU D 259 -28.53 -12.63 0.20
C LEU D 259 -27.56 -13.32 -0.75
N ILE D 260 -27.99 -14.40 -1.35
CA ILE D 260 -27.18 -15.14 -2.31
C ILE D 260 -27.62 -14.73 -3.71
N CYS D 261 -26.73 -14.07 -4.44
CA CYS D 261 -27.01 -13.75 -5.84
C CYS D 261 -26.64 -14.95 -6.70
N SER D 262 -27.52 -15.30 -7.64
CA SER D 262 -27.36 -16.52 -8.41
C SER D 262 -27.79 -16.28 -9.86
N GLU D 263 -27.40 -17.20 -10.72
CA GLU D 263 -27.77 -17.18 -12.13
C GLU D 263 -29.29 -17.07 -12.28
N ASN D 264 -29.77 -15.89 -12.68
CA ASN D 264 -31.18 -15.57 -12.90
C ASN D 264 -32.00 -15.54 -11.63
N TYR D 265 -31.39 -15.53 -10.44
CA TYR D 265 -32.17 -15.57 -9.22
C TYR D 265 -31.45 -14.83 -8.09
N ILE D 266 -32.21 -14.51 -7.06
CA ILE D 266 -31.67 -14.00 -5.80
C ILE D 266 -32.39 -14.70 -4.66
N THR D 267 -31.64 -15.11 -3.64
CA THR D 267 -32.17 -16.00 -2.60
C THR D 267 -31.72 -15.50 -1.23
N TYR D 268 -32.66 -14.96 -0.46
CA TYR D 268 -32.44 -14.73 0.97
C TYR D 268 -32.54 -16.08 1.68
N LYS D 269 -31.49 -16.46 2.40
CA LYS D 269 -31.41 -17.77 3.07
C LYS D 269 -30.75 -17.57 4.43
N ASN D 270 -31.52 -17.05 5.39
CA ASN D 270 -31.08 -17.04 6.77
C ASN D 270 -31.23 -18.42 7.39
N PHE D 271 -30.32 -18.75 8.28
CA PHE D 271 -30.28 -20.09 8.86
C PHE D 271 -31.03 -20.16 10.18
N GLY D 272 -31.36 -21.38 10.57
CA GLY D 272 -32.30 -21.62 11.64
C GLY D 272 -33.58 -22.21 11.08
N ASP D 273 -34.73 -21.67 11.49
CA ASP D 273 -36.01 -22.06 10.93
C ASP D 273 -36.49 -21.08 9.86
N GLN D 274 -35.60 -20.23 9.37
CA GLN D 274 -35.97 -19.29 8.31
C GLN D 274 -36.02 -20.00 6.97
N PRO D 275 -37.15 -19.96 6.25
CA PRO D 275 -37.22 -20.64 4.96
C PRO D 275 -36.55 -19.85 3.86
N ASP D 276 -35.97 -20.59 2.91
CA ASP D 276 -35.32 -19.95 1.77
C ASP D 276 -36.36 -19.21 0.93
N ILE D 277 -36.03 -17.98 0.57
CA ILE D 277 -36.90 -17.14 -0.25
C ILE D 277 -36.15 -16.78 -1.53
N ARG D 278 -36.77 -17.03 -2.68
CA ARG D 278 -36.15 -16.80 -3.97
C ARG D 278 -37.01 -15.87 -4.81
N CYS D 279 -36.35 -15.09 -5.67
CA CYS D 279 -37.03 -14.21 -6.61
C CYS D 279 -36.23 -14.20 -7.91
N PRO D 280 -36.88 -14.33 -9.06
CA PRO D 280 -36.14 -14.29 -10.32
C PRO D 280 -35.63 -12.89 -10.62
N ILE D 281 -34.48 -12.85 -11.29
CA ILE D 281 -33.89 -11.57 -11.71
C ILE D 281 -34.73 -11.00 -12.84
N PRO D 282 -35.29 -9.81 -12.69
CA PRO D 282 -36.10 -9.23 -13.77
C PRO D 282 -35.25 -8.97 -15.01
N ARG D 283 -35.85 -9.17 -16.18
CA ARG D 283 -35.19 -8.97 -17.45
C ARG D 283 -35.83 -7.80 -18.19
N ARG D 284 -35.03 -7.12 -19.01
CA ARG D 284 -35.53 -6.00 -19.80
C ARG D 284 -36.52 -6.50 -20.85
N ARG D 285 -37.50 -5.65 -21.16
CA ARG D 285 -38.47 -5.98 -22.20
C ARG D 285 -37.78 -6.01 -23.55
N ASN D 286 -37.98 -7.11 -24.27
CA ASN D 286 -37.47 -7.28 -25.64
C ASN D 286 -35.94 -7.20 -25.66
N ASP D 287 -35.33 -8.19 -25.02
CA ASP D 287 -33.87 -8.28 -24.98
C ASP D 287 -33.34 -8.65 -26.37
N LEU D 288 -32.40 -7.84 -26.87
CA LEU D 288 -31.69 -8.18 -28.09
C LEU D 288 -30.63 -9.24 -27.86
N ASP D 289 -30.39 -9.64 -26.62
CA ASP D 289 -29.40 -10.65 -26.29
C ASP D 289 -29.94 -12.04 -26.60
N ASP D 290 -29.02 -12.98 -26.75
CA ASP D 290 -29.36 -14.38 -26.96
C ASP D 290 -30.11 -14.91 -25.74
N PRO D 291 -31.32 -15.44 -25.90
CA PRO D 291 -32.07 -15.94 -24.74
C PRO D 291 -31.36 -17.07 -24.00
N GLU D 292 -30.42 -17.77 -24.64
CA GLU D 292 -29.66 -18.80 -23.95
C GLU D 292 -28.74 -18.25 -22.89
N ARG D 293 -28.39 -16.96 -22.98
CA ARG D 293 -27.50 -16.34 -22.01
C ARG D 293 -28.27 -15.99 -20.74
N GLY D 294 -27.62 -16.21 -19.59
CA GLY D 294 -28.21 -15.91 -18.30
C GLY D 294 -27.99 -14.47 -17.88
N MET D 295 -28.28 -14.21 -16.61
CA MET D 295 -28.14 -12.87 -16.06
C MET D 295 -27.72 -12.98 -14.59
N ILE D 296 -26.62 -12.33 -14.24
CA ILE D 296 -26.13 -12.31 -12.87
C ILE D 296 -25.98 -10.85 -12.44
N PHE D 297 -25.75 -10.66 -11.15
CA PHE D 297 -25.38 -9.36 -10.63
C PHE D 297 -23.87 -9.22 -10.58
N VAL D 298 -23.37 -8.01 -10.81
CA VAL D 298 -21.94 -7.76 -10.88
C VAL D 298 -21.43 -7.18 -9.57
N CYS D 299 -22.28 -6.46 -8.86
CA CYS D 299 -21.91 -5.86 -7.58
C CYS D 299 -23.17 -5.47 -6.84
N SER D 300 -22.98 -5.01 -5.61
CA SER D 300 -24.10 -4.59 -4.76
C SER D 300 -23.63 -3.54 -3.78
N ALA D 301 -24.53 -2.60 -3.49
CA ALA D 301 -24.29 -1.58 -2.47
C ALA D 301 -25.36 -1.71 -1.39
N THR D 302 -24.99 -1.37 -0.16
CA THR D 302 -25.87 -1.51 0.98
C THR D 302 -25.93 -0.20 1.74
N HIS D 303 -27.15 0.26 2.04
CA HIS D 303 -27.37 1.46 2.83
C HIS D 303 -28.21 1.11 4.04
N LYS D 304 -27.71 1.46 5.23
CA LYS D 304 -28.36 1.13 6.49
C LYS D 304 -28.78 2.40 7.19
N THR D 305 -30.02 2.42 7.67
CA THR D 305 -30.57 3.55 8.41
C THR D 305 -31.20 3.03 9.70
N LYS D 306 -31.25 3.89 10.72
CA LYS D 306 -31.98 3.55 11.94
C LYS D 306 -33.43 3.22 11.65
N SER D 307 -34.01 3.83 10.61
CA SER D 307 -35.39 3.60 10.22
C SER D 307 -35.55 2.36 9.33
N MET D 308 -34.82 2.31 8.22
CA MET D 308 -35.02 1.25 7.23
C MET D 308 -33.65 0.82 6.71
N PHE D 309 -33.68 -0.01 5.66
CA PHE D 309 -32.48 -0.41 4.93
C PHE D 309 -32.91 -0.95 3.59
N PHE D 310 -32.04 -0.79 2.58
CA PHE D 310 -32.33 -1.29 1.25
C PHE D 310 -31.00 -1.70 0.60
N PHE D 311 -31.10 -2.20 -0.63
CA PHE D 311 -29.93 -2.63 -1.38
C PHE D 311 -30.04 -2.11 -2.80
N LEU D 312 -28.88 -2.02 -3.47
CA LEU D 312 -28.81 -1.63 -4.87
C LEU D 312 -27.94 -2.66 -5.59
N ALA D 313 -28.55 -3.48 -6.43
CA ALA D 313 -27.86 -4.57 -7.11
C ALA D 313 -27.86 -4.31 -8.61
N GLN D 314 -26.68 -4.29 -9.21
CA GLN D 314 -26.52 -4.03 -10.64
C GLN D 314 -26.33 -5.33 -11.39
N THR D 315 -26.89 -5.39 -12.60
CA THR D 315 -26.82 -6.58 -13.44
C THR D 315 -25.69 -6.43 -14.47
N GLU D 316 -25.57 -7.44 -15.33
CA GLU D 316 -24.56 -7.39 -16.39
C GLU D 316 -24.87 -6.29 -17.40
N GLN D 317 -26.14 -5.95 -17.57
CA GLN D 317 -26.55 -4.88 -18.46
C GLN D 317 -26.53 -3.51 -17.79
N GLY D 318 -25.94 -3.42 -16.59
CA GLY D 318 -25.91 -2.16 -15.88
C GLY D 318 -27.20 -1.76 -15.22
N ASP D 319 -28.10 -2.72 -14.97
CA ASP D 319 -29.41 -2.44 -14.38
C ASP D 319 -29.29 -2.46 -12.86
N ILE D 320 -29.40 -1.30 -12.25
CA ILE D 320 -29.43 -1.16 -10.80
C ILE D 320 -30.88 -1.28 -10.33
N PHE D 321 -31.11 -2.25 -9.45
CA PHE D 321 -32.39 -2.48 -8.79
C PHE D 321 -32.30 -2.14 -7.31
N LYS D 322 -33.39 -1.62 -6.76
CA LYS D 322 -33.51 -1.33 -5.34
C LYS D 322 -34.21 -2.52 -4.67
N ILE D 323 -33.44 -3.37 -4.01
CA ILE D 323 -33.97 -4.57 -3.38
C ILE D 323 -34.36 -4.24 -1.94
N THR D 324 -35.58 -4.60 -1.56
CA THR D 324 -36.12 -4.34 -0.24
C THR D 324 -36.74 -5.62 0.31
N LEU D 325 -36.64 -5.81 1.61
CA LEU D 325 -37.13 -7.00 2.29
C LEU D 325 -38.22 -6.61 3.28
N GLU D 326 -39.43 -7.10 3.04
CA GLU D 326 -40.51 -7.00 4.02
C GLU D 326 -40.35 -8.10 5.07
N THR D 327 -40.71 -7.79 6.31
CA THR D 327 -40.48 -8.73 7.39
C THR D 327 -41.60 -8.65 8.42
N ASP D 328 -41.88 -9.79 9.03
CA ASP D 328 -42.82 -9.90 10.15
C ASP D 328 -42.13 -10.68 11.26
N GLU D 329 -42.21 -10.16 12.48
CA GLU D 329 -41.56 -10.76 13.66
C GLU D 329 -40.06 -10.77 13.38
N ASP D 330 -39.36 -11.89 13.59
CA ASP D 330 -37.94 -12.00 13.26
C ASP D 330 -37.70 -12.70 11.94
N MET D 331 -38.76 -12.96 11.17
CA MET D 331 -38.67 -13.67 9.90
C MET D 331 -38.96 -12.72 8.75
N VAL D 332 -38.43 -13.07 7.58
CA VAL D 332 -38.61 -12.27 6.37
C VAL D 332 -39.76 -12.85 5.56
N THR D 333 -40.60 -11.98 5.01
CA THR D 333 -41.78 -12.42 4.28
C THR D 333 -41.53 -12.53 2.77
N GLU D 334 -40.86 -11.54 2.19
CA GLU D 334 -40.69 -11.53 0.73
C GLU D 334 -39.54 -10.61 0.36
N ILE D 335 -38.95 -10.88 -0.81
CA ILE D 335 -37.92 -10.04 -1.40
C ILE D 335 -38.59 -9.18 -2.46
N ARG D 336 -38.55 -7.87 -2.28
CA ARG D 336 -39.20 -6.93 -3.18
C ARG D 336 -38.13 -6.15 -3.96
N LEU D 337 -38.03 -6.42 -5.25
CA LEU D 337 -37.11 -5.72 -6.14
C LEU D 337 -37.85 -4.68 -6.96
N LYS D 338 -37.15 -3.60 -7.29
CA LYS D 338 -37.72 -2.53 -8.10
C LYS D 338 -36.63 -1.92 -8.95
N TYR D 339 -36.96 -1.65 -10.22
CA TYR D 339 -35.99 -1.15 -11.17
C TYR D 339 -35.61 0.29 -10.80
N PHE D 340 -34.35 0.49 -10.42
CA PHE D 340 -33.89 1.82 -9.98
C PHE D 340 -33.42 2.64 -11.17
N ASP D 341 -32.29 2.27 -11.78
CA ASP D 341 -31.76 3.04 -12.90
C ASP D 341 -30.75 2.18 -13.66
N THR D 342 -30.03 2.80 -14.59
CA THR D 342 -28.97 2.14 -15.36
C THR D 342 -27.74 3.02 -15.42
N VAL D 343 -26.58 2.44 -15.11
CA VAL D 343 -25.29 3.10 -15.24
C VAL D 343 -24.35 2.11 -15.89
N PRO D 344 -23.14 2.51 -16.32
CA PRO D 344 -22.19 1.52 -16.84
C PRO D 344 -21.89 0.44 -15.80
N VAL D 345 -21.36 -0.68 -16.30
CA VAL D 345 -21.09 -1.83 -15.45
C VAL D 345 -20.02 -1.46 -14.42
N ALA D 346 -20.38 -1.53 -13.14
CA ALA D 346 -19.53 -1.09 -12.06
C ALA D 346 -18.88 -2.27 -11.37
N ALA D 347 -17.59 -2.13 -11.05
CA ALA D 347 -16.89 -3.09 -10.22
C ALA D 347 -17.18 -2.90 -8.74
N ALA D 348 -17.72 -1.74 -8.36
CA ALA D 348 -18.08 -1.46 -6.97
C ALA D 348 -18.97 -0.22 -6.96
N MET D 349 -19.85 -0.16 -5.95
CA MET D 349 -20.73 0.98 -5.75
C MET D 349 -20.79 1.31 -4.27
N CYS D 350 -20.91 2.60 -3.97
CA CYS D 350 -20.96 3.10 -2.61
C CYS D 350 -22.14 4.05 -2.47
N VAL D 351 -23.05 3.74 -1.55
CA VAL D 351 -24.17 4.62 -1.22
C VAL D 351 -23.79 5.40 0.03
N LEU D 352 -23.73 6.72 -0.10
CA LEU D 352 -23.30 7.59 0.98
C LEU D 352 -24.48 8.39 1.52
N LYS D 353 -24.33 8.85 2.76
CA LYS D 353 -25.31 9.75 3.34
C LYS D 353 -25.33 11.06 2.54
N THR D 354 -26.31 11.91 2.86
CA THR D 354 -26.62 13.14 2.13
C THR D 354 -27.00 12.87 0.67
N GLY D 355 -27.30 11.62 0.33
CA GLY D 355 -27.84 11.28 -0.98
C GLY D 355 -26.84 11.37 -2.12
N PHE D 356 -25.83 10.50 -2.12
CA PHE D 356 -24.87 10.43 -3.21
C PHE D 356 -24.52 8.98 -3.48
N LEU D 357 -24.32 8.64 -4.75
CA LEU D 357 -23.97 7.29 -5.17
C LEU D 357 -22.69 7.36 -5.99
N PHE D 358 -21.66 6.65 -5.55
CA PHE D 358 -20.39 6.58 -6.26
C PHE D 358 -20.35 5.28 -7.07
N VAL D 359 -20.20 5.41 -8.38
CA VAL D 359 -20.17 4.27 -9.28
C VAL D 359 -18.78 4.20 -9.89
N ALA D 360 -18.01 3.19 -9.49
CA ALA D 360 -16.69 2.93 -10.04
C ALA D 360 -16.84 1.87 -11.12
N SER D 361 -16.86 2.31 -12.38
CA SER D 361 -17.07 1.40 -13.49
C SER D 361 -15.92 0.42 -13.62
N GLU D 362 -16.24 -0.79 -14.07
CA GLU D 362 -15.20 -1.81 -14.25
C GLU D 362 -14.22 -1.40 -15.34
N PHE D 363 -14.67 -0.59 -16.30
CA PHE D 363 -13.81 -0.04 -17.33
C PHE D 363 -14.29 1.37 -17.66
N GLY D 364 -13.37 2.19 -18.16
CA GLY D 364 -13.71 3.54 -18.53
C GLY D 364 -13.88 4.46 -17.33
N ASN D 365 -14.48 5.62 -17.60
CA ASN D 365 -14.60 6.67 -16.60
C ASN D 365 -15.49 6.22 -15.45
N HIS D 366 -15.29 6.86 -14.30
CA HIS D 366 -16.09 6.65 -13.10
C HIS D 366 -17.07 7.80 -12.94
N TYR D 367 -18.08 7.59 -12.11
CA TYR D 367 -19.18 8.55 -12.01
C TYR D 367 -19.59 8.75 -10.56
N LEU D 368 -20.07 9.96 -10.27
CA LEU D 368 -20.66 10.31 -8.98
C LEU D 368 -21.99 10.97 -9.23
N TYR D 369 -23.07 10.32 -8.78
CA TYR D 369 -24.43 10.81 -8.93
C TYR D 369 -24.96 11.29 -7.58
N GLN D 370 -26.03 12.07 -7.64
CA GLN D 370 -26.78 12.50 -6.47
C GLN D 370 -28.13 11.80 -6.45
N ILE D 371 -28.44 11.13 -5.34
CA ILE D 371 -29.72 10.44 -5.20
C ILE D 371 -30.82 11.46 -5.02
N ALA D 372 -31.59 11.68 -6.09
CA ALA D 372 -32.70 12.63 -6.02
C ALA D 372 -33.93 11.98 -5.38
N HIS D 373 -34.27 10.77 -5.80
CA HIS D 373 -35.40 10.03 -5.25
C HIS D 373 -34.96 8.60 -4.97
N LEU D 374 -35.60 8.00 -3.96
CA LEU D 374 -35.24 6.64 -3.54
C LEU D 374 -35.60 5.59 -4.58
N GLY D 375 -36.39 5.92 -5.59
CA GLY D 375 -36.84 4.95 -6.55
C GLY D 375 -38.25 4.44 -6.31
N ASP D 376 -38.85 4.78 -5.17
CA ASP D 376 -40.26 4.54 -4.91
C ASP D 376 -41.04 5.85 -5.10
N ASP D 377 -42.35 5.74 -5.02
CA ASP D 377 -43.36 6.77 -5.27
C ASP D 377 -43.60 7.00 -6.76
N ASP D 378 -42.89 6.32 -7.65
CA ASP D 378 -43.25 6.32 -9.05
C ASP D 378 -44.20 5.16 -9.34
N GLU D 379 -44.75 5.14 -10.55
CA GLU D 379 -45.72 4.12 -10.93
C GLU D 379 -45.07 2.91 -11.61
N GLU D 380 -43.76 2.76 -11.50
CA GLU D 380 -43.10 1.61 -12.10
C GLU D 380 -43.46 0.34 -11.34
N PRO D 381 -43.52 -0.79 -12.03
CA PRO D 381 -43.88 -2.04 -11.35
C PRO D 381 -42.80 -2.48 -10.37
N GLU D 382 -43.26 -2.94 -9.20
CA GLU D 382 -42.38 -3.46 -8.16
C GLU D 382 -42.65 -4.94 -8.00
N PHE D 383 -41.63 -5.75 -8.25
CA PHE D 383 -41.77 -7.20 -8.23
C PHE D 383 -41.47 -7.76 -6.84
N SER D 384 -42.07 -8.91 -6.55
CA SER D 384 -41.94 -9.54 -5.25
C SER D 384 -41.74 -11.04 -5.43
N SER D 385 -41.10 -11.66 -4.43
CA SER D 385 -40.91 -13.10 -4.45
C SER D 385 -42.22 -13.83 -4.24
N ALA D 386 -43.19 -13.18 -3.58
CA ALA D 386 -44.49 -13.80 -3.34
C ALA D 386 -45.38 -13.81 -4.58
N MET D 387 -45.08 -13.02 -5.58
CA MET D 387 -45.87 -13.01 -6.79
C MET D 387 -45.69 -14.32 -7.55
N PRO D 388 -46.77 -15.02 -7.88
CA PRO D 388 -46.64 -16.29 -8.57
C PRO D 388 -46.48 -16.13 -10.08
N LEU D 389 -45.69 -17.01 -10.66
CA LEU D 389 -45.43 -17.02 -12.10
C LEU D 389 -44.60 -18.24 -12.44
N GLU D 390 -44.82 -18.76 -13.65
CA GLU D 390 -44.05 -19.90 -14.15
C GLU D 390 -44.21 -20.04 -15.66
N ASP D 393 -41.70 -18.20 -17.02
CA ASP D 393 -41.99 -16.78 -17.15
C ASP D 393 -41.29 -15.99 -16.04
N THR D 394 -40.81 -14.79 -16.39
CA THR D 394 -40.17 -13.90 -15.45
C THR D 394 -40.77 -12.50 -15.62
N PHE D 395 -40.47 -11.63 -14.65
CA PHE D 395 -40.96 -10.26 -14.72
C PHE D 395 -40.17 -9.47 -15.76
N PHE D 396 -40.84 -8.52 -16.40
CA PHE D 396 -40.23 -7.67 -17.41
C PHE D 396 -40.44 -6.21 -17.05
N PHE D 397 -39.48 -5.38 -17.43
CA PHE D 397 -39.51 -3.95 -17.14
C PHE D 397 -38.96 -3.18 -18.32
N GLN D 398 -39.17 -1.87 -18.30
CA GLN D 398 -38.75 -0.99 -19.38
C GLN D 398 -37.59 -0.12 -18.94
N PRO D 399 -36.41 -0.24 -19.56
CA PRO D 399 -35.31 0.67 -19.22
C PRO D 399 -35.61 2.09 -19.68
N ARG D 400 -35.25 3.05 -18.85
CA ARG D 400 -35.54 4.45 -19.10
C ARG D 400 -34.29 5.27 -18.81
N PRO D 401 -34.22 6.50 -19.33
CA PRO D 401 -33.11 7.39 -18.96
C PRO D 401 -33.08 7.65 -17.46
N LEU D 402 -31.98 8.26 -17.03
CA LEU D 402 -31.77 8.53 -15.60
C LEU D 402 -32.87 9.39 -15.03
N LYS D 403 -33.72 8.82 -14.17
CA LYS D 403 -34.82 9.54 -13.55
C LYS D 403 -34.80 9.47 -12.03
N ASN D 404 -33.86 8.73 -11.44
CA ASN D 404 -33.63 8.74 -10.00
C ASN D 404 -32.27 9.29 -9.60
N LEU D 405 -31.37 9.49 -10.55
CA LEU D 405 -30.04 10.00 -10.28
C LEU D 405 -29.71 11.12 -11.27
N VAL D 406 -28.86 12.04 -10.84
CA VAL D 406 -28.34 13.11 -11.68
C VAL D 406 -26.83 13.04 -11.66
N LEU D 407 -26.21 13.11 -12.84
CA LEU D 407 -24.76 13.04 -12.93
C LEU D 407 -24.15 14.31 -12.35
N VAL D 408 -23.39 14.16 -11.27
CA VAL D 408 -22.80 15.30 -10.58
C VAL D 408 -21.31 15.44 -10.85
N ASP D 409 -20.58 14.33 -11.01
CA ASP D 409 -19.18 14.43 -11.38
C ASP D 409 -18.80 13.20 -12.19
N GLU D 410 -17.82 13.38 -13.08
CA GLU D 410 -17.31 12.30 -13.93
C GLU D 410 -15.79 12.31 -13.85
N LEU D 411 -15.21 11.19 -13.41
CA LEU D 411 -13.77 11.05 -13.26
C LEU D 411 -13.21 10.31 -14.47
N ASP D 412 -12.38 11.00 -15.24
CA ASP D 412 -11.82 10.43 -16.46
C ASP D 412 -10.86 9.30 -16.12
N SER D 413 -11.11 8.11 -16.66
CA SER D 413 -10.24 6.96 -16.49
C SER D 413 -9.83 6.45 -17.86
N LEU D 414 -8.53 6.21 -18.03
CA LEU D 414 -7.99 5.76 -19.30
C LEU D 414 -8.05 4.25 -19.48
N SER D 415 -8.31 3.50 -18.39
CA SER D 415 -8.42 2.06 -18.49
C SER D 415 -9.62 1.67 -19.34
N PRO D 416 -9.43 0.73 -20.28
CA PRO D 416 -8.15 0.07 -20.57
C PRO D 416 -7.46 0.63 -21.82
N ILE D 417 -6.17 0.91 -21.74
CA ILE D 417 -5.42 1.46 -22.87
C ILE D 417 -4.90 0.29 -23.71
N LEU D 418 -5.39 0.19 -24.94
CA LEU D 418 -5.04 -0.92 -25.82
C LEU D 418 -4.03 -0.56 -26.89
N PHE D 419 -3.96 0.71 -27.30
CA PHE D 419 -2.91 1.13 -28.21
C PHE D 419 -2.54 2.57 -27.91
N CYS D 420 -1.31 2.94 -28.26
CA CYS D 420 -0.82 4.29 -27.96
C CYS D 420 0.27 4.67 -28.95
N GLN D 421 0.10 5.82 -29.59
CA GLN D 421 1.11 6.41 -30.46
C GLN D 421 1.38 7.83 -29.98
N ILE D 422 2.62 8.08 -29.55
CA ILE D 422 3.03 9.39 -29.04
C ILE D 422 3.67 10.13 -30.21
N ALA D 423 2.94 11.05 -30.80
CA ALA D 423 3.43 11.76 -31.97
C ALA D 423 2.87 13.17 -31.98
N ASP D 424 3.47 14.02 -32.82
CA ASP D 424 3.10 15.42 -32.91
C ASP D 424 2.21 15.61 -34.15
N LEU D 425 0.96 15.19 -34.00
CA LEU D 425 0.01 15.32 -35.11
C LEU D 425 -0.59 16.71 -35.19
N ALA D 426 -0.65 17.43 -34.08
CA ALA D 426 -1.14 18.80 -34.08
C ALA D 426 -0.02 19.76 -34.45
N ASN D 427 -0.39 21.04 -34.59
CA ASN D 427 0.58 22.07 -34.98
C ASN D 427 1.58 22.39 -33.87
N GLU D 428 1.26 22.04 -32.62
CA GLU D 428 2.14 22.32 -31.50
C GLU D 428 3.46 21.58 -31.63
N ASP D 429 4.38 21.85 -30.71
CA ASP D 429 5.72 21.27 -30.75
C ASP D 429 5.88 20.07 -29.81
N THR D 430 5.32 20.14 -28.61
CA THR D 430 5.36 19.00 -27.71
C THR D 430 4.51 17.86 -28.28
N PRO D 431 5.04 16.66 -28.43
CA PRO D 431 4.24 15.55 -28.96
C PRO D 431 3.05 15.25 -28.05
N GLN D 432 1.96 14.80 -28.66
CA GLN D 432 0.77 14.41 -27.94
C GLN D 432 0.69 12.89 -27.86
N LEU D 433 -0.05 12.41 -26.86
CA LEU D 433 -0.25 10.98 -26.65
C LEU D 433 -1.60 10.61 -27.24
N TYR D 434 -1.59 9.98 -28.41
CA TYR D 434 -2.80 9.52 -29.08
C TYR D 434 -3.10 8.11 -28.60
N VAL D 435 -4.17 7.96 -27.82
CA VAL D 435 -4.43 6.75 -27.05
C VAL D 435 -5.74 6.13 -27.54
N ALA D 436 -5.64 4.91 -28.08
CA ALA D 436 -6.82 4.11 -28.41
C ALA D 436 -7.15 3.26 -27.20
N CYS D 437 -8.27 3.56 -26.54
CA CYS D 437 -8.58 2.93 -25.27
C CYS D 437 -10.09 2.94 -25.03
N GLY D 438 -10.59 1.89 -24.42
CA GLY D 438 -11.99 1.86 -24.04
C GLY D 438 -12.50 0.44 -23.91
N ARG D 439 -13.83 0.34 -23.77
CA ARG D 439 -14.49 -0.92 -23.50
C ARG D 439 -15.79 -0.95 -24.30
N GLY D 440 -15.82 -1.73 -25.37
CA GLY D 440 -17.02 -1.93 -26.16
C GLY D 440 -17.59 -0.64 -26.71
N PRO D 441 -18.87 -0.37 -26.40
CA PRO D 441 -19.49 0.86 -26.90
C PRO D 441 -18.94 2.13 -26.26
N ARG D 442 -18.37 2.04 -25.06
CA ARG D 442 -17.78 3.18 -24.38
C ARG D 442 -16.30 3.37 -24.73
N SER D 443 -15.85 2.77 -25.83
CA SER D 443 -14.47 2.96 -26.29
C SER D 443 -14.28 4.37 -26.81
N SER D 444 -13.01 4.75 -27.00
CA SER D 444 -12.70 6.10 -27.43
C SER D 444 -11.25 6.18 -27.89
N LEU D 445 -10.99 7.19 -28.73
CA LEU D 445 -9.64 7.62 -29.06
C LEU D 445 -9.43 8.97 -28.39
N ARG D 446 -8.62 8.99 -27.34
CA ARG D 446 -8.40 10.19 -26.55
C ARG D 446 -7.02 10.76 -26.83
N VAL D 447 -6.96 12.07 -26.98
CA VAL D 447 -5.70 12.79 -27.20
C VAL D 447 -5.26 13.38 -25.86
N LEU D 448 -3.99 13.18 -25.52
CA LEU D 448 -3.44 13.55 -24.22
C LEU D 448 -2.36 14.61 -24.42
N ARG D 449 -2.55 15.76 -23.77
CA ARG D 449 -1.55 16.80 -23.69
C ARG D 449 -1.28 17.09 -22.21
N HIS D 450 -0.01 17.07 -21.82
CA HIS D 450 0.38 17.33 -20.45
C HIS D 450 0.50 18.83 -20.22
N GLY D 451 -0.33 19.36 -19.32
CA GLY D 451 -0.30 20.77 -19.02
C GLY D 451 -1.40 21.19 -18.06
N LEU D 452 -1.93 22.39 -18.25
CA LEU D 452 -2.99 22.92 -17.41
C LEU D 452 -4.34 22.70 -18.07
N GLU D 453 -5.31 22.24 -17.27
CA GLU D 453 -6.63 21.94 -17.80
C GLU D 453 -7.37 23.23 -18.16
N VAL D 454 -7.95 23.27 -19.36
CA VAL D 454 -8.68 24.42 -19.86
C VAL D 454 -10.15 24.07 -19.88
N SER D 455 -10.96 24.86 -19.17
CA SER D 455 -12.40 24.68 -19.12
C SER D 455 -13.04 25.62 -20.15
N GLU D 456 -13.62 25.04 -21.20
CA GLU D 456 -14.26 25.83 -22.25
C GLU D 456 -15.58 26.39 -21.74
N MET D 457 -15.61 27.70 -21.46
CA MET D 457 -16.85 28.33 -21.05
C MET D 457 -17.78 28.57 -22.23
N ALA D 458 -17.23 28.98 -23.37
CA ALA D 458 -18.04 29.21 -24.55
C ALA D 458 -17.19 29.05 -25.80
N VAL D 459 -17.83 28.67 -26.91
CA VAL D 459 -17.17 28.52 -28.20
C VAL D 459 -18.13 28.99 -29.28
N SER D 460 -17.68 29.91 -30.13
CA SER D 460 -18.51 30.42 -31.22
C SER D 460 -17.62 30.73 -32.41
N GLU D 461 -17.97 30.17 -33.57
CA GLU D 461 -17.19 30.40 -34.78
C GLU D 461 -17.40 31.82 -35.29
N LEU D 462 -16.35 32.37 -35.90
CA LEU D 462 -16.39 33.73 -36.42
C LEU D 462 -16.20 33.73 -37.94
N PRO D 463 -16.89 34.61 -38.65
CA PRO D 463 -16.67 34.73 -40.10
C PRO D 463 -15.34 35.40 -40.40
N GLY D 464 -14.85 35.15 -41.61
CA GLY D 464 -13.58 35.74 -42.02
C GLY D 464 -12.43 35.22 -41.18
N ASN D 465 -11.37 36.03 -41.10
CA ASN D 465 -10.18 35.68 -40.33
C ASN D 465 -9.96 36.71 -39.24
N PRO D 466 -10.34 36.42 -38.00
CA PRO D 466 -10.09 37.38 -36.92
C PRO D 466 -8.61 37.43 -36.57
N ASN D 467 -8.13 38.63 -36.23
CA ASN D 467 -6.73 38.80 -35.87
C ASN D 467 -6.48 39.31 -34.47
N ALA D 468 -7.49 39.87 -33.79
CA ALA D 468 -7.26 40.35 -32.43
C ALA D 468 -8.56 40.31 -31.63
N VAL D 469 -8.43 40.57 -30.32
CA VAL D 469 -9.55 40.59 -29.40
C VAL D 469 -9.12 41.31 -28.13
N TRP D 470 -10.05 42.05 -27.53
CA TRP D 470 -9.82 42.75 -26.27
C TRP D 470 -11.09 42.64 -25.43
N THR D 471 -10.96 43.00 -24.16
CA THR D 471 -12.09 42.97 -23.23
C THR D 471 -12.02 44.22 -22.37
N VAL D 472 -13.01 45.09 -22.51
CA VAL D 472 -12.97 46.42 -21.90
C VAL D 472 -14.11 46.55 -20.90
N ARG D 473 -13.82 47.16 -19.76
CA ARG D 473 -14.83 47.51 -18.77
C ARG D 473 -15.48 48.84 -19.13
N ARG D 474 -16.68 49.05 -18.58
CA ARG D 474 -17.37 50.32 -18.76
C ARG D 474 -16.96 51.35 -17.72
N HIS D 475 -16.74 50.91 -16.49
CA HIS D 475 -16.29 51.79 -15.41
C HIS D 475 -15.15 51.11 -14.67
N ILE D 476 -14.31 51.92 -14.02
CA ILE D 476 -13.17 51.38 -13.30
C ILE D 476 -13.62 50.56 -12.10
N GLU D 477 -14.71 50.97 -11.44
CA GLU D 477 -15.22 50.23 -10.29
C GLU D 477 -16.09 49.05 -10.69
N ASP D 478 -16.28 48.80 -11.98
CA ASP D 478 -17.06 47.65 -12.42
C ASP D 478 -16.27 46.36 -12.14
N GLU D 479 -16.89 45.44 -11.41
CA GLU D 479 -16.27 44.16 -11.10
C GLU D 479 -16.35 43.16 -12.25
N PHE D 480 -16.97 43.54 -13.37
CA PHE D 480 -17.09 42.66 -14.52
C PHE D 480 -16.90 43.46 -15.79
N ASP D 481 -16.32 42.82 -16.80
CA ASP D 481 -16.08 43.47 -18.07
C ASP D 481 -17.40 43.78 -18.77
N ALA D 482 -17.31 44.60 -19.82
CA ALA D 482 -18.50 45.05 -20.53
C ALA D 482 -18.50 44.69 -22.01
N TYR D 483 -17.36 44.78 -22.67
CA TYR D 483 -17.29 44.58 -24.12
C TYR D 483 -16.17 43.61 -24.49
N ILE D 484 -16.44 42.83 -25.53
CA ILE D 484 -15.44 41.97 -26.18
C ILE D 484 -15.30 42.45 -27.61
N ILE D 485 -14.09 42.90 -27.98
CA ILE D 485 -13.82 43.47 -29.29
C ILE D 485 -13.01 42.47 -30.10
N VAL D 486 -13.46 42.17 -31.31
CA VAL D 486 -12.79 41.22 -32.18
C VAL D 486 -12.39 41.95 -33.45
N SER D 487 -11.09 42.05 -33.70
CA SER D 487 -10.55 42.73 -34.86
C SER D 487 -10.29 41.73 -35.97
N PHE D 488 -10.90 41.96 -37.13
CA PHE D 488 -10.63 41.25 -38.37
C PHE D 488 -9.67 42.09 -39.22
N VAL D 489 -9.59 41.77 -40.51
CA VAL D 489 -8.66 42.48 -41.40
C VAL D 489 -9.25 43.81 -41.87
N ASN D 490 -10.54 43.82 -42.21
CA ASN D 490 -11.17 45.01 -42.77
C ASN D 490 -12.20 45.65 -41.86
N ALA D 491 -12.53 45.03 -40.74
CA ALA D 491 -13.51 45.59 -39.82
C ALA D 491 -13.34 44.94 -38.46
N THR D 492 -14.01 45.49 -37.46
CA THR D 492 -14.01 44.93 -36.11
C THR D 492 -15.44 44.81 -35.60
N LEU D 493 -15.72 43.69 -34.95
CA LEU D 493 -17.02 43.41 -34.35
C LEU D 493 -16.94 43.68 -32.85
N VAL D 494 -17.95 44.36 -32.32
CA VAL D 494 -18.04 44.65 -30.90
C VAL D 494 -19.19 43.83 -30.32
N LEU D 495 -18.94 43.17 -29.19
CA LEU D 495 -19.92 42.38 -28.49
C LEU D 495 -20.06 42.90 -27.06
N SER D 496 -21.26 42.74 -26.50
CA SER D 496 -21.52 43.11 -25.11
C SER D 496 -21.86 41.83 -24.35
N ILE D 497 -21.10 41.55 -23.29
CA ILE D 497 -21.44 40.44 -22.42
C ILE D 497 -22.62 40.85 -21.53
N GLY D 498 -23.82 40.72 -22.09
CA GLY D 498 -25.04 40.99 -21.34
C GLY D 498 -25.68 39.70 -20.89
N GLU D 499 -24.85 38.78 -20.38
CA GLU D 499 -25.26 37.45 -19.94
C GLU D 499 -25.85 36.62 -21.09
N THR D 500 -25.95 37.24 -22.27
CA THR D 500 -26.34 36.55 -23.49
C THR D 500 -25.34 36.74 -24.62
N VAL D 501 -24.35 37.63 -24.45
CA VAL D 501 -23.30 37.89 -25.44
C VAL D 501 -23.95 38.27 -26.77
N GLU D 502 -24.80 39.29 -26.74
CA GLU D 502 -25.44 39.76 -27.95
C GLU D 502 -24.53 40.73 -28.70
N GLU D 503 -24.65 40.72 -30.03
CA GLU D 503 -23.95 41.69 -30.86
C GLU D 503 -24.56 43.07 -30.65
N VAL D 504 -23.70 44.07 -30.48
CA VAL D 504 -24.14 45.44 -30.23
C VAL D 504 -23.54 46.35 -31.29
N THR D 505 -24.23 47.45 -31.55
CA THR D 505 -23.78 48.45 -32.51
C THR D 505 -23.53 49.82 -31.88
N ASP D 506 -24.22 50.16 -30.80
CA ASP D 506 -24.13 51.47 -30.17
C ASP D 506 -23.00 51.56 -29.16
N SER D 507 -22.02 50.65 -29.21
CA SER D 507 -20.89 50.74 -28.29
C SER D 507 -20.06 52.00 -28.55
N GLY D 508 -20.09 52.51 -29.77
CA GLY D 508 -19.35 53.69 -30.16
C GLY D 508 -18.05 53.42 -30.87
N PHE D 509 -17.46 52.23 -30.68
CA PHE D 509 -16.21 51.90 -31.37
C PHE D 509 -16.36 52.05 -32.87
N LEU D 510 -17.45 51.50 -33.42
CA LEU D 510 -17.81 51.64 -34.83
C LEU D 510 -16.62 51.28 -35.73
N GLY D 511 -16.26 50.00 -35.67
CA GLY D 511 -15.09 49.51 -36.36
C GLY D 511 -15.32 49.12 -37.80
N THR D 512 -15.31 50.11 -38.70
CA THR D 512 -15.28 49.85 -40.13
C THR D 512 -13.87 49.63 -40.64
N THR D 513 -12.87 49.74 -39.77
CA THR D 513 -11.47 49.47 -40.04
C THR D 513 -10.98 48.44 -39.03
N PRO D 514 -9.83 47.79 -39.25
CA PRO D 514 -9.24 46.99 -38.17
C PRO D 514 -8.88 47.87 -36.99
N THR D 515 -8.74 47.24 -35.83
CA THR D 515 -8.43 47.95 -34.60
C THR D 515 -7.10 47.44 -34.04
N LEU D 516 -6.28 48.37 -33.55
CA LEU D 516 -5.03 48.00 -32.89
C LEU D 516 -5.17 47.85 -31.39
N SER D 517 -6.07 48.60 -30.75
CA SER D 517 -6.22 48.46 -29.31
C SER D 517 -7.58 48.96 -28.85
N CYS D 518 -7.99 48.47 -27.69
CA CYS D 518 -9.19 48.92 -27.00
C CYS D 518 -8.89 48.93 -25.51
N SER D 519 -9.07 50.06 -24.84
CA SER D 519 -8.72 50.15 -23.44
C SER D 519 -9.68 51.08 -22.71
N LEU D 520 -9.64 51.01 -21.38
CA LEU D 520 -10.37 51.91 -20.50
C LEU D 520 -9.38 52.93 -19.97
N LEU D 521 -9.50 54.18 -20.41
CA LEU D 521 -8.56 55.22 -20.01
C LEU D 521 -9.03 55.95 -18.76
N GLY D 522 -10.03 56.82 -18.91
CA GLY D 522 -10.54 57.53 -17.75
C GLY D 522 -11.20 56.59 -16.75
N ASP D 523 -11.78 57.15 -15.69
CA ASP D 523 -12.56 56.33 -14.78
C ASP D 523 -13.73 55.66 -15.50
N ASP D 524 -14.15 56.22 -16.63
CA ASP D 524 -15.27 55.67 -17.40
C ASP D 524 -15.07 55.84 -18.89
N ALA D 525 -13.92 56.33 -19.35
CA ALA D 525 -13.67 56.62 -20.75
C ALA D 525 -12.99 55.45 -21.45
N LEU D 526 -13.37 55.23 -22.70
CA LEU D 526 -12.84 54.16 -23.53
C LEU D 526 -12.02 54.77 -24.68
N VAL D 527 -10.98 54.06 -25.10
CA VAL D 527 -10.09 54.51 -26.16
C VAL D 527 -9.87 53.37 -27.13
N GLN D 528 -10.13 53.64 -28.41
CA GLN D 528 -9.89 52.69 -29.49
C GLN D 528 -8.78 53.22 -30.39
N VAL D 529 -7.82 52.37 -30.73
CA VAL D 529 -6.69 52.72 -31.58
C VAL D 529 -6.78 51.90 -32.85
N TYR D 530 -6.91 52.59 -33.99
CA TYR D 530 -7.03 51.98 -35.30
C TYR D 530 -6.00 52.60 -36.24
N PRO D 531 -5.68 51.92 -37.35
CA PRO D 531 -4.56 52.41 -38.19
C PRO D 531 -4.73 53.82 -38.72
N ASP D 532 -5.97 54.29 -38.89
CA ASP D 532 -6.19 55.64 -39.38
C ASP D 532 -6.20 56.70 -38.28
N GLY D 533 -6.12 56.31 -37.03
CA GLY D 533 -6.02 57.28 -35.96
C GLY D 533 -6.58 56.73 -34.66
N ILE D 534 -6.87 57.66 -33.75
CA ILE D 534 -7.29 57.35 -32.39
C ILE D 534 -8.70 57.89 -32.17
N ARG D 535 -9.55 57.08 -31.56
CA ARG D 535 -10.93 57.45 -31.30
C ARG D 535 -11.17 57.39 -29.79
N HIS D 536 -11.55 58.52 -29.21
CA HIS D 536 -11.87 58.59 -27.78
C HIS D 536 -13.38 58.65 -27.58
N ILE D 537 -13.86 57.82 -26.65
CA ILE D 537 -15.28 57.68 -26.35
C ILE D 537 -15.44 57.95 -24.87
N ARG D 538 -16.07 59.07 -24.52
CA ARG D 538 -16.37 59.36 -23.14
C ARG D 538 -17.54 58.48 -22.68
N ALA D 539 -17.65 58.27 -21.37
CA ALA D 539 -18.85 57.66 -20.80
C ALA D 539 -20.10 58.35 -21.33
N ASP D 540 -20.15 59.67 -21.21
CA ASP D 540 -21.06 60.46 -22.03
C ASP D 540 -20.69 60.27 -23.49
N LYS D 541 -21.68 59.94 -24.32
CA LYS D 541 -21.41 59.57 -25.71
C LYS D 541 -20.87 60.79 -26.47
N ARG D 542 -19.58 61.05 -26.25
CA ARG D 542 -18.83 62.06 -27.00
C ARG D 542 -17.63 61.38 -27.65
N VAL D 543 -17.38 61.72 -28.91
CA VAL D 543 -16.31 61.11 -29.69
C VAL D 543 -15.31 62.19 -30.07
N ASN D 544 -14.06 62.02 -29.66
CA ASN D 544 -12.96 62.89 -30.08
C ASN D 544 -12.04 62.08 -30.97
N GLU D 545 -11.96 62.46 -32.24
CA GLU D 545 -11.15 61.75 -33.21
C GLU D 545 -9.74 62.33 -33.29
N TRP D 546 -8.84 61.56 -33.88
CA TRP D 546 -7.44 61.95 -34.04
C TRP D 546 -6.95 61.33 -35.34
N LYS D 547 -6.92 62.14 -36.39
CA LYS D 547 -6.43 61.69 -37.68
C LYS D 547 -4.93 61.50 -37.65
N THR D 548 -4.45 60.53 -38.42
CA THR D 548 -3.02 60.29 -38.53
C THR D 548 -2.39 61.40 -39.37
N PRO D 549 -1.29 62.00 -38.93
CA PRO D 549 -0.70 63.11 -39.68
C PRO D 549 -0.22 62.67 -41.06
N GLY D 550 -0.69 63.37 -42.09
CA GLY D 550 -0.30 63.06 -43.44
C GLY D 550 -0.88 61.75 -43.92
N LYS D 551 -0.21 61.17 -44.93
CA LYS D 551 -0.60 59.90 -45.49
C LYS D 551 -0.16 58.71 -44.65
N LYS D 552 0.48 58.95 -43.51
CA LYS D 552 0.98 57.87 -42.68
C LYS D 552 -0.17 57.09 -42.05
N THR D 553 0.20 55.97 -41.41
CA THR D 553 -0.69 55.21 -40.57
C THR D 553 0.06 54.79 -39.32
N ILE D 554 -0.67 54.54 -38.24
CA ILE D 554 -0.07 54.08 -37.00
C ILE D 554 0.19 52.57 -37.10
N VAL D 555 1.42 52.18 -36.80
CA VAL D 555 1.83 50.78 -36.91
C VAL D 555 1.56 50.02 -35.62
N LYS D 556 1.96 50.58 -34.47
CA LYS D 556 1.82 49.88 -33.20
C LYS D 556 1.34 50.85 -32.14
N CYS D 557 0.97 50.31 -30.98
CA CYS D 557 0.42 51.11 -29.89
C CYS D 557 0.69 50.42 -28.56
N ALA D 558 0.63 51.23 -27.51
CA ALA D 558 0.76 50.75 -26.13
C ALA D 558 -0.13 51.63 -25.26
N VAL D 559 -1.18 51.03 -24.71
CA VAL D 559 -2.17 51.76 -23.96
C VAL D 559 -1.96 51.54 -22.46
N ASN D 560 -2.63 52.36 -21.65
CA ASN D 560 -2.44 52.36 -20.21
C ASN D 560 -3.70 52.91 -19.58
N GLN D 561 -3.74 52.89 -18.25
CA GLN D 561 -4.87 53.50 -17.54
C GLN D 561 -4.86 55.01 -17.69
N ARG D 562 -3.68 55.63 -17.81
CA ARG D 562 -3.63 57.08 -17.96
C ARG D 562 -2.60 57.52 -18.99
N GLN D 563 -2.19 56.64 -19.90
CA GLN D 563 -1.19 56.96 -20.91
C GLN D 563 -1.53 56.24 -22.21
N VAL D 564 -1.21 56.89 -23.34
CA VAL D 564 -1.44 56.30 -24.66
C VAL D 564 -0.23 56.63 -25.53
N VAL D 565 0.62 55.64 -25.79
CA VAL D 565 1.77 55.81 -26.66
C VAL D 565 1.48 55.13 -27.98
N ILE D 566 1.87 55.77 -29.09
CA ILE D 566 1.60 55.23 -30.42
C ILE D 566 2.84 55.34 -31.28
N ALA D 567 2.97 54.42 -32.24
CA ALA D 567 4.10 54.36 -33.15
C ALA D 567 3.58 54.29 -34.59
N LEU D 568 4.00 55.26 -35.41
CA LEU D 568 3.55 55.42 -36.77
C LEU D 568 4.68 55.09 -37.74
N THR D 569 4.29 54.85 -39.00
CA THR D 569 5.22 54.49 -40.06
C THR D 569 6.43 55.43 -40.07
N GLY D 570 7.58 54.86 -40.41
CA GLY D 570 8.83 55.58 -40.26
C GLY D 570 9.35 55.63 -38.84
N GLY D 571 8.73 54.89 -37.93
CA GLY D 571 9.15 54.85 -36.54
C GLY D 571 8.96 56.16 -35.81
N GLU D 572 7.81 56.81 -35.98
CA GLU D 572 7.56 58.10 -35.36
C GLU D 572 6.61 57.91 -34.17
N LEU D 573 7.11 58.17 -32.97
CA LEU D 573 6.32 58.01 -31.75
C LEU D 573 5.52 59.28 -31.47
N VAL D 574 4.27 59.08 -31.04
CA VAL D 574 3.42 60.17 -30.57
C VAL D 574 2.86 59.77 -29.21
N TYR D 575 2.90 60.68 -28.25
CA TYR D 575 2.56 60.39 -26.87
C TYR D 575 1.36 61.23 -26.43
N PHE D 576 0.43 60.59 -25.75
CA PHE D 576 -0.78 61.24 -25.24
C PHE D 576 -0.90 60.94 -23.75
N GLU D 577 -1.18 61.98 -22.97
CA GLU D 577 -1.39 61.83 -21.53
C GLU D 577 -2.73 62.45 -21.15
N MET D 578 -3.43 61.78 -20.23
CA MET D 578 -4.74 62.22 -19.79
C MET D 578 -4.62 63.19 -18.63
N ASP D 579 -5.27 64.35 -18.76
CA ASP D 579 -5.34 65.28 -17.65
C ASP D 579 -6.28 64.74 -16.59
N PRO D 580 -6.11 65.17 -15.34
CA PRO D 580 -7.13 64.85 -14.32
C PRO D 580 -8.52 65.34 -14.70
N SER D 581 -8.62 66.27 -15.65
CA SER D 581 -9.89 66.74 -16.17
C SER D 581 -10.50 65.81 -17.21
N GLY D 582 -9.85 64.68 -17.50
CA GLY D 582 -10.46 63.61 -18.26
C GLY D 582 -10.16 63.58 -19.75
N GLN D 583 -9.47 64.59 -20.28
CA GLN D 583 -9.20 64.64 -21.72
C GLN D 583 -7.73 64.35 -21.98
N LEU D 584 -7.44 63.96 -23.23
CA LEU D 584 -6.09 63.61 -23.64
C LEU D 584 -5.41 64.81 -24.27
N ASN D 585 -4.16 65.04 -23.88
CA ASN D 585 -3.31 66.05 -24.49
C ASN D 585 -2.09 65.36 -25.08
N GLU D 586 -1.79 65.68 -26.34
CA GLU D 586 -0.61 65.14 -27.01
C GLU D 586 0.63 65.89 -26.54
N TYR D 587 1.73 65.14 -26.40
CA TYR D 587 2.99 65.76 -26.03
C TYR D 587 3.47 66.69 -27.15
N THR D 588 4.28 67.67 -26.76
CA THR D 588 4.74 68.72 -27.68
C THR D 588 5.89 68.26 -28.57
N GLU D 589 6.24 66.97 -28.56
CA GLU D 589 7.37 66.47 -29.32
C GLU D 589 7.05 65.08 -29.86
N ARG D 590 7.65 64.77 -31.01
CA ARG D 590 7.52 63.46 -31.64
C ARG D 590 8.90 62.94 -31.96
N LYS D 591 9.24 61.77 -31.42
CA LYS D 591 10.57 61.20 -31.55
C LYS D 591 10.61 60.17 -32.67
N GLU D 592 11.72 60.15 -33.41
CA GLU D 592 11.95 59.16 -34.45
C GLU D 592 12.97 58.13 -33.97
N MET D 593 12.87 56.93 -34.51
CA MET D 593 13.71 55.80 -34.14
C MET D 593 14.70 55.49 -35.24
N SER D 594 15.70 54.68 -34.89
CA SER D 594 16.67 54.22 -35.88
C SER D 594 16.04 53.30 -36.91
N ALA D 595 14.91 52.68 -36.61
CA ALA D 595 14.18 51.84 -37.55
C ALA D 595 12.71 51.83 -37.15
N ASP D 596 11.90 51.14 -37.94
CA ASP D 596 10.48 51.06 -37.65
C ASP D 596 10.23 50.26 -36.38
N VAL D 597 9.08 50.53 -35.75
CA VAL D 597 8.70 49.89 -34.51
C VAL D 597 7.83 48.67 -34.81
N VAL D 598 8.10 47.56 -34.13
CA VAL D 598 7.36 46.32 -34.34
C VAL D 598 6.53 45.90 -33.14
N CYS D 599 6.79 46.45 -31.96
CA CYS D 599 6.03 46.10 -30.76
C CYS D 599 6.38 47.08 -29.66
N MET D 600 5.39 47.34 -28.79
CA MET D 600 5.57 48.23 -27.66
C MET D 600 4.80 47.69 -26.46
N SER D 601 5.29 48.02 -25.26
CA SER D 601 4.64 47.67 -24.02
C SER D 601 4.75 48.83 -23.05
N LEU D 602 3.69 49.04 -22.27
CA LEU D 602 3.63 50.12 -21.30
C LEU D 602 3.09 49.55 -19.99
N ALA D 603 3.91 49.54 -18.95
CA ALA D 603 3.51 48.96 -17.68
C ALA D 603 2.31 49.70 -17.10
N ASN D 604 1.50 48.97 -16.34
CA ASN D 604 0.34 49.57 -15.69
C ASN D 604 0.78 50.64 -14.69
N VAL D 605 -0.11 51.59 -14.43
CA VAL D 605 0.16 52.67 -13.48
C VAL D 605 -0.10 52.15 -12.07
N PRO D 606 0.81 52.41 -11.12
CA PRO D 606 0.55 52.04 -9.73
C PRO D 606 -0.64 52.81 -9.18
N PRO D 607 -1.31 52.28 -8.15
CA PRO D 607 -2.50 52.98 -7.64
C PRO D 607 -2.20 54.38 -7.11
N GLY D 608 -1.13 54.51 -6.31
CA GLY D 608 -0.81 55.82 -5.75
C GLY D 608 -0.28 56.80 -6.79
N GLU D 609 0.59 56.33 -7.67
CA GLU D 609 1.19 57.20 -8.67
C GLU D 609 0.18 57.56 -9.76
N GLN D 610 0.58 58.51 -10.62
CA GLN D 610 -0.30 59.01 -11.66
C GLN D 610 0.14 58.63 -13.06
N ARG D 611 1.31 58.00 -13.22
CA ARG D 611 1.78 57.59 -14.54
C ARG D 611 2.86 56.54 -14.38
N SER D 612 3.04 55.77 -15.45
CA SER D 612 4.14 54.82 -15.53
C SER D 612 5.32 55.47 -16.24
N ARG D 613 6.53 55.16 -15.78
CA ARG D 613 7.72 55.83 -16.28
C ARG D 613 8.30 55.16 -17.53
N PHE D 614 8.37 53.84 -17.54
CA PHE D 614 9.14 53.13 -18.55
C PHE D 614 8.28 52.71 -19.73
N LEU D 615 8.87 52.77 -20.93
CA LEU D 615 8.19 52.40 -22.17
C LEU D 615 9.13 51.53 -22.98
N ALA D 616 8.73 50.29 -23.23
CA ALA D 616 9.54 49.35 -24.01
C ALA D 616 9.15 49.43 -25.48
N VAL D 617 10.15 49.61 -26.34
CA VAL D 617 9.93 49.74 -27.78
C VAL D 617 10.90 48.83 -28.50
N GLY D 618 10.37 47.87 -29.26
CA GLY D 618 11.19 46.98 -30.07
C GLY D 618 11.18 47.41 -31.52
N LEU D 619 12.35 47.34 -32.15
CA LEU D 619 12.53 47.87 -33.50
C LEU D 619 12.88 46.75 -34.47
N VAL D 620 12.76 47.06 -35.77
CA VAL D 620 13.23 46.18 -36.83
C VAL D 620 14.75 46.02 -36.73
N ASP D 621 15.41 46.91 -35.99
CA ASP D 621 16.84 46.91 -35.73
C ASP D 621 17.24 45.67 -34.92
N ASN D 622 16.25 44.87 -34.52
CA ASN D 622 16.46 43.72 -33.63
C ASN D 622 17.01 44.17 -32.28
N THR D 623 16.45 45.27 -31.76
CA THR D 623 16.83 45.78 -30.46
C THR D 623 15.57 46.25 -29.73
N VAL D 624 15.64 46.21 -28.40
CA VAL D 624 14.61 46.78 -27.53
C VAL D 624 15.21 47.98 -26.82
N ARG D 625 14.39 48.99 -26.60
CA ARG D 625 14.84 50.25 -26.02
C ARG D 625 13.85 50.71 -24.97
N ILE D 626 14.36 51.22 -23.86
CA ILE D 626 13.55 51.76 -22.78
C ILE D 626 13.53 53.27 -22.88
N ILE D 627 12.35 53.86 -22.79
CA ILE D 627 12.16 55.30 -22.91
C ILE D 627 11.37 55.79 -21.72
N SER D 628 11.88 56.81 -21.03
CA SER D 628 11.17 57.40 -19.90
C SER D 628 10.03 58.28 -20.39
N LEU D 629 8.93 58.24 -19.66
CA LEU D 629 7.79 59.12 -19.92
C LEU D 629 7.61 60.18 -18.84
N ASP D 630 8.52 60.25 -17.88
CA ASP D 630 8.49 61.33 -16.92
C ASP D 630 8.75 62.65 -17.64
N PRO D 631 8.08 63.74 -17.24
CA PRO D 631 8.26 65.01 -17.94
C PRO D 631 9.66 65.58 -17.80
N SER D 632 10.43 65.17 -16.79
CA SER D 632 11.81 65.61 -16.66
C SER D 632 12.65 65.16 -17.86
N ASP D 633 12.44 63.91 -18.30
CA ASP D 633 13.14 63.34 -19.45
C ASP D 633 12.14 62.61 -20.34
N CYS D 634 11.18 63.35 -20.87
CA CYS D 634 10.12 62.77 -21.69
C CYS D 634 10.67 62.42 -23.07
N LEU D 635 10.46 61.17 -23.48
CA LEU D 635 10.93 60.67 -24.78
C LEU D 635 12.44 60.78 -24.90
N GLN D 636 13.15 60.29 -23.89
CA GLN D 636 14.60 60.26 -23.89
C GLN D 636 15.12 58.82 -23.74
N PRO D 637 16.18 58.46 -24.46
CA PRO D 637 16.71 57.10 -24.34
C PRO D 637 17.26 56.83 -22.94
N LEU D 638 16.90 55.68 -22.40
CA LEU D 638 17.38 55.25 -21.09
C LEU D 638 18.34 54.07 -21.18
N SER D 639 18.00 53.04 -21.96
CA SER D 639 18.86 51.89 -22.12
C SER D 639 18.44 51.13 -23.37
N MET D 640 19.41 50.56 -24.07
CA MET D 640 19.17 49.74 -25.24
C MET D 640 19.63 48.31 -24.96
N GLN D 641 19.16 47.38 -25.77
CA GLN D 641 19.52 45.98 -25.62
C GLN D 641 19.35 45.26 -26.94
N ALA D 642 20.39 44.53 -27.35
CA ALA D 642 20.38 43.79 -28.60
C ALA D 642 19.73 42.42 -28.39
N LEU D 643 19.05 41.95 -29.44
CA LEU D 643 18.31 40.70 -29.37
C LEU D 643 18.78 39.74 -30.45
N PRO D 644 18.77 38.42 -30.18
CA PRO D 644 19.20 37.45 -31.19
C PRO D 644 18.34 37.40 -32.43
N ALA D 645 17.14 37.99 -32.40
CA ALA D 645 16.27 38.04 -33.58
C ALA D 645 15.29 39.20 -33.41
N GLN D 646 14.45 39.38 -34.41
CA GLN D 646 13.52 40.50 -34.41
C GLN D 646 12.41 40.30 -33.38
N PRO D 647 12.07 41.33 -32.62
CA PRO D 647 11.01 41.17 -31.61
C PRO D 647 9.64 41.02 -32.25
N GLU D 648 8.76 40.35 -31.53
CA GLU D 648 7.36 40.19 -31.91
C GLU D 648 6.39 40.82 -30.93
N SER D 649 6.69 40.74 -29.63
CA SER D 649 5.84 41.38 -28.63
C SER D 649 6.66 41.66 -27.38
N LEU D 650 6.19 42.63 -26.60
CA LEU D 650 6.80 43.01 -25.34
C LEU D 650 5.74 43.10 -24.26
N CYS D 651 6.14 42.88 -23.01
CA CYS D 651 5.20 42.98 -21.91
C CYS D 651 5.94 43.22 -20.61
N ILE D 652 5.71 44.37 -19.98
CA ILE D 652 6.27 44.69 -18.67
C ILE D 652 5.27 44.27 -17.60
N VAL D 653 5.76 43.65 -16.54
CA VAL D 653 4.89 43.14 -15.48
C VAL D 653 5.68 43.10 -14.18
N GLU D 654 4.96 43.20 -13.05
CA GLU D 654 5.56 43.16 -11.73
C GLU D 654 5.45 41.75 -11.16
N MET D 655 6.58 41.15 -10.82
CA MET D 655 6.64 39.83 -10.21
C MET D 655 5.83 38.78 -10.98
N PHE D 672 11.45 44.67 -8.60
CA PHE D 672 10.65 43.50 -8.93
C PHE D 672 9.86 43.73 -10.22
N LEU D 673 10.47 44.46 -11.15
CA LEU D 673 9.88 44.72 -12.46
C LEU D 673 10.57 43.87 -13.51
N TYR D 674 9.76 43.29 -14.40
CA TYR D 674 10.25 42.36 -15.42
C TYR D 674 9.76 42.80 -16.79
N LEU D 675 10.68 42.74 -17.75
CA LEU D 675 10.41 43.06 -19.15
C LEU D 675 10.49 41.76 -19.94
N ASN D 676 9.39 41.40 -20.59
CA ASN D 676 9.24 40.15 -21.32
C ASN D 676 9.30 40.43 -22.80
N ILE D 677 10.10 39.63 -23.52
CA ILE D 677 10.31 39.78 -24.95
C ILE D 677 9.97 38.48 -25.63
N GLY D 678 9.07 38.53 -26.61
CA GLY D 678 8.79 37.40 -27.45
C GLY D 678 9.20 37.68 -28.88
N LEU D 679 10.08 36.84 -29.44
CA LEU D 679 10.68 37.15 -30.74
C LEU D 679 9.92 36.48 -31.87
N GLN D 680 10.31 36.83 -33.10
CA GLN D 680 9.63 36.27 -34.28
C GLN D 680 9.98 34.80 -34.46
N ASN D 681 11.18 34.38 -34.07
CA ASN D 681 11.41 32.97 -33.80
C ASN D 681 10.94 32.66 -32.39
N GLY D 682 10.57 31.41 -32.15
CA GLY D 682 9.96 31.06 -30.89
C GLY D 682 10.87 31.11 -29.70
N VAL D 683 11.25 32.31 -29.25
CA VAL D 683 12.03 32.48 -28.04
C VAL D 683 11.39 33.56 -27.18
N LEU D 684 11.51 33.36 -25.86
CA LEU D 684 10.98 34.24 -24.84
C LEU D 684 12.10 34.64 -23.89
N LEU D 685 12.06 35.87 -23.40
CA LEU D 685 13.12 36.40 -22.54
C LEU D 685 12.50 37.21 -21.40
N ARG D 686 12.98 36.99 -20.19
CA ARG D 686 12.65 37.80 -19.03
C ARG D 686 13.87 38.60 -18.62
N THR D 687 13.67 39.88 -18.33
CA THR D 687 14.79 40.78 -18.05
C THR D 687 14.43 41.70 -16.89
N VAL D 688 15.37 41.89 -15.96
CA VAL D 688 15.10 42.80 -14.84
C VAL D 688 15.06 44.24 -15.36
N LEU D 689 14.39 45.11 -14.60
CA LEU D 689 14.12 46.46 -15.06
C LEU D 689 14.15 47.44 -13.90
N ASP D 690 14.55 48.69 -14.20
CA ASP D 690 14.41 49.90 -13.38
C ASP D 690 15.10 51.02 -14.19
N PRO D 691 15.99 51.91 -13.67
CA PRO D 691 16.61 52.86 -14.61
C PRO D 691 17.34 52.19 -15.77
N VAL D 692 17.94 51.02 -15.53
CA VAL D 692 18.60 50.24 -16.57
C VAL D 692 18.12 48.80 -16.41
N THR D 693 18.14 48.06 -17.52
CA THR D 693 17.66 46.69 -17.56
C THR D 693 18.84 45.74 -17.74
N GLY D 694 18.96 44.75 -16.85
CA GLY D 694 20.20 44.01 -16.70
C GLY D 694 20.17 42.50 -16.90
N ASP D 695 19.82 41.75 -15.86
CA ASP D 695 19.84 40.30 -15.89
C ASP D 695 18.83 39.78 -16.92
N LEU D 696 19.11 38.58 -17.44
CA LEU D 696 18.29 38.03 -18.51
C LEU D 696 18.17 36.53 -18.39
N SER D 697 17.03 35.99 -18.83
CA SER D 697 16.83 34.57 -19.03
C SER D 697 16.01 34.37 -20.29
N ASP D 698 16.15 33.21 -20.93
CA ASP D 698 15.44 32.96 -22.17
C ASP D 698 15.12 31.48 -22.30
N THR D 699 14.07 31.19 -23.07
CA THR D 699 13.66 29.82 -23.34
C THR D 699 13.10 29.75 -24.75
N ARG D 700 13.05 28.53 -25.29
CA ARG D 700 12.53 28.28 -26.63
C ARG D 700 11.10 27.78 -26.50
N THR D 701 10.15 28.66 -26.81
CA THR D 701 8.74 28.34 -26.65
C THR D 701 8.13 27.87 -27.97
N GLY D 705 10.83 26.48 -31.23
CA GLY D 705 9.88 27.58 -31.15
C GLY D 705 8.76 27.48 -32.16
N SER D 706 9.12 27.53 -33.45
CA SER D 706 8.22 27.22 -34.56
C SER D 706 7.15 28.29 -34.80
N ARG D 707 6.98 29.23 -33.87
CA ARG D 707 5.96 30.26 -34.02
C ARG D 707 6.44 31.53 -33.34
N PRO D 708 6.07 32.71 -33.85
CA PRO D 708 6.40 33.96 -33.16
C PRO D 708 5.65 34.07 -31.85
N VAL D 709 6.35 34.49 -30.81
CA VAL D 709 5.82 34.48 -29.44
C VAL D 709 5.07 35.79 -29.19
N LYS D 710 3.77 35.68 -28.91
CA LYS D 710 2.97 36.82 -28.51
C LYS D 710 2.80 36.83 -27.00
N LEU D 711 2.65 38.03 -26.43
CA LEU D 711 2.62 38.22 -24.98
C LEU D 711 1.34 38.95 -24.61
N PHE D 712 0.54 38.34 -23.72
CA PHE D 712 -0.72 38.93 -23.29
C PHE D 712 -0.80 38.95 -21.77
N ARG D 713 -1.34 40.03 -21.23
CA ARG D 713 -1.57 40.12 -19.78
C ARG D 713 -2.82 39.34 -19.41
N VAL D 714 -2.72 38.52 -18.37
CA VAL D 714 -3.87 37.79 -17.85
C VAL D 714 -3.87 37.89 -16.32
N ARG D 715 -5.03 37.67 -15.74
CA ARG D 715 -5.23 37.71 -14.29
C ARG D 715 -5.45 36.29 -13.81
N MET D 716 -4.45 35.73 -13.12
CA MET D 716 -4.51 34.37 -12.61
C MET D 716 -4.40 34.39 -11.10
N GLN D 717 -5.37 33.77 -10.42
CA GLN D 717 -5.39 33.65 -8.96
C GLN D 717 -5.28 35.03 -8.30
N GLY D 718 -5.98 36.00 -8.85
CA GLY D 718 -5.95 37.35 -8.31
C GLY D 718 -4.63 38.07 -8.45
N GLN D 719 -3.70 37.54 -9.25
CA GLN D 719 -2.41 38.16 -9.47
C GLN D 719 -2.17 38.33 -10.96
N GLU D 720 -1.19 39.17 -11.29
CA GLU D 720 -0.85 39.42 -12.68
C GLU D 720 0.06 38.30 -13.19
N ALA D 721 -0.41 37.58 -14.22
CA ALA D 721 0.38 36.57 -14.89
C ALA D 721 0.47 36.92 -16.37
N VAL D 722 1.50 36.38 -17.03
CA VAL D 722 1.71 36.65 -18.45
C VAL D 722 1.49 35.38 -19.24
N LEU D 723 0.97 35.54 -20.45
CA LEU D 723 0.59 34.43 -21.32
C LEU D 723 1.37 34.54 -22.63
N ALA D 724 2.29 33.62 -22.85
CA ALA D 724 3.05 33.53 -24.09
C ALA D 724 2.33 32.63 -25.08
N MET D 725 2.54 32.92 -26.37
CA MET D 725 1.78 32.28 -27.44
C MET D 725 2.74 31.97 -28.59
N SER D 726 3.09 30.70 -28.73
CA SER D 726 3.90 30.25 -29.86
C SER D 726 3.30 28.97 -30.43
N SER D 727 4.03 27.86 -30.35
CA SER D 727 3.46 26.57 -30.72
C SER D 727 2.45 26.08 -29.70
N ARG D 728 2.53 26.58 -28.46
CA ARG D 728 1.54 26.34 -27.43
C ARG D 728 1.35 27.63 -26.64
N SER D 729 0.28 27.68 -25.86
CA SER D 729 0.01 28.80 -24.98
C SER D 729 0.58 28.47 -23.61
N TRP D 730 1.59 29.22 -23.18
CA TRP D 730 2.26 29.01 -21.91
C TRP D 730 1.88 30.11 -20.93
N LEU D 731 1.77 29.74 -19.66
CA LEU D 731 1.42 30.69 -18.60
C LEU D 731 2.61 30.83 -17.66
N SER D 732 3.16 32.04 -17.59
CA SER D 732 4.22 32.36 -16.66
C SER D 732 3.63 33.16 -15.50
N TYR D 733 3.86 32.67 -14.29
CA TYR D 733 3.33 33.28 -13.08
C TYR D 733 4.27 32.97 -11.92
N SER D 734 4.46 33.96 -11.04
CA SER D 734 5.32 33.78 -9.89
C SER D 734 4.58 33.07 -8.77
N TYR D 735 5.32 32.26 -8.01
CA TYR D 735 4.75 31.46 -6.93
C TYR D 735 5.76 31.40 -5.79
N GLN D 736 5.49 32.15 -4.72
CA GLN D 736 6.39 32.25 -3.56
C GLN D 736 7.79 32.66 -3.99
N SER D 737 7.87 33.75 -4.78
CA SER D 737 9.12 34.25 -5.33
C SER D 737 9.83 33.18 -6.17
N ARG D 738 9.05 32.35 -6.86
CA ARG D 738 9.59 31.26 -7.68
C ARG D 738 8.68 31.14 -8.90
N PHE D 739 9.20 31.43 -10.08
CA PHE D 739 8.37 31.52 -11.26
C PHE D 739 7.97 30.14 -11.77
N HIS D 740 6.96 30.12 -12.63
CA HIS D 740 6.49 28.91 -13.29
C HIS D 740 6.05 29.27 -14.71
N LEU D 741 6.41 28.40 -15.66
CA LEU D 741 6.04 28.57 -17.06
C LEU D 741 5.40 27.26 -17.51
N THR D 742 4.09 27.15 -17.31
CA THR D 742 3.39 25.90 -17.59
C THR D 742 2.54 26.04 -18.85
N PRO D 743 2.69 25.15 -19.82
CA PRO D 743 1.88 25.23 -21.03
C PRO D 743 0.46 24.74 -20.79
N LEU D 744 -0.45 25.19 -21.67
CA LEU D 744 -1.85 24.81 -21.60
C LEU D 744 -2.12 23.61 -22.48
N SER D 745 -2.81 22.61 -21.93
CA SER D 745 -3.24 21.44 -22.70
C SER D 745 -4.40 21.87 -23.58
N TYR D 746 -4.05 22.49 -24.71
CA TYR D 746 -5.04 23.07 -25.61
C TYR D 746 -4.36 23.30 -26.96
N GLU D 747 -5.19 23.53 -27.98
CA GLU D 747 -4.66 23.77 -29.32
C GLU D 747 -4.02 25.15 -29.39
N THR D 748 -3.40 25.42 -30.54
CA THR D 748 -2.80 26.73 -30.77
C THR D 748 -3.87 27.82 -30.79
N LEU D 749 -3.52 28.97 -30.22
CA LEU D 749 -4.39 30.13 -30.21
C LEU D 749 -3.69 31.31 -30.85
N GLU D 750 -4.47 32.26 -31.37
CA GLU D 750 -3.93 33.42 -32.06
C GLU D 750 -3.88 34.66 -31.20
N PHE D 751 -4.86 34.88 -30.33
CA PHE D 751 -4.83 36.04 -29.45
C PHE D 751 -5.59 35.71 -28.17
N ALA D 752 -5.33 36.47 -27.12
CA ALA D 752 -6.04 36.30 -25.85
C ALA D 752 -6.02 37.61 -25.07
N SER D 753 -7.01 37.74 -24.18
CA SER D 753 -7.10 38.89 -23.28
C SER D 753 -7.87 38.45 -22.04
N GLY D 754 -7.59 39.13 -20.92
CA GLY D 754 -8.24 38.78 -19.68
C GLY D 754 -9.74 39.03 -19.73
N PHE D 755 -10.49 38.17 -19.05
CA PHE D 755 -11.94 38.21 -19.09
C PHE D 755 -12.51 38.07 -17.68
N ALA D 756 -13.64 38.73 -17.45
CA ALA D 756 -14.29 38.70 -16.14
C ALA D 756 -15.77 39.01 -16.33
N SER D 757 -16.63 38.02 -16.11
CA SER D 757 -18.08 38.19 -16.15
C SER D 757 -18.69 37.43 -14.98
N GLU D 758 -20.00 37.56 -14.81
CA GLU D 758 -20.68 36.77 -13.80
C GLU D 758 -20.70 35.29 -14.16
N GLN D 759 -20.80 34.98 -15.46
CA GLN D 759 -20.73 33.60 -15.90
C GLN D 759 -19.35 33.00 -15.65
N CYS D 760 -18.30 33.77 -15.93
CA CYS D 760 -16.91 33.35 -15.71
C CYS D 760 -16.17 34.47 -14.99
N PRO D 761 -16.01 34.38 -13.67
CA PRO D 761 -15.40 35.50 -12.93
C PRO D 761 -13.96 35.80 -13.34
N GLU D 762 -13.18 34.77 -13.65
CA GLU D 762 -11.76 34.95 -13.99
C GLU D 762 -11.44 34.01 -15.14
N GLY D 763 -11.46 34.54 -16.36
CA GLY D 763 -11.21 33.72 -17.54
C GLY D 763 -10.34 34.40 -18.58
N ILE D 764 -10.26 33.81 -19.76
CA ILE D 764 -9.41 34.29 -20.84
C ILE D 764 -10.19 34.18 -22.15
N VAL D 765 -10.34 35.28 -22.85
CA VAL D 765 -10.95 35.28 -24.19
C VAL D 765 -9.83 35.11 -25.21
N ALA D 766 -9.86 33.99 -25.93
CA ALA D 766 -8.83 33.68 -26.91
C ALA D 766 -9.49 33.44 -28.26
N ILE D 767 -8.95 34.06 -29.30
CA ILE D 767 -9.35 33.79 -30.68
C ILE D 767 -8.30 32.88 -31.31
N SER D 768 -8.78 31.78 -31.90
CA SER D 768 -7.98 30.90 -32.73
C SER D 768 -8.45 31.02 -34.17
N THR D 769 -7.76 30.31 -35.06
CA THR D 769 -8.08 30.35 -36.48
C THR D 769 -9.57 30.11 -36.72
N ASN D 770 -10.29 31.17 -37.06
CA ASN D 770 -11.71 31.11 -37.39
C ASN D 770 -12.59 30.70 -36.22
N THR D 771 -12.22 31.08 -35.00
CA THR D 771 -13.07 30.75 -33.86
C THR D 771 -12.76 31.66 -32.68
N LEU D 772 -13.81 31.97 -31.93
CA LEU D 772 -13.75 32.75 -30.69
C LEU D 772 -14.10 31.84 -29.51
N ARG D 773 -13.26 31.88 -28.47
CA ARG D 773 -13.37 30.96 -27.35
C ARG D 773 -13.26 31.70 -26.03
N ILE D 774 -14.23 31.46 -25.14
CA ILE D 774 -14.19 31.94 -23.77
C ILE D 774 -13.74 30.77 -22.90
N LEU D 775 -12.55 30.89 -22.32
CA LEU D 775 -11.91 29.81 -21.58
C LEU D 775 -11.67 30.24 -20.14
N ALA D 776 -11.22 29.29 -19.33
CA ALA D 776 -10.91 29.53 -17.93
C ALA D 776 -9.85 28.54 -17.47
N LEU D 777 -8.96 29.00 -16.61
CA LEU D 777 -7.89 28.18 -16.05
C LEU D 777 -8.19 27.98 -14.56
N GLU D 778 -9.04 26.99 -14.28
CA GLU D 778 -9.45 26.72 -12.91
C GLU D 778 -8.37 25.95 -12.15
N LYS D 779 -8.01 24.76 -12.65
CA LYS D 779 -7.00 23.95 -11.99
C LYS D 779 -5.60 24.55 -12.22
N LEU D 780 -4.76 24.46 -11.19
CA LEU D 780 -3.41 24.99 -11.26
C LEU D 780 -2.34 23.92 -11.46
N GLY D 781 -2.62 22.67 -11.07
CA GLY D 781 -1.65 21.60 -11.24
C GLY D 781 -1.65 21.06 -12.66
N ALA D 782 -0.47 20.73 -13.16
CA ALA D 782 -0.29 20.23 -14.51
C ALA D 782 -0.37 18.71 -14.52
N VAL D 783 -1.24 18.16 -15.38
CA VAL D 783 -1.43 16.73 -15.51
C VAL D 783 -1.67 16.41 -16.98
N PHE D 784 -1.84 15.12 -17.27
CA PHE D 784 -2.23 14.67 -18.61
C PHE D 784 -3.71 14.94 -18.81
N ASN D 785 -4.05 15.94 -19.61
CA ASN D 785 -5.43 16.24 -19.93
C ASN D 785 -5.80 15.65 -21.29
N GLN D 786 -7.09 15.40 -21.47
CA GLN D 786 -7.57 14.58 -22.58
C GLN D 786 -8.65 15.32 -23.36
N VAL D 787 -8.80 14.90 -24.62
CA VAL D 787 -10.00 15.17 -25.41
C VAL D 787 -10.42 13.86 -26.06
N ALA D 788 -11.65 13.45 -25.82
CA ALA D 788 -12.10 12.09 -26.13
C ALA D 788 -12.94 12.06 -27.40
N PHE D 789 -12.63 11.11 -28.28
CA PHE D 789 -13.40 10.89 -29.50
C PHE D 789 -14.13 9.55 -29.38
N PRO D 790 -15.45 9.55 -29.25
CA PRO D 790 -16.17 8.30 -29.02
C PRO D 790 -16.07 7.35 -30.21
N LEU D 791 -15.99 6.06 -29.91
CA LEU D 791 -15.97 4.99 -30.90
C LEU D 791 -17.20 4.10 -30.72
N GLN D 792 -17.29 3.07 -31.56
CA GLN D 792 -18.40 2.13 -31.52
C GLN D 792 -18.03 0.79 -30.89
N TYR D 793 -16.87 0.24 -31.24
CA TYR D 793 -16.42 -1.04 -30.71
C TYR D 793 -15.04 -0.87 -30.09
N THR D 794 -14.53 -1.96 -29.52
CA THR D 794 -13.25 -1.92 -28.81
C THR D 794 -12.10 -1.84 -29.82
N PRO D 795 -11.24 -0.82 -29.74
CA PRO D 795 -10.17 -0.69 -30.73
C PRO D 795 -9.00 -1.61 -30.42
N ARG D 796 -8.39 -2.14 -31.48
CA ARG D 796 -7.25 -3.03 -31.35
C ARG D 796 -5.93 -2.41 -31.81
N LYS D 797 -5.96 -1.52 -32.81
CA LYS D 797 -4.75 -0.92 -33.35
C LYS D 797 -5.13 0.22 -34.28
N PHE D 798 -4.27 1.23 -34.33
CA PHE D 798 -4.39 2.29 -35.32
C PHE D 798 -3.01 2.63 -35.86
N VAL D 799 -2.98 3.14 -37.09
CA VAL D 799 -1.73 3.43 -37.78
C VAL D 799 -1.75 4.86 -38.29
N ILE D 800 -0.55 5.44 -38.37
CA ILE D 800 -0.39 6.83 -38.82
C ILE D 800 -0.17 6.83 -40.31
N HIS D 801 -1.05 7.52 -41.04
CA HIS D 801 -0.83 7.73 -42.47
C HIS D 801 0.10 8.92 -42.65
N PRO D 802 1.31 8.74 -43.21
CA PRO D 802 2.27 9.85 -43.24
C PRO D 802 1.77 11.10 -43.94
N GLU D 803 1.16 10.95 -45.12
CA GLU D 803 0.69 12.13 -45.85
C GLU D 803 -0.54 12.75 -45.19
N SER D 804 -1.59 11.94 -44.97
CA SER D 804 -2.83 12.47 -44.43
C SER D 804 -2.72 12.83 -42.95
N ASN D 805 -1.78 12.23 -42.22
CA ASN D 805 -1.66 12.40 -40.78
C ASN D 805 -2.94 12.00 -40.05
N ASN D 806 -3.71 11.10 -40.66
CA ASN D 806 -4.97 10.61 -40.11
C ASN D 806 -4.78 9.19 -39.57
N LEU D 807 -5.86 8.64 -39.02
CA LEU D 807 -5.79 7.37 -38.31
C LEU D 807 -6.72 6.34 -38.96
N ILE D 808 -6.22 5.12 -39.06
CA ILE D 808 -6.97 3.96 -39.56
C ILE D 808 -7.12 3.00 -38.39
N ILE D 809 -8.31 2.93 -37.82
CA ILE D 809 -8.56 2.19 -36.58
C ILE D 809 -9.41 0.98 -36.89
N ILE D 810 -9.08 -0.15 -36.26
CA ILE D 810 -9.88 -1.37 -36.31
C ILE D 810 -10.52 -1.59 -34.96
N GLU D 811 -11.83 -1.80 -34.95
CA GLU D 811 -12.61 -1.94 -33.72
C GLU D 811 -13.34 -3.27 -33.75
N THR D 812 -12.92 -4.20 -32.89
CA THR D 812 -13.41 -5.57 -32.90
C THR D 812 -13.95 -5.94 -31.53
N ASP D 813 -15.08 -6.64 -31.50
CA ASP D 813 -15.70 -7.06 -30.25
C ASP D 813 -16.29 -8.45 -30.36
N HIS D 814 -16.03 -9.26 -29.34
CA HIS D 814 -16.65 -10.57 -29.16
C HIS D 814 -18.12 -10.41 -28.75
N ASN D 815 -18.87 -11.50 -28.89
CA ASN D 815 -20.25 -11.57 -28.40
C ASN D 815 -21.12 -10.44 -28.96
N ALA D 816 -20.84 -9.98 -30.17
CA ALA D 816 -21.47 -8.77 -30.67
C ALA D 816 -22.22 -9.04 -31.97
N TYR D 817 -23.16 -8.13 -32.26
CA TYR D 817 -23.89 -8.11 -33.51
C TYR D 817 -23.39 -6.94 -34.36
N THR D 818 -23.31 -7.14 -35.67
CA THR D 818 -23.10 -6.01 -36.55
C THR D 818 -24.39 -5.19 -36.63
N GLU D 819 -24.26 -3.98 -37.16
CA GLU D 819 -25.42 -3.07 -37.21
C GLU D 819 -26.55 -3.68 -38.03
N ALA D 820 -26.22 -4.31 -39.16
CA ALA D 820 -27.24 -4.96 -39.97
C ALA D 820 -27.95 -6.07 -39.21
N THR D 821 -27.19 -6.86 -38.44
CA THR D 821 -27.81 -7.91 -37.64
C THR D 821 -28.68 -7.32 -36.54
N LYS D 822 -28.28 -6.18 -35.97
CA LYS D 822 -29.14 -5.51 -35.00
C LYS D 822 -30.46 -5.08 -35.63
N ALA D 823 -30.40 -4.54 -36.85
CA ALA D 823 -31.61 -4.11 -37.52
C ALA D 823 -32.51 -5.29 -37.87
N GLN D 824 -31.93 -6.32 -38.50
CA GLN D 824 -32.73 -7.47 -38.93
C GLN D 824 -33.26 -8.28 -37.76
N ARG D 825 -32.51 -8.33 -36.65
CA ARG D 825 -32.97 -9.07 -35.47
C ARG D 825 -34.05 -8.29 -34.73
N LYS D 826 -33.83 -6.99 -34.56
CA LYS D 826 -34.85 -6.12 -33.97
C LYS D 826 -36.15 -6.22 -34.76
N GLN D 827 -36.05 -6.14 -36.08
CA GLN D 827 -37.24 -6.27 -36.93
C GLN D 827 -37.87 -7.66 -36.81
N GLN D 828 -37.03 -8.70 -36.78
CA GLN D 828 -37.56 -10.06 -36.63
C GLN D 828 -38.37 -10.18 -35.35
N MET D 829 -37.87 -9.62 -34.25
CA MET D 829 -38.65 -9.56 -33.02
C MET D 829 -39.96 -8.81 -33.24
N ALA D 830 -39.92 -7.71 -34.02
CA ALA D 830 -41.13 -6.96 -34.30
C ALA D 830 -42.16 -7.82 -35.03
N GLU D 831 -41.72 -8.63 -35.99
CA GLU D 831 -42.64 -9.52 -36.68
C GLU D 831 -43.21 -10.56 -35.73
N GLU D 832 -42.35 -11.18 -34.92
CA GLU D 832 -42.81 -12.18 -33.96
C GLU D 832 -43.73 -11.60 -32.91
N MET D 833 -43.74 -10.27 -32.74
CA MET D 833 -44.64 -9.66 -31.76
C MET D 833 -46.10 -9.79 -32.19
N VAL D 834 -46.37 -9.67 -33.48
CA VAL D 834 -47.74 -9.69 -33.97
C VAL D 834 -48.30 -11.10 -33.98
N GLU D 835 -47.46 -12.11 -34.19
CA GLU D 835 -47.91 -13.49 -34.29
C GLU D 835 -48.59 -13.98 -33.02
N ALA D 836 -48.50 -13.25 -31.90
CA ALA D 836 -49.25 -13.61 -30.71
C ALA D 836 -50.75 -13.50 -30.92
N ALA D 837 -51.18 -12.77 -31.95
CA ALA D 837 -52.59 -12.67 -32.35
C ALA D 837 -53.44 -12.09 -31.22
N GLY D 838 -52.91 -11.09 -30.52
CA GLY D 838 -53.67 -10.41 -29.49
C GLY D 838 -54.51 -9.30 -30.11
N GLU D 839 -55.82 -9.34 -29.84
CA GLU D 839 -56.73 -8.36 -30.41
C GLU D 839 -56.62 -7.02 -29.69
N LEU D 844 -52.80 -8.07 -32.81
CA LEU D 844 -53.23 -7.61 -34.11
C LEU D 844 -53.55 -6.11 -34.09
N ALA D 845 -54.16 -5.65 -33.01
CA ALA D 845 -54.48 -4.24 -32.84
C ALA D 845 -53.42 -3.48 -32.07
N ALA D 846 -52.39 -4.15 -31.60
CA ALA D 846 -51.32 -3.53 -30.81
C ALA D 846 -50.07 -3.42 -31.68
N GLU D 847 -49.56 -2.20 -31.82
CA GLU D 847 -48.30 -1.95 -32.52
C GLU D 847 -47.29 -1.42 -31.50
N MET D 848 -46.79 -2.33 -30.67
CA MET D 848 -45.66 -2.00 -29.83
C MET D 848 -44.36 -1.96 -30.62
N ALA D 849 -44.33 -2.55 -31.81
CA ALA D 849 -43.17 -2.44 -32.68
C ALA D 849 -42.94 -1.00 -33.12
N ALA D 850 -44.01 -0.20 -33.17
CA ALA D 850 -43.87 1.22 -33.48
C ALA D 850 -43.12 1.97 -32.39
N ALA D 851 -43.11 1.45 -31.17
CA ALA D 851 -42.31 2.01 -30.09
C ALA D 851 -41.00 1.27 -29.87
N PHE D 852 -40.89 0.05 -30.36
CA PHE D 852 -39.70 -0.78 -30.22
C PHE D 852 -38.70 -0.54 -31.36
N LEU D 853 -39.18 -0.55 -32.60
CA LEU D 853 -38.32 -0.22 -33.74
C LEU D 853 -37.96 1.25 -33.79
N ASN D 854 -38.75 2.12 -33.16
CA ASN D 854 -38.47 3.55 -33.20
C ASN D 854 -37.26 3.90 -32.34
N GLU D 855 -37.30 3.52 -31.07
CA GLU D 855 -36.29 3.95 -30.11
C GLU D 855 -35.13 2.96 -30.11
N ASN D 856 -33.96 3.42 -30.58
CA ASN D 856 -32.71 2.70 -30.38
C ASN D 856 -32.09 3.27 -29.12
N LEU D 857 -32.15 2.48 -28.03
CA LEU D 857 -31.62 2.95 -26.75
C LEU D 857 -30.15 3.30 -26.89
N PRO D 858 -29.69 4.40 -26.27
CA PRO D 858 -28.28 4.78 -26.37
C PRO D 858 -27.35 3.66 -25.90
N GLU D 859 -26.62 3.08 -26.84
CA GLU D 859 -25.83 1.88 -26.58
C GLU D 859 -24.74 2.12 -25.55
N SER D 860 -24.28 3.36 -25.39
CA SER D 860 -23.17 3.64 -24.49
C SER D 860 -23.57 3.60 -23.02
N ILE D 861 -24.79 4.02 -22.70
CA ILE D 861 -25.24 4.10 -21.31
C ILE D 861 -26.03 2.87 -20.89
N PHE D 862 -26.95 2.41 -21.73
CA PHE D 862 -27.75 1.23 -21.42
C PHE D 862 -27.03 -0.07 -21.76
N GLY D 863 -25.71 -0.05 -21.92
CA GLY D 863 -24.98 -1.24 -22.31
C GLY D 863 -25.20 -1.58 -23.76
N ALA D 864 -24.32 -2.41 -24.31
CA ALA D 864 -24.41 -2.82 -25.70
C ALA D 864 -25.31 -4.05 -25.84
N PRO D 865 -26.38 -3.98 -26.64
CA PRO D 865 -27.16 -5.20 -26.90
C PRO D 865 -26.36 -6.20 -27.72
N LYS D 866 -25.64 -7.08 -27.04
CA LYS D 866 -24.67 -7.95 -27.69
C LYS D 866 -24.69 -9.32 -27.01
N ALA D 867 -24.61 -10.38 -27.82
CA ALA D 867 -24.60 -11.74 -27.31
C ALA D 867 -24.17 -12.69 -28.42
N GLY D 868 -23.83 -13.91 -28.03
CA GLY D 868 -23.38 -14.94 -28.94
C GLY D 868 -21.95 -15.37 -28.68
N ASN D 869 -21.66 -16.66 -28.83
CA ASN D 869 -20.31 -17.16 -28.58
C ASN D 869 -19.44 -17.11 -29.83
N GLY D 870 -20.02 -17.31 -31.01
CA GLY D 870 -19.26 -17.21 -32.23
C GLY D 870 -19.46 -15.86 -32.92
N GLN D 871 -20.38 -15.07 -32.39
CA GLN D 871 -20.70 -13.78 -32.99
C GLN D 871 -19.58 -12.77 -32.72
N TRP D 872 -19.43 -11.83 -33.65
CA TRP D 872 -18.40 -10.80 -33.54
C TRP D 872 -18.94 -9.50 -34.15
N ALA D 873 -18.14 -8.45 -34.04
CA ALA D 873 -18.44 -7.21 -34.76
C ALA D 873 -17.15 -6.41 -34.92
N SER D 874 -16.72 -6.19 -36.15
CA SER D 874 -15.50 -5.46 -36.44
C SER D 874 -15.80 -4.36 -37.45
N VAL D 875 -15.14 -3.21 -37.28
CA VAL D 875 -15.36 -2.03 -38.11
C VAL D 875 -14.04 -1.35 -38.35
N ILE D 876 -13.82 -0.91 -39.60
CA ILE D 876 -12.67 -0.09 -39.96
C ILE D 876 -13.12 1.35 -40.00
N ARG D 877 -12.28 2.25 -39.48
CA ARG D 877 -12.64 3.67 -39.39
C ARG D 877 -11.46 4.54 -39.77
N VAL D 878 -11.73 5.57 -40.57
CA VAL D 878 -10.74 6.59 -40.90
C VAL D 878 -11.13 7.86 -40.16
N MET D 879 -10.28 8.29 -39.23
CA MET D 879 -10.58 9.43 -38.37
C MET D 879 -9.47 10.47 -38.45
N ASN D 880 -9.88 11.73 -38.54
CA ASN D 880 -8.94 12.84 -38.45
C ASN D 880 -8.60 13.09 -36.98
N PRO D 881 -7.33 13.06 -36.59
CA PRO D 881 -6.97 13.25 -35.18
C PRO D 881 -7.07 14.70 -34.71
N ILE D 882 -7.16 15.67 -35.63
CA ILE D 882 -7.21 17.07 -35.22
C ILE D 882 -8.55 17.39 -34.59
N GLN D 883 -9.64 17.08 -35.29
CA GLN D 883 -10.98 17.22 -34.76
C GLN D 883 -11.51 15.86 -34.32
N GLY D 884 -12.79 15.81 -33.98
CA GLY D 884 -13.42 14.56 -33.60
C GLY D 884 -14.15 13.84 -34.70
N ASN D 885 -14.15 14.37 -35.92
CA ASN D 885 -14.92 13.78 -37.01
C ASN D 885 -14.28 12.49 -37.51
N THR D 886 -15.12 11.57 -37.98
CA THR D 886 -14.68 10.35 -38.63
C THR D 886 -14.78 10.52 -40.14
N LEU D 887 -13.66 10.29 -40.83
CA LEU D 887 -13.63 10.52 -42.27
C LEU D 887 -14.32 9.41 -43.05
N ASP D 888 -14.07 8.15 -42.68
CA ASP D 888 -14.68 7.03 -43.38
C ASP D 888 -15.07 5.95 -42.38
N LEU D 889 -16.05 5.13 -42.78
CA LEU D 889 -16.54 4.04 -41.95
C LEU D 889 -16.84 2.84 -42.83
N VAL D 890 -16.26 1.70 -42.48
CA VAL D 890 -16.44 0.45 -43.22
C VAL D 890 -16.91 -0.60 -42.22
N GLN D 891 -18.16 -1.04 -42.37
CA GLN D 891 -18.71 -2.08 -41.53
C GLN D 891 -18.50 -3.44 -42.19
N LEU D 892 -17.94 -4.38 -41.43
CA LEU D 892 -17.59 -5.69 -41.96
C LEU D 892 -18.78 -6.65 -41.81
N GLU D 893 -18.54 -7.93 -42.10
CA GLU D 893 -19.60 -8.93 -42.11
C GLU D 893 -19.98 -9.28 -40.67
N GLN D 894 -20.79 -10.32 -40.51
CA GLN D 894 -21.34 -10.66 -39.19
C GLN D 894 -20.27 -11.25 -38.28
N ASN D 895 -19.67 -12.38 -38.69
CA ASN D 895 -18.71 -13.09 -37.86
C ASN D 895 -17.27 -12.84 -38.28
N GLU D 896 -16.96 -11.62 -38.71
CA GLU D 896 -15.61 -11.24 -39.10
C GLU D 896 -15.02 -10.31 -38.05
N ALA D 897 -13.76 -10.57 -37.67
CA ALA D 897 -13.12 -9.88 -36.56
C ALA D 897 -11.71 -9.48 -36.98
N ALA D 898 -11.47 -8.17 -37.11
CA ALA D 898 -10.16 -7.69 -37.55
C ALA D 898 -9.21 -7.56 -36.36
N PHE D 899 -7.98 -8.05 -36.52
CA PHE D 899 -6.97 -8.01 -35.48
C PHE D 899 -5.68 -7.32 -35.90
N SER D 900 -5.49 -7.03 -37.18
CA SER D 900 -4.29 -6.34 -37.64
C SER D 900 -4.68 -5.30 -38.69
N VAL D 901 -3.80 -4.32 -38.87
CA VAL D 901 -4.04 -3.23 -39.82
C VAL D 901 -2.71 -2.54 -40.07
N ALA D 902 -2.55 -1.99 -41.28
CA ALA D 902 -1.35 -1.27 -41.64
C ALA D 902 -1.64 -0.38 -42.84
N VAL D 903 -0.81 0.66 -42.99
CA VAL D 903 -0.89 1.59 -44.11
C VAL D 903 0.49 1.70 -44.72
N CYS D 904 0.61 1.42 -46.01
CA CYS D 904 1.90 1.43 -46.68
C CYS D 904 1.67 1.48 -48.18
N ARG D 905 2.78 1.46 -48.92
CA ARG D 905 2.78 1.40 -50.38
C ARG D 905 3.63 0.24 -50.83
N PHE D 906 3.38 -0.22 -52.06
CA PHE D 906 4.09 -1.35 -52.62
C PHE D 906 5.08 -0.89 -53.69
N SER D 907 6.15 -1.68 -53.86
CA SER D 907 7.18 -1.32 -54.82
C SER D 907 6.69 -1.49 -56.25
N ASN D 908 5.89 -2.53 -56.51
CA ASN D 908 5.41 -2.77 -57.87
C ASN D 908 4.46 -1.67 -58.33
N THR D 909 3.68 -1.10 -57.42
CA THR D 909 2.76 -0.02 -57.76
C THR D 909 3.45 1.32 -57.55
N GLY D 910 2.73 2.39 -57.89
CA GLY D 910 3.24 3.74 -57.72
C GLY D 910 3.19 4.20 -56.28
N GLU D 911 3.01 5.50 -56.08
CA GLU D 911 2.94 6.10 -54.76
C GLU D 911 1.53 6.05 -54.17
N ASP D 912 0.77 5.01 -54.47
CA ASP D 912 -0.60 4.88 -53.99
C ASP D 912 -0.61 4.15 -52.66
N TRP D 913 -1.30 4.72 -51.67
CA TRP D 913 -1.32 4.18 -50.33
C TRP D 913 -2.39 3.09 -50.22
N TYR D 914 -2.01 1.94 -49.65
CA TYR D 914 -2.92 0.83 -49.47
C TYR D 914 -3.12 0.54 -48.00
N VAL D 915 -4.31 0.05 -47.66
CA VAL D 915 -4.67 -0.27 -46.27
C VAL D 915 -5.00 -1.76 -46.22
N LEU D 916 -4.16 -2.53 -45.55
CA LEU D 916 -4.36 -3.97 -45.39
C LEU D 916 -4.92 -4.24 -44.00
N VAL D 917 -6.00 -5.00 -43.94
CA VAL D 917 -6.68 -5.30 -42.68
C VAL D 917 -6.82 -6.81 -42.55
N GLY D 918 -6.21 -7.38 -41.51
CA GLY D 918 -6.30 -8.80 -41.25
C GLY D 918 -7.55 -9.11 -40.43
N VAL D 919 -8.35 -10.06 -40.93
CA VAL D 919 -9.64 -10.40 -40.35
C VAL D 919 -9.70 -11.91 -40.14
N ALA D 920 -10.55 -12.33 -39.21
CA ALA D 920 -10.76 -13.73 -38.90
C ALA D 920 -12.25 -14.05 -38.98
N LYS D 921 -12.55 -15.32 -39.21
CA LYS D 921 -13.92 -15.77 -39.44
C LYS D 921 -14.29 -16.86 -38.43
N ASP D 922 -15.43 -16.67 -37.77
CA ASP D 922 -16.01 -17.66 -36.85
C ASP D 922 -15.00 -18.08 -35.79
N LEU D 923 -14.71 -17.14 -34.90
CA LEU D 923 -13.76 -17.36 -33.81
C LEU D 923 -14.50 -17.89 -32.59
N ILE D 924 -14.26 -19.15 -32.24
CA ILE D 924 -14.64 -19.69 -30.95
C ILE D 924 -13.45 -19.52 -30.04
N LEU D 925 -13.56 -18.62 -29.06
CA LEU D 925 -12.41 -18.23 -28.27
C LEU D 925 -12.02 -19.27 -27.23
N ASN D 926 -13.01 -19.96 -26.66
CA ASN D 926 -12.76 -20.95 -25.62
C ASN D 926 -13.77 -22.09 -25.69
N PRO D 927 -13.32 -23.27 -26.16
CA PRO D 927 -11.97 -23.60 -26.63
C PRO D 927 -11.66 -22.97 -27.98
N ARG D 928 -10.36 -22.78 -28.28
CA ARG D 928 -9.98 -22.07 -29.49
C ARG D 928 -10.23 -22.93 -30.73
N SER D 929 -10.94 -22.37 -31.70
CA SER D 929 -11.19 -23.03 -32.97
C SER D 929 -11.56 -21.98 -33.99
N VAL D 930 -10.89 -22.01 -35.15
CA VAL D 930 -11.11 -21.01 -36.19
C VAL D 930 -11.53 -21.71 -37.47
N ALA D 931 -12.34 -21.02 -38.27
CA ALA D 931 -12.73 -21.52 -39.57
C ALA D 931 -11.77 -21.05 -40.66
N GLY D 932 -11.37 -19.79 -40.62
CA GLY D 932 -10.43 -19.26 -41.59
C GLY D 932 -10.19 -17.79 -41.34
N GLY D 933 -9.42 -17.18 -42.23
CA GLY D 933 -9.12 -15.78 -42.14
C GLY D 933 -9.21 -15.11 -43.50
N PHE D 934 -9.27 -13.78 -43.47
CA PHE D 934 -9.29 -12.98 -44.68
C PHE D 934 -8.34 -11.80 -44.51
N VAL D 935 -7.99 -11.17 -45.63
CA VAL D 935 -7.16 -9.98 -45.64
C VAL D 935 -7.79 -9.01 -46.63
N TYR D 936 -8.36 -7.92 -46.12
CA TYR D 936 -8.92 -6.89 -46.97
C TYR D 936 -7.83 -5.93 -47.43
N THR D 937 -7.92 -5.49 -48.67
CA THR D 937 -7.00 -4.51 -49.23
C THR D 937 -7.79 -3.30 -49.71
N TYR D 938 -7.32 -2.11 -49.36
CA TYR D 938 -8.01 -0.87 -49.69
C TYR D 938 -7.05 0.11 -50.35
N LYS D 939 -7.62 1.02 -51.14
CA LYS D 939 -6.85 1.94 -51.97
C LYS D 939 -6.58 3.29 -51.31
N LEU D 940 -7.31 3.64 -50.26
CA LEU D 940 -7.11 4.87 -49.47
C LEU D 940 -6.82 6.07 -50.37
N VAL D 941 -7.82 6.42 -51.19
CA VAL D 941 -7.69 7.52 -52.13
C VAL D 941 -8.10 8.80 -51.42
N ASN D 942 -7.93 9.95 -52.10
CA ASN D 942 -8.29 11.26 -51.55
C ASN D 942 -7.41 11.62 -50.35
N ASN D 943 -6.10 11.38 -50.48
CA ASN D 943 -5.11 11.55 -49.43
C ASN D 943 -5.67 11.14 -48.06
N GLY D 944 -6.00 9.85 -47.96
CA GLY D 944 -6.39 9.27 -46.69
C GLY D 944 -7.77 9.64 -46.18
N GLU D 945 -8.70 9.99 -47.08
CA GLU D 945 -10.04 10.38 -46.65
C GLU D 945 -11.10 9.31 -46.92
N LYS D 946 -10.87 8.40 -47.85
CA LYS D 946 -11.87 7.40 -48.18
C LYS D 946 -11.19 6.06 -48.45
N LEU D 947 -11.89 4.99 -48.09
CA LEU D 947 -11.47 3.62 -48.37
C LEU D 947 -12.38 3.03 -49.45
N GLU D 948 -11.79 2.51 -50.51
CA GLU D 948 -12.54 1.84 -51.56
C GLU D 948 -12.02 0.42 -51.74
N PHE D 949 -12.93 -0.51 -51.96
CA PHE D 949 -12.64 -1.93 -51.87
C PHE D 949 -11.81 -2.37 -53.07
N LEU D 950 -10.64 -2.93 -52.81
CA LEU D 950 -9.76 -3.44 -53.88
C LEU D 950 -10.00 -4.93 -54.06
N HIS D 951 -9.58 -5.74 -53.08
CA HIS D 951 -9.90 -7.16 -53.07
C HIS D 951 -9.82 -7.69 -51.65
N LYS D 952 -10.34 -8.91 -51.48
CA LYS D 952 -10.43 -9.60 -50.20
C LYS D 952 -9.78 -10.97 -50.38
N THR D 953 -8.51 -11.10 -50.00
CA THR D 953 -7.84 -12.36 -50.26
C THR D 953 -7.98 -13.30 -49.06
N PRO D 954 -8.44 -14.53 -49.26
CA PRO D 954 -8.66 -15.44 -48.15
C PRO D 954 -7.39 -16.19 -47.74
N VAL D 955 -7.46 -16.81 -46.57
CA VAL D 955 -6.34 -17.57 -46.00
C VAL D 955 -6.92 -18.52 -44.97
N GLU D 956 -6.14 -19.54 -44.59
CA GLU D 956 -6.69 -20.64 -43.80
C GLU D 956 -6.76 -20.33 -42.30
N GLU D 957 -5.86 -19.51 -41.79
CA GLU D 957 -5.78 -19.20 -40.37
C GLU D 957 -5.87 -17.69 -40.17
N VAL D 958 -6.12 -17.28 -38.93
CA VAL D 958 -6.25 -15.85 -38.62
C VAL D 958 -4.90 -15.16 -38.81
N PRO D 959 -4.84 -14.08 -39.61
CA PRO D 959 -3.61 -13.29 -39.67
C PRO D 959 -3.65 -12.13 -38.67
N ALA D 960 -2.79 -12.17 -37.66
CA ALA D 960 -2.82 -11.18 -36.59
C ALA D 960 -1.56 -10.31 -36.57
N ALA D 961 -0.95 -10.08 -37.74
CA ALA D 961 0.30 -9.32 -37.79
C ALA D 961 0.55 -8.92 -39.23
N ILE D 962 0.59 -7.62 -39.50
CA ILE D 962 0.84 -7.07 -40.83
C ILE D 962 1.87 -5.97 -40.70
N ALA D 963 2.93 -6.04 -41.52
CA ALA D 963 4.02 -5.07 -41.44
C ALA D 963 4.64 -4.84 -42.82
N PRO D 964 4.76 -3.58 -43.25
CA PRO D 964 5.44 -3.31 -44.53
C PRO D 964 6.92 -3.61 -44.44
N PHE D 965 7.44 -4.25 -45.49
CA PHE D 965 8.82 -4.75 -45.46
C PHE D 965 9.36 -4.78 -46.89
N GLN D 966 10.20 -3.80 -47.21
CA GLN D 966 10.90 -3.74 -48.49
C GLN D 966 9.92 -3.80 -49.67
N GLY D 967 9.04 -2.81 -49.72
CA GLY D 967 8.14 -2.68 -50.86
C GLY D 967 7.05 -3.72 -50.88
N ARG D 968 7.11 -4.68 -49.95
CA ARG D 968 6.12 -5.73 -49.82
C ARG D 968 5.64 -5.77 -48.38
N VAL D 969 4.72 -6.69 -48.10
CA VAL D 969 4.07 -6.75 -46.79
C VAL D 969 4.33 -8.10 -46.16
N LEU D 970 4.78 -8.10 -44.91
CA LEU D 970 4.93 -9.31 -44.11
C LEU D 970 3.65 -9.56 -43.33
N ILE D 971 3.04 -10.73 -43.54
CA ILE D 971 1.79 -11.08 -42.90
C ILE D 971 1.99 -12.32 -42.04
N GLY D 972 1.49 -12.26 -40.81
CA GLY D 972 1.55 -13.39 -39.90
C GLY D 972 0.21 -14.09 -39.80
N VAL D 973 0.11 -15.26 -40.43
CA VAL D 973 -1.11 -16.06 -40.41
C VAL D 973 -0.83 -17.31 -39.57
N GLY D 974 -1.48 -17.38 -38.41
CA GLY D 974 -1.21 -18.48 -37.50
C GLY D 974 0.23 -18.44 -37.04
N LYS D 975 0.88 -19.61 -37.07
CA LYS D 975 2.30 -19.71 -36.78
C LYS D 975 3.17 -19.55 -38.03
N LEU D 976 2.56 -19.13 -39.14
CA LEU D 976 3.26 -19.04 -40.42
C LEU D 976 3.51 -17.58 -40.75
N LEU D 977 4.79 -17.24 -40.95
CA LEU D 977 5.21 -15.90 -41.33
C LEU D 977 5.44 -15.87 -42.84
N ARG D 978 4.64 -15.08 -43.55
CA ARG D 978 4.66 -15.10 -45.00
C ARG D 978 5.01 -13.73 -45.56
N VAL D 979 5.72 -13.75 -46.69
CA VAL D 979 6.04 -12.55 -47.46
C VAL D 979 5.04 -12.45 -48.60
N TYR D 980 4.27 -11.37 -48.62
CA TYR D 980 3.22 -11.13 -49.60
C TYR D 980 3.54 -9.90 -50.44
N ASP D 981 3.20 -9.98 -51.72
CA ASP D 981 3.23 -8.87 -52.66
C ASP D 981 1.81 -8.58 -53.12
N LEU D 982 1.64 -7.43 -53.77
CA LEU D 982 0.32 -6.99 -54.20
C LEU D 982 0.02 -7.51 -55.60
N GLY D 983 -1.16 -8.10 -55.76
CA GLY D 983 -1.63 -8.54 -57.07
C GLY D 983 -2.94 -7.88 -57.45
N LYS D 984 -3.30 -7.93 -58.73
CA LYS D 984 -4.53 -7.32 -59.18
C LYS D 984 -5.76 -8.08 -58.75
N LYS D 985 -5.63 -9.38 -58.49
CA LYS D 985 -6.74 -10.23 -58.07
C LYS D 985 -6.70 -10.61 -56.60
N LYS D 986 -5.52 -10.87 -56.05
CA LYS D 986 -5.37 -11.21 -54.65
C LYS D 986 -3.94 -10.94 -54.23
N LEU D 987 -3.69 -11.00 -52.93
CA LEU D 987 -2.35 -10.82 -52.38
C LEU D 987 -1.57 -12.10 -52.58
N LEU D 988 -0.63 -12.10 -53.53
CA LEU D 988 0.09 -13.30 -53.91
C LEU D 988 1.13 -13.65 -52.86
N ARG D 989 1.16 -14.92 -52.46
CA ARG D 989 2.12 -15.39 -51.47
C ARG D 989 3.49 -15.56 -52.13
N LYS D 990 4.46 -14.76 -51.70
CA LYS D 990 5.80 -14.81 -52.26
C LYS D 990 6.78 -15.64 -51.43
N CYS D 991 6.57 -15.73 -50.12
CA CYS D 991 7.41 -16.59 -49.29
C CYS D 991 6.64 -17.01 -48.05
N GLU D 992 7.18 -18.02 -47.36
CA GLU D 992 6.51 -18.61 -46.21
C GLU D 992 7.55 -19.24 -45.29
N ASN D 993 7.27 -19.19 -43.99
CA ASN D 993 8.09 -19.84 -42.97
C ASN D 993 7.14 -20.40 -41.92
N LYS D 994 7.33 -21.68 -41.58
CA LYS D 994 6.41 -22.39 -40.70
C LYS D 994 7.10 -23.03 -39.51
N HIS D 995 8.34 -22.64 -39.22
CA HIS D 995 9.05 -23.16 -38.07
C HIS D 995 8.86 -22.32 -36.81
N ILE D 996 8.03 -21.28 -36.86
CA ILE D 996 7.67 -20.54 -35.66
C ILE D 996 6.87 -21.44 -34.74
N ALA D 997 7.09 -21.31 -33.43
CA ALA D 997 6.62 -22.32 -32.48
C ALA D 997 5.10 -22.39 -32.43
N ASN D 998 4.45 -21.32 -31.98
CA ASN D 998 3.05 -21.39 -31.57
C ASN D 998 2.14 -20.52 -32.43
N TYR D 999 2.24 -19.19 -32.33
CA TYR D 999 1.28 -18.30 -32.96
C TYR D 999 1.87 -16.90 -33.00
N ILE D 1000 1.70 -16.22 -34.13
CA ILE D 1000 2.28 -14.90 -34.34
C ILE D 1000 1.33 -13.84 -33.80
N SER D 1001 1.77 -13.09 -32.80
CA SER D 1001 0.99 -12.01 -32.22
C SER D 1001 1.37 -10.64 -32.77
N GLY D 1002 2.64 -10.42 -33.07
CA GLY D 1002 3.08 -9.15 -33.62
C GLY D 1002 4.38 -9.32 -34.38
N ILE D 1003 4.65 -8.35 -35.24
CA ILE D 1003 5.87 -8.37 -36.05
C ILE D 1003 6.31 -6.93 -36.32
N GLN D 1004 7.57 -6.64 -36.04
CA GLN D 1004 8.19 -5.38 -36.39
C GLN D 1004 9.54 -5.67 -37.02
N THR D 1005 9.90 -4.86 -38.01
CA THR D 1005 11.08 -5.14 -38.82
C THR D 1005 11.92 -3.88 -38.97
N ILE D 1006 13.21 -3.99 -38.63
CA ILE D 1006 14.17 -3.08 -39.21
C ILE D 1006 14.32 -3.40 -40.70
N GLY D 1007 14.85 -2.44 -41.45
CA GLY D 1007 14.93 -2.55 -42.89
C GLY D 1007 15.42 -3.89 -43.43
N HIS D 1008 16.22 -4.60 -42.64
CA HIS D 1008 16.83 -5.85 -43.06
C HIS D 1008 16.32 -7.06 -42.29
N ARG D 1009 16.12 -6.95 -40.98
CA ARG D 1009 15.75 -8.08 -40.14
C ARG D 1009 14.26 -8.07 -39.83
N VAL D 1010 13.78 -9.19 -39.29
CA VAL D 1010 12.38 -9.38 -38.95
C VAL D 1010 12.31 -9.88 -37.51
N ILE D 1011 11.59 -9.15 -36.66
CA ILE D 1011 11.43 -9.49 -35.25
C ILE D 1011 10.01 -9.98 -35.05
N VAL D 1012 9.86 -11.28 -34.82
CA VAL D 1012 8.55 -11.92 -34.66
C VAL D 1012 8.26 -12.06 -33.17
N SER D 1013 7.00 -11.84 -32.79
CA SER D 1013 6.56 -11.99 -31.41
C SER D 1013 5.65 -13.20 -31.34
N ASP D 1014 6.17 -14.30 -30.78
CA ASP D 1014 5.35 -15.47 -30.53
C ASP D 1014 4.39 -15.21 -29.37
N VAL D 1015 3.25 -15.88 -29.40
CA VAL D 1015 2.26 -15.70 -28.35
C VAL D 1015 2.81 -16.18 -27.01
N GLN D 1016 3.71 -17.16 -27.03
CA GLN D 1016 4.19 -17.76 -25.78
C GLN D 1016 5.70 -17.89 -25.75
N GLU D 1017 6.34 -18.04 -26.91
CA GLU D 1017 7.77 -18.35 -26.98
C GLU D 1017 8.62 -17.13 -27.31
N SER D 1018 8.24 -15.96 -26.79
CA SER D 1018 9.08 -14.75 -26.80
C SER D 1018 9.38 -14.34 -28.26
N PHE D 1019 10.54 -13.76 -28.49
CA PHE D 1019 10.89 -13.15 -29.76
C PHE D 1019 11.72 -14.10 -30.61
N ILE D 1020 11.47 -14.06 -31.91
CA ILE D 1020 12.17 -14.88 -32.90
C ILE D 1020 12.79 -13.95 -33.93
N TRP D 1021 14.07 -14.14 -34.21
CA TRP D 1021 14.80 -13.34 -35.19
C TRP D 1021 14.82 -14.08 -36.52
N VAL D 1022 14.29 -13.43 -37.56
CA VAL D 1022 14.15 -14.04 -38.88
C VAL D 1022 14.78 -13.11 -39.92
N ARG D 1023 15.71 -13.64 -40.71
CA ARG D 1023 16.30 -12.92 -41.83
C ARG D 1023 15.61 -13.34 -43.12
N TYR D 1024 15.42 -12.38 -44.02
CA TYR D 1024 14.81 -12.62 -45.32
C TYR D 1024 15.90 -12.56 -46.39
N LYS D 1025 16.17 -13.70 -47.03
CA LYS D 1025 17.13 -13.76 -48.12
C LYS D 1025 16.50 -13.20 -49.38
N ARG D 1026 17.14 -12.18 -49.96
CA ARG D 1026 16.59 -11.50 -51.13
C ARG D 1026 16.68 -12.35 -52.38
N ASN D 1027 17.64 -13.28 -52.43
CA ASN D 1027 17.88 -14.02 -53.66
C ASN D 1027 16.82 -15.10 -53.89
N GLU D 1028 16.43 -15.82 -52.84
CA GLU D 1028 15.53 -16.96 -52.97
C GLU D 1028 14.14 -16.71 -52.41
N ASN D 1029 13.94 -15.63 -51.66
CA ASN D 1029 12.73 -15.41 -50.86
C ASN D 1029 12.56 -16.56 -49.86
N GLN D 1030 13.52 -16.62 -48.94
CA GLN D 1030 13.61 -17.70 -47.97
C GLN D 1030 13.81 -17.09 -46.59
N LEU D 1031 12.83 -17.25 -45.71
CA LEU D 1031 12.91 -16.73 -44.36
C LEU D 1031 13.67 -17.71 -43.48
N ILE D 1032 14.75 -17.24 -42.87
CA ILE D 1032 15.64 -18.06 -42.06
C ILE D 1032 15.62 -17.55 -40.63
N ILE D 1033 15.37 -18.45 -39.67
CA ILE D 1033 15.42 -18.12 -38.25
C ILE D 1033 16.88 -18.23 -37.80
N PHE D 1034 17.47 -17.10 -37.41
CA PHE D 1034 18.87 -17.08 -37.01
C PHE D 1034 19.08 -16.82 -35.52
N ALA D 1035 18.02 -16.62 -34.75
CA ALA D 1035 18.13 -16.42 -33.31
C ALA D 1035 16.75 -16.53 -32.69
N ASP D 1036 16.74 -16.82 -31.39
CA ASP D 1036 15.53 -16.85 -30.59
C ASP D 1036 15.89 -16.61 -29.14
N ASP D 1037 14.89 -16.65 -28.28
CA ASP D 1037 15.06 -16.35 -26.86
C ASP D 1037 15.21 -17.64 -26.06
N THR D 1038 15.90 -17.53 -24.93
CA THR D 1038 16.08 -18.65 -24.01
C THR D 1038 14.96 -18.78 -22.99
N TYR D 1039 14.08 -17.79 -22.90
CA TYR D 1039 12.96 -17.82 -21.97
C TYR D 1039 11.65 -17.71 -22.71
N PRO D 1040 10.59 -18.38 -22.23
CA PRO D 1040 9.26 -18.17 -22.81
C PRO D 1040 8.66 -16.86 -22.29
N ARG D 1041 8.08 -16.08 -23.21
CA ARG D 1041 7.49 -14.80 -22.85
C ARG D 1041 6.16 -14.64 -23.57
N TRP D 1042 5.09 -14.50 -22.79
CA TRP D 1042 3.76 -14.20 -23.34
C TRP D 1042 3.76 -12.74 -23.78
N VAL D 1043 4.26 -12.51 -24.99
CA VAL D 1043 4.49 -11.15 -25.46
C VAL D 1043 3.17 -10.48 -25.78
N THR D 1044 3.06 -9.20 -25.43
CA THR D 1044 1.92 -8.36 -25.78
C THR D 1044 2.27 -7.29 -26.80
N THR D 1045 3.42 -6.65 -26.67
CA THR D 1045 3.88 -5.65 -27.62
C THR D 1045 5.39 -5.54 -27.47
N ALA D 1046 6.00 -4.79 -28.40
CA ALA D 1046 7.44 -4.62 -28.38
C ALA D 1046 7.81 -3.41 -29.24
N SER D 1047 9.07 -3.02 -29.14
CA SER D 1047 9.63 -1.94 -29.95
C SER D 1047 11.13 -2.16 -30.05
N LEU D 1048 11.66 -1.94 -31.26
CA LEU D 1048 13.09 -2.13 -31.50
C LEU D 1048 13.84 -0.91 -31.01
N LEU D 1049 14.73 -1.12 -30.04
CA LEU D 1049 15.51 0.01 -29.53
C LEU D 1049 16.68 0.34 -30.45
N ASP D 1050 17.28 -0.67 -31.07
CA ASP D 1050 18.33 -0.48 -32.05
C ASP D 1050 18.37 -1.72 -32.94
N TYR D 1051 19.43 -1.84 -33.74
CA TYR D 1051 19.58 -2.96 -34.66
C TYR D 1051 19.72 -4.30 -33.96
N ASP D 1052 20.01 -4.31 -32.65
CA ASP D 1052 20.27 -5.55 -31.93
C ASP D 1052 19.41 -5.78 -30.70
N THR D 1053 18.68 -4.78 -30.22
CA THR D 1053 17.93 -4.89 -28.97
C THR D 1053 16.45 -4.65 -29.20
N VAL D 1054 15.62 -5.46 -28.54
CA VAL D 1054 14.17 -5.34 -28.58
C VAL D 1054 13.68 -5.19 -27.15
N ALA D 1055 12.77 -4.25 -26.93
CA ALA D 1055 12.09 -4.08 -25.65
C ALA D 1055 10.68 -4.65 -25.78
N GLY D 1056 10.34 -5.59 -24.90
CA GLY D 1056 9.09 -6.29 -25.00
C GLY D 1056 8.30 -6.26 -23.72
N ALA D 1057 6.98 -6.25 -23.87
CA ALA D 1057 6.04 -6.29 -22.75
C ALA D 1057 5.52 -7.71 -22.55
N ASP D 1058 4.79 -7.90 -21.45
CA ASP D 1058 4.40 -9.22 -21.00
C ASP D 1058 2.92 -9.22 -20.64
N LYS D 1059 2.24 -10.34 -20.92
CA LYS D 1059 0.85 -10.48 -20.51
C LYS D 1059 0.72 -10.41 -18.99
N PHE D 1060 1.74 -10.85 -18.26
CA PHE D 1060 1.72 -10.89 -16.81
C PHE D 1060 2.24 -9.60 -16.18
N GLY D 1061 2.37 -8.53 -16.96
CA GLY D 1061 2.76 -7.24 -16.42
C GLY D 1061 4.24 -7.00 -16.30
N ASN D 1062 5.06 -7.69 -17.08
CA ASN D 1062 6.50 -7.50 -17.04
C ASN D 1062 6.98 -6.76 -18.27
N ILE D 1063 8.21 -6.27 -18.19
CA ILE D 1063 8.91 -5.63 -19.31
C ILE D 1063 10.34 -6.15 -19.30
N CYS D 1064 10.85 -6.46 -20.50
CA CYS D 1064 12.21 -6.96 -20.63
C CYS D 1064 12.88 -6.25 -21.81
N VAL D 1065 14.20 -6.28 -21.81
CA VAL D 1065 15.00 -5.86 -22.96
C VAL D 1065 15.96 -6.99 -23.29
N VAL D 1066 15.87 -7.48 -24.52
CA VAL D 1066 16.68 -8.60 -25.01
C VAL D 1066 17.62 -8.09 -26.09
N ARG D 1067 18.89 -8.45 -25.99
CA ARG D 1067 19.92 -7.96 -26.89
C ARG D 1067 20.66 -9.12 -27.54
N LEU D 1068 20.85 -9.04 -28.85
CA LEU D 1068 21.67 -10.03 -29.54
C LEU D 1068 23.14 -9.79 -29.20
N PRO D 1069 23.91 -10.85 -28.95
CA PRO D 1069 25.34 -10.67 -28.78
C PRO D 1069 25.96 -10.10 -30.04
N PRO D 1070 27.04 -9.33 -29.92
CA PRO D 1070 27.60 -8.66 -31.11
C PRO D 1070 28.14 -9.62 -32.15
N ASN D 1071 28.39 -10.88 -31.77
CA ASN D 1071 28.97 -11.87 -32.67
C ASN D 1071 27.92 -12.65 -33.46
N THR D 1072 26.66 -12.23 -33.41
CA THR D 1072 25.62 -12.93 -34.13
C THR D 1072 25.83 -12.83 -35.63
N ASN D 1073 25.81 -13.99 -36.31
CA ASN D 1073 25.91 -14.04 -37.75
C ASN D 1073 24.50 -13.98 -38.33
N ASP D 1074 24.25 -12.97 -39.16
CA ASP D 1074 22.92 -12.80 -39.74
C ASP D 1074 22.65 -13.81 -40.84
N GLU D 1075 23.66 -14.18 -41.62
CA GLU D 1075 23.50 -15.06 -42.78
C GLU D 1075 23.80 -16.50 -42.36
N VAL D 1076 22.76 -17.24 -42.01
CA VAL D 1076 22.84 -18.66 -41.72
C VAL D 1076 21.70 -19.37 -42.44
N ASP D 1077 21.68 -20.69 -42.34
CA ASP D 1077 20.64 -21.50 -42.96
C ASP D 1077 20.61 -22.90 -42.34
N ASN D 1093 17.70 -24.59 -27.64
CA ASN D 1093 17.12 -25.83 -28.13
C ASN D 1093 16.41 -25.61 -29.46
N GLY D 1094 16.01 -24.36 -29.71
CA GLY D 1094 15.36 -24.00 -30.95
C GLY D 1094 16.34 -23.61 -32.04
N ALA D 1095 17.06 -22.52 -31.81
CA ALA D 1095 18.07 -22.03 -32.74
C ALA D 1095 19.46 -22.16 -32.12
N SER D 1096 20.48 -22.01 -32.97
CA SER D 1096 21.86 -22.15 -32.54
C SER D 1096 22.26 -21.02 -31.60
N GLN D 1097 22.40 -19.81 -32.14
CA GLN D 1097 22.80 -18.66 -31.34
C GLN D 1097 21.59 -18.07 -30.62
N LYS D 1098 21.73 -17.83 -29.32
CA LYS D 1098 20.66 -17.35 -28.48
C LYS D 1098 20.83 -15.86 -28.19
N ALA D 1099 19.73 -15.23 -27.79
CA ALA D 1099 19.71 -13.81 -27.45
C ALA D 1099 19.65 -13.67 -25.94
N GLU D 1100 20.55 -12.86 -25.38
CA GLU D 1100 20.64 -12.67 -23.94
C GLU D 1100 19.68 -11.58 -23.48
N VAL D 1101 19.06 -11.82 -22.33
CA VAL D 1101 18.12 -10.86 -21.73
C VAL D 1101 18.91 -9.92 -20.83
N ILE D 1102 19.04 -8.66 -21.25
CA ILE D 1102 19.79 -7.68 -20.49
C ILE D 1102 18.93 -6.86 -19.54
N MET D 1103 17.60 -6.97 -19.62
CA MET D 1103 16.77 -6.25 -18.67
C MET D 1103 15.51 -7.05 -18.35
N ASN D 1104 15.22 -7.18 -17.05
CA ASN D 1104 13.98 -7.73 -16.55
C ASN D 1104 13.42 -6.80 -15.48
N TYR D 1105 12.12 -6.52 -15.55
CA TYR D 1105 11.49 -5.66 -14.56
C TYR D 1105 9.99 -5.88 -14.57
N HIS D 1106 9.43 -6.19 -13.40
CA HIS D 1106 7.99 -6.37 -13.26
C HIS D 1106 7.34 -5.01 -12.98
N VAL D 1107 6.51 -4.54 -13.91
CA VAL D 1107 5.83 -3.27 -13.72
C VAL D 1107 4.69 -3.42 -12.71
N GLY D 1108 3.99 -4.55 -12.76
CA GLY D 1108 2.82 -4.76 -11.92
C GLY D 1108 1.51 -4.52 -12.64
N GLU D 1109 1.54 -3.89 -13.81
CA GLU D 1109 0.37 -3.67 -14.64
C GLU D 1109 0.71 -4.07 -16.07
N THR D 1110 -0.21 -4.75 -16.74
CA THR D 1110 0.07 -5.32 -18.05
C THR D 1110 0.28 -4.22 -19.08
N VAL D 1111 1.47 -4.19 -19.67
CA VAL D 1111 1.84 -3.17 -20.64
C VAL D 1111 1.39 -3.62 -22.03
N LEU D 1112 0.76 -2.71 -22.77
CA LEU D 1112 0.30 -3.01 -24.12
C LEU D 1112 0.86 -2.07 -25.18
N SER D 1113 1.76 -1.15 -24.82
CA SER D 1113 2.39 -0.29 -25.82
C SER D 1113 3.72 0.20 -25.28
N LEU D 1114 4.79 -0.04 -26.04
CA LEU D 1114 6.12 0.49 -25.77
C LEU D 1114 6.53 1.39 -26.91
N GLN D 1115 7.13 2.53 -26.58
CA GLN D 1115 7.54 3.49 -27.61
C GLN D 1115 8.70 4.33 -27.10
N LYS D 1116 9.79 4.34 -27.86
CA LYS D 1116 10.97 5.14 -27.53
C LYS D 1116 10.82 6.49 -28.21
N THR D 1117 10.59 7.54 -27.43
CA THR D 1117 10.34 8.86 -27.99
C THR D 1117 10.76 9.93 -26.99
N THR D 1118 10.86 11.16 -27.48
CA THR D 1118 11.17 12.32 -26.66
C THR D 1118 9.87 13.02 -26.27
N LEU D 1119 9.68 13.23 -24.97
CA LEU D 1119 8.41 13.78 -24.48
C LEU D 1119 8.32 15.28 -24.65
N ILE D 1120 9.43 16.01 -24.50
CA ILE D 1120 9.41 17.47 -24.58
C ILE D 1120 10.61 17.94 -25.38
N PRO D 1121 10.48 19.10 -26.03
CA PRO D 1121 11.61 19.63 -26.82
C PRO D 1121 12.80 19.95 -25.94
N GLY D 1122 13.97 19.45 -26.37
CA GLY D 1122 15.22 19.65 -25.68
C GLY D 1122 15.62 18.50 -24.78
N GLY D 1123 14.67 17.70 -24.32
CA GLY D 1123 14.96 16.57 -23.45
C GLY D 1123 15.60 15.41 -24.17
N SER D 1124 15.64 14.24 -23.52
CA SER D 1124 16.25 13.05 -24.09
C SER D 1124 15.19 11.99 -24.34
N GLU D 1125 15.54 11.01 -25.18
CA GLU D 1125 14.61 9.92 -25.48
C GLU D 1125 14.34 9.09 -24.23
N SER D 1126 13.09 8.66 -24.10
CA SER D 1126 12.69 7.78 -23.02
C SER D 1126 11.83 6.66 -23.58
N LEU D 1127 11.75 5.56 -22.83
CA LEU D 1127 10.95 4.40 -23.22
C LEU D 1127 9.59 4.53 -22.54
N VAL D 1128 8.69 5.27 -23.17
CA VAL D 1128 7.36 5.47 -22.62
C VAL D 1128 6.51 4.24 -22.90
N TYR D 1129 5.87 3.72 -21.86
CA TYR D 1129 4.95 2.60 -21.98
C TYR D 1129 3.58 3.01 -21.48
N THR D 1130 2.55 2.39 -22.04
CA THR D 1130 1.21 2.48 -21.51
C THR D 1130 0.85 1.14 -20.87
N THR D 1131 -0.26 1.12 -20.13
CA THR D 1131 -0.66 -0.11 -19.46
C THR D 1131 -2.17 -0.29 -19.57
N LEU D 1132 -2.60 -1.52 -19.26
CA LEU D 1132 -3.99 -1.92 -19.36
C LEU D 1132 -4.86 -1.31 -18.26
N SER D 1133 -4.26 -0.74 -17.22
CA SER D 1133 -4.99 -0.10 -16.15
C SER D 1133 -5.07 1.42 -16.34
N GLY D 1134 -4.86 1.91 -17.56
CA GLY D 1134 -4.97 3.33 -17.84
C GLY D 1134 -3.84 4.17 -17.27
N GLY D 1135 -2.64 3.62 -17.22
CA GLY D 1135 -1.50 4.32 -16.65
C GLY D 1135 -0.39 4.49 -17.67
N ILE D 1136 0.39 5.57 -17.50
CA ILE D 1136 1.49 5.92 -18.39
C ILE D 1136 2.76 5.96 -17.58
N GLY D 1137 3.80 5.27 -18.06
CA GLY D 1137 5.08 5.26 -17.39
C GLY D 1137 6.21 5.44 -18.38
N ILE D 1138 7.43 5.57 -17.83
CA ILE D 1138 8.63 5.76 -18.64
C ILE D 1138 9.77 4.96 -18.04
N LEU D 1139 10.64 4.46 -18.91
CA LEU D 1139 11.92 3.90 -18.54
C LEU D 1139 13.02 4.81 -19.07
N VAL D 1140 14.04 5.04 -18.24
CA VAL D 1140 14.99 6.13 -18.47
C VAL D 1140 16.42 5.64 -18.28
N PRO D 1141 17.32 5.87 -19.23
CA PRO D 1141 18.70 5.42 -19.07
C PRO D 1141 19.51 6.37 -18.21
N PHE D 1142 20.47 5.79 -17.48
CA PHE D 1142 21.40 6.58 -16.69
C PHE D 1142 22.54 7.07 -17.57
N THR D 1143 23.00 8.29 -17.30
CA THR D 1143 24.06 8.90 -18.09
C THR D 1143 25.46 8.62 -17.54
N SER D 1144 25.57 8.37 -16.24
CA SER D 1144 26.86 8.09 -15.62
C SER D 1144 26.69 7.01 -14.57
N HIS D 1145 27.81 6.31 -14.27
CA HIS D 1145 27.78 5.27 -13.27
C HIS D 1145 27.56 5.83 -11.87
N GLU D 1146 28.00 7.07 -11.63
CA GLU D 1146 27.80 7.69 -10.32
C GLU D 1146 26.32 7.84 -10.00
N ASP D 1147 25.52 8.27 -10.98
CA ASP D 1147 24.08 8.37 -10.77
C ASP D 1147 23.46 7.01 -10.54
N HIS D 1148 23.89 6.00 -11.31
CA HIS D 1148 23.36 4.65 -11.12
C HIS D 1148 23.61 4.15 -9.71
N ASP D 1149 24.85 4.29 -9.22
CA ASP D 1149 25.16 3.89 -7.85
C ASP D 1149 24.36 4.71 -6.84
N PHE D 1150 24.17 5.99 -7.11
CA PHE D 1150 23.41 6.85 -6.20
C PHE D 1150 21.98 6.38 -6.05
N PHE D 1151 21.23 6.37 -7.16
CA PHE D 1151 19.83 5.95 -7.10
C PHE D 1151 19.69 4.51 -6.65
N GLN D 1152 20.68 3.66 -6.95
CA GLN D 1152 20.62 2.27 -6.48
C GLN D 1152 20.71 2.22 -4.96
N HIS D 1153 21.64 2.97 -4.37
CA HIS D 1153 21.73 3.03 -2.92
C HIS D 1153 20.47 3.65 -2.31
N VAL D 1154 19.86 4.62 -3.00
CA VAL D 1154 18.58 5.15 -2.54
C VAL D 1154 17.53 4.03 -2.50
N GLU D 1155 17.51 3.19 -3.53
CA GLU D 1155 16.57 2.08 -3.56
C GLU D 1155 16.82 1.12 -2.39
N MET D 1156 18.08 0.76 -2.18
CA MET D 1156 18.40 -0.16 -1.08
C MET D 1156 17.99 0.43 0.27
N HIS D 1157 18.22 1.73 0.47
CA HIS D 1157 17.86 2.35 1.74
C HIS D 1157 16.35 2.40 1.93
N LEU D 1158 15.61 2.87 0.92
CA LEU D 1158 14.17 2.97 1.07
C LEU D 1158 13.48 1.63 1.12
N ARG D 1159 14.14 0.57 0.64
CA ARG D 1159 13.55 -0.77 0.76
C ARG D 1159 13.42 -1.20 2.21
N SER D 1160 14.35 -0.79 3.07
CA SER D 1160 14.31 -1.14 4.48
C SER D 1160 13.69 -0.04 5.35
N GLU D 1161 13.93 1.23 5.03
CA GLU D 1161 13.40 2.32 5.82
C GLU D 1161 11.96 2.68 5.44
N HIS D 1162 11.53 2.32 4.24
CA HIS D 1162 10.19 2.67 3.75
C HIS D 1162 9.59 1.47 3.03
N PRO D 1163 9.36 0.38 3.76
CA PRO D 1163 8.89 -0.85 3.11
C PRO D 1163 7.49 -0.69 2.56
N PRO D 1164 7.10 -1.50 1.58
CA PRO D 1164 5.75 -1.36 1.00
C PRO D 1164 4.66 -1.47 2.05
N LEU D 1165 3.55 -0.80 1.78
CA LEU D 1165 2.53 -0.58 2.80
C LEU D 1165 1.77 -1.86 3.16
N CYS D 1166 1.66 -2.81 2.23
CA CYS D 1166 0.87 -4.01 2.44
C CYS D 1166 1.76 -5.23 2.68
N GLY D 1167 2.83 -5.06 3.45
CA GLY D 1167 3.71 -6.15 3.83
C GLY D 1167 4.46 -6.81 2.70
N ARG D 1168 4.33 -6.33 1.47
CA ARG D 1168 5.05 -6.93 0.35
C ARG D 1168 6.53 -6.56 0.40
N ASP D 1169 7.36 -7.44 -0.17
CA ASP D 1169 8.78 -7.15 -0.33
C ASP D 1169 8.99 -6.47 -1.68
N HIS D 1170 9.62 -5.30 -1.68
CA HIS D 1170 9.77 -4.54 -2.90
C HIS D 1170 10.62 -5.29 -3.93
N LEU D 1171 11.80 -5.78 -3.52
CA LEU D 1171 12.66 -6.52 -4.44
C LEU D 1171 11.97 -7.77 -4.95
N SER D 1172 11.20 -8.44 -4.09
CA SER D 1172 10.46 -9.62 -4.54
C SER D 1172 9.32 -9.22 -5.48
N PHE D 1173 8.66 -8.10 -5.21
CA PHE D 1173 7.57 -7.65 -6.07
C PHE D 1173 8.08 -7.32 -7.47
N ARG D 1174 9.21 -6.62 -7.56
CA ARG D 1174 9.78 -6.31 -8.86
C ARG D 1174 10.47 -7.51 -9.49
N SER D 1175 10.76 -8.54 -8.71
CA SER D 1175 11.28 -9.82 -9.21
C SER D 1175 10.18 -10.87 -9.26
N TYR D 1176 8.98 -10.49 -9.68
CA TYR D 1176 7.83 -11.38 -9.62
C TYR D 1176 8.08 -12.67 -10.39
N TYR D 1177 8.30 -12.55 -11.70
CA TYR D 1177 8.52 -13.70 -12.56
C TYR D 1177 9.98 -13.89 -12.93
N PHE D 1178 10.70 -12.79 -13.18
CA PHE D 1178 12.13 -12.82 -13.44
C PHE D 1178 12.83 -11.87 -12.47
N PRO D 1179 14.01 -12.23 -11.98
CA PRO D 1179 14.74 -11.31 -11.10
C PRO D 1179 15.04 -9.99 -11.79
N VAL D 1180 15.00 -8.91 -11.00
CA VAL D 1180 15.26 -7.59 -11.54
C VAL D 1180 16.67 -7.56 -12.13
N LYS D 1181 16.79 -6.95 -13.32
CA LYS D 1181 18.07 -6.82 -13.99
C LYS D 1181 18.18 -5.40 -14.53
N ASN D 1182 18.92 -4.55 -13.80
CA ASN D 1182 19.32 -3.22 -14.27
C ASN D 1182 18.11 -2.27 -14.38
N VAL D 1183 17.28 -2.25 -13.34
CA VAL D 1183 16.22 -1.26 -13.22
C VAL D 1183 16.15 -0.78 -11.77
N ILE D 1184 15.98 0.53 -11.61
CA ILE D 1184 15.80 1.15 -10.29
C ILE D 1184 14.37 1.69 -10.25
N ASP D 1185 13.61 1.26 -9.24
CA ASP D 1185 12.21 1.68 -9.11
C ASP D 1185 12.18 3.13 -8.66
N GLY D 1186 11.92 4.04 -9.60
CA GLY D 1186 11.85 5.45 -9.27
C GLY D 1186 10.61 5.84 -8.50
N ASP D 1187 9.53 5.05 -8.63
CA ASP D 1187 8.35 5.31 -7.82
C ASP D 1187 8.65 5.08 -6.34
N LEU D 1188 9.49 4.08 -6.04
CA LEU D 1188 9.94 3.91 -4.68
C LEU D 1188 10.88 5.04 -4.26
N CYS D 1189 11.80 5.43 -5.14
CA CYS D 1189 12.78 6.45 -4.79
C CYS D 1189 12.11 7.79 -4.48
N GLU D 1190 11.10 8.17 -5.26
CA GLU D 1190 10.44 9.44 -5.04
C GLU D 1190 9.61 9.47 -3.76
N GLN D 1191 9.41 8.32 -3.11
CA GLN D 1191 8.80 8.32 -1.78
C GLN D 1191 9.76 8.79 -0.71
N PHE D 1192 11.01 9.10 -1.07
CA PHE D 1192 11.93 9.76 -0.14
C PHE D 1192 11.30 11.02 0.45
N ASN D 1193 10.54 11.75 -0.37
CA ASN D 1193 9.91 12.98 0.09
C ASN D 1193 8.78 12.73 1.07
N SER D 1194 8.27 11.51 1.14
CA SER D 1194 7.15 11.20 2.03
C SER D 1194 7.59 10.68 3.39
N MET D 1195 8.86 10.35 3.56
CA MET D 1195 9.33 9.82 4.84
C MET D 1195 9.34 10.91 5.90
N GLU D 1196 9.52 10.49 7.15
CA GLU D 1196 9.68 11.43 8.24
C GLU D 1196 11.03 12.14 8.11
N PRO D 1197 11.13 13.39 8.59
CA PRO D 1197 12.37 14.16 8.39
C PRO D 1197 13.60 13.47 8.98
N ASN D 1198 13.47 12.74 10.09
CA ASN D 1198 14.63 12.06 10.64
C ASN D 1198 15.11 10.95 9.72
N LYS D 1199 14.19 10.27 9.05
CA LYS D 1199 14.60 9.23 8.09
C LYS D 1199 15.25 9.85 6.86
N GLN D 1200 14.73 10.99 6.39
CA GLN D 1200 15.37 11.69 5.30
C GLN D 1200 16.79 12.14 5.69
N LYS D 1201 16.95 12.55 6.95
CA LYS D 1201 18.28 12.95 7.41
C LYS D 1201 19.22 11.77 7.51
N ASN D 1202 18.73 10.62 7.97
CA ASN D 1202 19.58 9.44 8.09
C ASN D 1202 19.99 8.92 6.72
N VAL D 1203 19.02 8.78 5.81
CA VAL D 1203 19.32 8.27 4.47
C VAL D 1203 20.22 9.24 3.72
N SER D 1204 19.92 10.54 3.79
CA SER D 1204 20.73 11.52 3.09
C SER D 1204 22.15 11.58 3.65
N GLU D 1205 22.28 11.59 4.98
CA GLU D 1205 23.61 11.62 5.59
C GLU D 1205 24.39 10.34 5.30
N GLU D 1206 23.69 9.21 5.12
CA GLU D 1206 24.39 7.99 4.72
C GLU D 1206 24.98 8.13 3.32
N LEU D 1207 24.33 8.91 2.45
CA LEU D 1207 24.84 9.21 1.12
C LEU D 1207 25.67 10.48 1.07
N ASP D 1208 26.01 11.05 2.23
CA ASP D 1208 26.79 12.28 2.32
C ASP D 1208 26.10 13.43 1.58
N ARG D 1209 24.79 13.56 1.81
CA ARG D 1209 23.98 14.61 1.21
C ARG D 1209 22.95 15.09 2.23
N THR D 1210 22.15 16.07 1.82
CA THR D 1210 21.03 16.57 2.59
C THR D 1210 19.72 16.20 1.90
N PRO D 1211 18.62 16.13 2.64
CA PRO D 1211 17.33 15.76 2.03
C PRO D 1211 16.97 16.63 0.83
N PRO D 1212 17.15 17.96 0.90
CA PRO D 1212 16.85 18.77 -0.30
C PRO D 1212 17.70 18.39 -1.50
N GLU D 1213 18.97 18.04 -1.28
CA GLU D 1213 19.82 17.61 -2.39
C GLU D 1213 19.30 16.33 -3.01
N VAL D 1214 18.90 15.36 -2.18
CA VAL D 1214 18.33 14.13 -2.70
C VAL D 1214 17.07 14.41 -3.50
N SER D 1215 16.19 15.28 -2.96
CA SER D 1215 14.95 15.60 -3.65
C SER D 1215 15.23 16.24 -5.01
N LYS D 1216 16.16 17.19 -5.06
CA LYS D 1216 16.47 17.83 -6.34
C LYS D 1216 17.07 16.85 -7.33
N LYS D 1217 17.99 15.99 -6.86
CA LYS D 1217 18.57 15.00 -7.77
C LYS D 1217 17.53 14.03 -8.28
N LEU D 1218 16.49 13.76 -7.48
CA LEU D 1218 15.36 12.98 -7.97
C LEU D 1218 14.54 13.77 -8.98
N GLU D 1219 14.43 15.09 -8.80
CA GLU D 1219 13.70 15.92 -9.77
C GLU D 1219 14.44 16.05 -11.08
N ASP D 1220 15.76 15.88 -11.09
CA ASP D 1220 16.55 16.08 -12.31
C ASP D 1220 16.13 15.09 -13.39
N ILE D 1221 15.78 13.86 -12.99
CA ILE D 1221 15.33 12.87 -13.98
C ILE D 1221 14.09 13.36 -14.70
N ARG D 1222 13.12 13.88 -13.94
CA ARG D 1222 11.92 14.44 -14.56
C ARG D 1222 12.23 15.67 -15.38
N THR D 1223 13.22 16.47 -14.97
CA THR D 1223 13.60 17.63 -15.76
C THR D 1223 14.20 17.21 -17.10
N ARG D 1224 14.91 16.08 -17.13
CA ARG D 1224 15.61 15.66 -18.34
C ARG D 1224 14.70 14.90 -19.29
N TYR D 1225 13.88 13.99 -18.76
CA TYR D 1225 13.09 13.09 -19.58
C TYR D 1225 11.58 13.33 -19.51
N ALA D 1226 11.11 14.05 -18.50
CA ALA D 1226 9.67 14.30 -18.37
C ALA D 1226 9.37 15.79 -18.35
N PHE D 1227 8.28 16.16 -17.70
CA PHE D 1227 7.81 17.54 -17.68
C PHE D 1227 8.29 18.23 -16.41
N ASP D 1228 8.99 19.35 -16.58
CA ASP D 1228 9.39 20.22 -15.47
C ASP D 1228 9.14 21.65 -15.90
N TYR D 1229 8.20 22.32 -15.24
CA TYR D 1229 7.79 23.67 -15.60
C TYR D 1229 8.34 24.72 -14.63
N LYS D 1230 9.36 24.37 -13.86
CA LYS D 1230 9.99 25.32 -12.94
C LYS D 1230 10.77 26.35 -13.76
N ASP D 1231 10.40 27.62 -13.62
CA ASP D 1231 11.05 28.73 -14.32
C ASP D 1231 11.87 29.51 -13.31
N ASP D 1232 12.98 28.91 -12.87
CA ASP D 1232 13.93 29.51 -11.91
C ASP D 1232 13.31 30.46 -10.88
#